data_8HCY
#
_entry.id   8HCY
#
_cell.length_a   92.361
_cell.length_b   112.615
_cell.length_c   125.795
_cell.angle_alpha   90.000
_cell.angle_beta   108.143
_cell.angle_gamma   90.000
#
_symmetry.space_group_name_H-M   'P 1 21 1'
#
loop_
_entity.id
_entity.type
_entity.pdbx_description
1 polymer 'Dot/Icm secretion system substrate'
2 water water
#
_entity_poly.entity_id   1
_entity_poly.type   'polypeptide(L)'
_entity_poly.pdbx_seq_one_letter_code
;MKEQQKAIFIENIKSTCAVDEQMAKELADSLLEIHQLNTGVNEQTLINEVFLTKFALYLKIGKEVALDWVRKNKDLDTPF
PSNTVENQPAQDAKKPVENKVQVYGAMTVGSSPVNKTLNRLTNDLLKEVVERGKTQKAQKLRAYIFDQLARRLEASLSQE
QINDLYNRIRGTGDYTKSESFSEEQLKILKEKVVPELKRELSDLSNGNVNILGLDVSREDKYAFDTTNIFSVWFSNNPAV
YMPQHVKTQVEKTAKLNQPGKTRIVFSSLCLNETAQIDFQQWAKENNIELVDIDSIDLKSVSETDAQLLNLAKDELGAMR
KGKGGNPAAASDLVRWVDVIIGESSTYIDIDLPMNDKKVTVEVHSGFPVLLNMGSALTKDGQQPAMENPAFNTDMIAYSK
DKEARRQIIEGVAKKIIARYENCAKYIEESKNEELVRLKNSPGYKLFVEKTDGKFDLCTLRAAVSEAHQDALSFATFFGA
EYFAKTFATQELIPVIKEAIQHQNQDLLTSVIENHIEKQHLNDYPKTPDGIKKLLKSFQGIVYKPLVMEFSGPSAVSSSW
VEAISGRSIPRNFEYLAEPMSQPLRVLQHYACVSGKANFSSDNIPKWCELQSDVEKRQQQREDGLSWLPDAQEKLKREGQ
QAKLEEEQRIKLEEEQRIKLEEEQRIKLEEEQRIKLEEEQRIKLEEEQRIKLEEEQRIKLEEEQRIKLEEEQRIKLEEEH
KSKKYFAQSDAIDLILNNFENEINSIGAYYAPAKQRAIELLDTLRKYKEEAFNDPSREKLISFAQSTKRAIQEATPILQK
DLGWGDYLTNLAKQLVNAVTFAVAYAVTFGTTGHQGFFALKSSLAVSQSQNLEGAINSELSQKNC
;
_entity_poly.pdbx_strand_id   C,A,B,D
#
# COMPACT_ATOMS: atom_id res chain seq x y z
N SER A 112 -40.95 11.47 -42.01
CA SER A 112 -40.99 12.87 -41.57
C SER A 112 -40.54 13.79 -42.72
N PRO A 113 -41.40 14.75 -43.09
CA PRO A 113 -41.05 15.66 -44.20
C PRO A 113 -39.68 16.31 -44.09
N VAL A 114 -39.32 16.83 -42.92
CA VAL A 114 -38.00 17.44 -42.75
C VAL A 114 -36.90 16.42 -42.97
N ASN A 115 -37.12 15.19 -42.50
CA ASN A 115 -36.14 14.12 -42.71
C ASN A 115 -35.95 13.85 -44.20
N LYS A 116 -37.04 13.75 -44.95
CA LYS A 116 -36.94 13.46 -46.37
C LYS A 116 -36.18 14.55 -47.11
N THR A 117 -36.45 15.83 -46.79
CA THR A 117 -35.72 16.92 -47.42
C THR A 117 -34.23 16.84 -47.10
N LEU A 118 -33.89 16.67 -45.81
CA LEU A 118 -32.48 16.56 -45.43
C LEU A 118 -31.82 15.40 -46.14
N ASN A 119 -32.55 14.28 -46.24
CA ASN A 119 -32.00 13.11 -46.93
C ASN A 119 -31.78 13.35 -48.41
N ARG A 120 -32.76 13.91 -49.13
CA ARG A 120 -32.55 14.09 -50.57
C ARG A 120 -31.58 15.25 -50.82
N LEU A 121 -31.53 16.21 -49.91
CA LEU A 121 -30.49 17.25 -50.01
C LEU A 121 -29.12 16.63 -49.80
N THR A 122 -28.96 15.83 -48.74
CA THR A 122 -27.73 15.08 -48.50
C THR A 122 -27.29 14.31 -49.73
N ASN A 123 -28.23 13.57 -50.32
CA ASN A 123 -27.90 12.71 -51.46
C ASN A 123 -27.44 13.55 -52.66
N ASP A 124 -28.08 14.69 -52.91
CA ASP A 124 -27.63 15.58 -53.98
C ASP A 124 -26.19 16.01 -53.75
N LEU A 125 -25.86 16.42 -52.51
CA LEU A 125 -24.52 16.88 -52.21
C LEU A 125 -23.50 15.76 -52.33
N LEU A 126 -23.87 14.56 -51.86
CA LEU A 126 -22.97 13.41 -51.93
C LEU A 126 -22.58 13.10 -53.37
N LYS A 127 -23.56 13.05 -54.27
CA LYS A 127 -23.28 12.77 -55.67
C LYS A 127 -22.36 13.82 -56.30
N GLU A 128 -22.21 14.98 -55.71
CA GLU A 128 -21.40 16.05 -56.35
C GLU A 128 -19.97 16.08 -55.80
N VAL A 129 -19.71 15.45 -54.66
CA VAL A 129 -18.38 15.53 -53.99
C VAL A 129 -17.75 14.14 -53.93
N VAL A 130 -18.48 13.14 -54.41
CA VAL A 130 -17.97 11.75 -54.34
C VAL A 130 -17.51 11.30 -55.72
N GLU A 131 -16.41 10.56 -55.78
CA GLU A 131 -15.92 9.97 -57.04
C GLU A 131 -17.08 9.29 -57.79
N ARG A 132 -17.10 9.46 -59.10
CA ARG A 132 -18.17 8.87 -59.94
C ARG A 132 -18.15 7.35 -59.87
N GLY A 133 -19.29 6.74 -59.57
CA GLY A 133 -19.39 5.27 -59.44
C GLY A 133 -19.20 4.79 -58.02
N LYS A 134 -18.79 5.65 -57.08
CA LYS A 134 -18.43 5.20 -55.70
C LYS A 134 -19.33 5.82 -54.63
N THR A 135 -20.54 6.27 -54.98
CA THR A 135 -21.49 6.90 -54.04
C THR A 135 -22.03 5.87 -53.07
N GLN A 136 -22.17 4.62 -53.52
CA GLN A 136 -22.67 3.54 -52.66
C GLN A 136 -21.55 2.94 -51.82
N LYS A 137 -20.40 3.59 -51.76
CA LYS A 137 -19.27 3.16 -50.88
C LYS A 137 -19.08 4.29 -49.89
N ALA A 138 -19.89 5.32 -49.98
CA ALA A 138 -19.68 6.53 -49.21
C ALA A 138 -20.81 6.70 -48.20
N GLN A 139 -21.25 5.59 -47.62
CA GLN A 139 -22.29 5.64 -46.61
C GLN A 139 -21.87 6.46 -45.40
N LYS A 140 -20.56 6.50 -45.10
CA LYS A 140 -20.08 7.29 -43.98
C LYS A 140 -20.15 8.78 -44.30
N LEU A 141 -19.72 9.18 -45.50
CA LEU A 141 -19.86 10.57 -45.91
C LEU A 141 -21.33 10.98 -45.93
N ARG A 142 -22.22 10.07 -46.37
CA ARG A 142 -23.65 10.37 -46.34
C ARG A 142 -24.12 10.67 -44.91
N ALA A 143 -23.68 9.86 -43.95
CA ALA A 143 -24.05 10.13 -42.56
C ALA A 143 -23.44 11.44 -42.08
N TYR A 144 -22.23 11.74 -42.55
CA TYR A 144 -21.56 12.97 -42.14
C TYR A 144 -22.24 14.20 -42.72
N ILE A 145 -22.63 14.13 -43.99
CA ILE A 145 -23.30 15.27 -44.62
C ILE A 145 -24.65 15.52 -43.96
N PHE A 146 -25.43 14.46 -43.75
CA PHE A 146 -26.71 14.61 -43.08
C PHE A 146 -26.54 15.24 -41.70
N ASP A 147 -25.62 14.71 -40.90
CA ASP A 147 -25.39 15.25 -39.56
C ASP A 147 -24.96 16.71 -39.62
N GLN A 148 -24.08 17.05 -40.56
CA GLN A 148 -23.60 18.43 -40.65
C GLN A 148 -24.70 19.36 -41.13
N LEU A 149 -25.47 18.94 -42.14
CA LEU A 149 -26.57 19.78 -42.63
C LEU A 149 -27.52 20.13 -41.51
N ALA A 150 -27.82 19.17 -40.62
CA ALA A 150 -28.73 19.42 -39.53
C ALA A 150 -28.15 20.39 -38.50
N ARG A 151 -26.90 20.15 -38.08
CA ARG A 151 -26.30 21.00 -37.05
C ARG A 151 -26.08 22.41 -37.57
N ARG A 152 -25.52 22.53 -38.77
CA ARG A 152 -25.19 23.84 -39.32
C ARG A 152 -26.44 24.66 -39.61
N LEU A 153 -27.55 24.01 -39.99
CA LEU A 153 -28.79 24.75 -40.19
C LEU A 153 -29.31 25.33 -38.89
N GLU A 154 -29.50 24.49 -37.87
CA GLU A 154 -29.97 24.98 -36.58
C GLU A 154 -29.06 26.08 -36.06
N ALA A 155 -27.75 25.95 -36.26
CA ALA A 155 -26.79 26.96 -35.84
C ALA A 155 -26.91 28.24 -36.64
N SER A 156 -27.65 28.23 -37.74
CA SER A 156 -27.81 29.40 -38.61
C SER A 156 -29.16 30.08 -38.44
N LEU A 157 -30.08 29.48 -37.70
CA LEU A 157 -31.43 30.03 -37.55
C LEU A 157 -31.50 30.92 -36.32
N SER A 158 -32.49 31.82 -36.37
CA SER A 158 -32.79 32.67 -35.19
C SER A 158 -33.55 31.80 -34.20
N GLN A 159 -33.67 32.20 -32.93
CA GLN A 159 -34.50 31.41 -31.98
C GLN A 159 -35.91 31.28 -32.53
N GLU A 160 -36.45 32.36 -33.07
CA GLU A 160 -37.83 32.34 -33.63
C GLU A 160 -37.93 31.29 -34.73
N GLN A 161 -36.91 31.18 -35.60
CA GLN A 161 -36.90 30.22 -36.73
C GLN A 161 -36.70 28.81 -36.19
N ILE A 162 -35.87 28.66 -35.16
CA ILE A 162 -35.64 27.33 -34.50
C ILE A 162 -36.98 26.87 -33.93
N ASN A 163 -37.78 27.79 -33.39
CA ASN A 163 -39.04 27.43 -32.71
C ASN A 163 -40.09 27.03 -33.74
N ASP A 164 -40.03 27.61 -34.93
CA ASP A 164 -40.98 27.29 -36.03
C ASP A 164 -40.68 25.88 -36.53
N LEU A 165 -39.41 25.57 -36.72
CA LEU A 165 -38.99 24.21 -37.17
C LEU A 165 -39.45 23.16 -36.15
N TYR A 166 -39.32 23.43 -34.86
CA TYR A 166 -39.79 22.48 -33.81
C TYR A 166 -41.29 22.24 -34.00
N ASN A 167 -42.06 23.30 -34.26
CA ASN A 167 -43.52 23.17 -34.47
C ASN A 167 -43.79 22.44 -35.78
N ARG A 168 -42.99 22.68 -36.80
CA ARG A 168 -43.14 21.99 -38.12
C ARG A 168 -42.87 20.49 -37.98
N ILE A 169 -41.86 20.08 -37.21
CA ILE A 169 -41.50 18.64 -37.06
C ILE A 169 -42.54 17.96 -36.17
N ARG A 170 -42.99 18.64 -35.12
CA ARG A 170 -43.99 18.05 -34.20
C ARG A 170 -45.39 18.14 -34.82
N GLY A 171 -45.62 19.05 -35.76
CA GLY A 171 -46.97 19.25 -36.32
C GLY A 171 -47.79 19.94 -35.27
N THR A 172 -47.24 21.02 -34.74
CA THR A 172 -47.87 21.70 -33.61
C THR A 172 -47.91 23.20 -33.92
N GLY A 173 -48.61 23.97 -33.11
CA GLY A 173 -48.67 25.44 -33.28
C GLY A 173 -49.51 25.86 -34.46
N ASP A 174 -48.89 26.46 -35.46
CA ASP A 174 -49.60 26.86 -36.71
C ASP A 174 -49.66 25.66 -37.64
N TYR A 175 -49.20 24.50 -37.20
CA TYR A 175 -49.11 23.31 -38.09
C TYR A 175 -50.07 22.24 -37.58
N THR A 176 -50.54 21.37 -38.47
CA THR A 176 -51.56 20.39 -38.09
C THR A 176 -50.94 19.02 -38.20
N LYS A 177 -50.01 18.88 -39.12
CA LYS A 177 -49.27 17.64 -39.31
C LYS A 177 -47.81 18.04 -39.48
N SER A 178 -46.91 17.07 -39.35
CA SER A 178 -45.51 17.39 -39.51
C SER A 178 -45.24 17.91 -40.92
N GLU A 179 -44.65 19.08 -41.02
CA GLU A 179 -44.38 19.75 -42.29
C GLU A 179 -42.89 19.82 -42.53
N SER A 180 -42.52 20.18 -43.75
CA SER A 180 -41.12 20.40 -44.08
C SER A 180 -40.73 21.85 -43.74
N PHE A 181 -39.54 22.26 -44.16
CA PHE A 181 -38.98 23.54 -43.74
C PHE A 181 -39.79 24.71 -44.28
N SER A 182 -39.82 25.79 -43.51
CA SER A 182 -40.27 27.06 -44.06
C SER A 182 -39.33 27.48 -45.17
N GLU A 183 -39.85 28.28 -46.11
CA GLU A 183 -39.04 28.66 -47.27
C GLU A 183 -37.78 29.41 -46.86
N GLU A 184 -37.89 30.28 -45.87
CA GLU A 184 -36.70 31.01 -45.43
C GLU A 184 -35.70 30.08 -44.76
N GLN A 185 -36.18 29.01 -44.13
CA GLN A 185 -35.27 27.99 -43.63
C GLN A 185 -34.62 27.24 -44.79
N LEU A 186 -35.41 26.91 -45.81
CA LEU A 186 -34.88 26.18 -46.96
C LEU A 186 -33.83 27.02 -47.68
N LYS A 187 -34.01 28.35 -47.74
CA LYS A 187 -33.02 29.20 -48.39
C LYS A 187 -31.71 29.20 -47.62
N ILE A 188 -31.78 29.32 -46.31
CA ILE A 188 -30.56 29.26 -45.49
C ILE A 188 -29.85 27.94 -45.70
N LEU A 189 -30.61 26.85 -45.74
CA LEU A 189 -30.05 25.54 -46.05
C LEU A 189 -29.39 25.52 -47.42
N LYS A 190 -30.16 25.83 -48.47
CA LYS A 190 -29.70 25.63 -49.83
C LYS A 190 -28.58 26.61 -50.23
N GLU A 191 -28.57 27.81 -49.65
CA GLU A 191 -27.69 28.87 -50.13
C GLU A 191 -26.51 29.17 -49.22
N LYS A 192 -26.64 28.91 -47.92
CA LYS A 192 -25.54 29.11 -46.97
C LYS A 192 -24.91 27.78 -46.56
N VAL A 193 -25.73 26.87 -46.05
CA VAL A 193 -25.21 25.64 -45.43
C VAL A 193 -24.66 24.71 -46.51
N VAL A 194 -25.50 24.29 -47.45
CA VAL A 194 -25.07 23.37 -48.50
C VAL A 194 -23.87 23.88 -49.29
N PRO A 195 -23.84 25.14 -49.75
CA PRO A 195 -22.65 25.60 -50.49
C PRO A 195 -21.36 25.60 -49.67
N GLU A 196 -21.41 25.90 -48.37
CA GLU A 196 -20.17 25.86 -47.55
C GLU A 196 -19.65 24.42 -47.40
N LEU A 197 -20.54 23.49 -47.11
CA LEU A 197 -20.14 22.08 -46.93
C LEU A 197 -19.63 21.54 -48.26
N LYS A 198 -20.22 21.95 -49.38
CA LYS A 198 -19.70 21.54 -50.72
C LYS A 198 -18.28 22.06 -50.88
N ARG A 199 -18.07 23.34 -50.61
CA ARG A 199 -16.72 23.93 -50.73
C ARG A 199 -15.74 23.08 -49.92
N GLU A 200 -16.13 22.60 -48.75
CA GLU A 200 -15.16 21.98 -47.83
C GLU A 200 -14.76 20.63 -48.43
N LEU A 201 -15.67 19.97 -49.13
CA LEU A 201 -15.55 18.55 -49.52
C LEU A 201 -14.86 18.56 -50.87
N SER A 202 -15.06 19.59 -51.67
CA SER A 202 -14.90 19.56 -53.15
C SER A 202 -14.15 20.75 -53.77
N ASP A 203 -13.97 21.87 -53.06
CA ASP A 203 -13.29 23.05 -53.66
C ASP A 203 -11.77 23.06 -53.45
N LEU A 204 -11.02 23.11 -54.55
CA LEU A 204 -9.53 23.20 -54.46
C LEU A 204 -9.16 24.39 -53.57
N SER A 205 -9.96 25.46 -53.54
CA SER A 205 -9.52 26.58 -52.72
C SER A 205 -9.44 26.20 -51.24
N ASN A 206 -10.35 25.33 -50.78
CA ASN A 206 -10.32 24.91 -49.38
C ASN A 206 -9.10 24.07 -49.07
N GLY A 207 -8.44 23.50 -50.08
CA GLY A 207 -7.24 22.73 -49.86
C GLY A 207 -5.96 23.51 -49.95
N ASN A 208 -6.04 24.78 -50.31
CA ASN A 208 -4.86 25.63 -50.33
C ASN A 208 -4.26 25.68 -48.93
N VAL A 209 -2.96 25.48 -48.85
CA VAL A 209 -2.22 25.58 -47.60
C VAL A 209 -1.14 26.62 -47.82
N ASN A 210 -1.11 27.64 -46.97
CA ASN A 210 -0.09 28.68 -47.03
C ASN A 210 0.68 28.65 -45.72
N ILE A 211 1.96 28.29 -45.82
CA ILE A 211 2.85 28.19 -44.67
C ILE A 211 3.89 29.30 -44.77
N LEU A 212 4.03 30.07 -43.69
CA LEU A 212 5.00 31.16 -43.60
C LEU A 212 5.02 32.00 -44.88
N GLY A 213 3.83 32.32 -45.37
CA GLY A 213 3.69 33.21 -46.52
C GLY A 213 3.87 32.57 -47.87
N LEU A 214 3.92 31.24 -47.95
CA LEU A 214 4.15 30.56 -49.23
C LEU A 214 3.14 29.45 -49.42
N ASP A 215 2.52 29.42 -50.60
CA ASP A 215 1.55 28.38 -50.93
C ASP A 215 2.25 27.04 -51.14
N VAL A 216 1.54 25.97 -50.81
CA VAL A 216 1.95 24.62 -51.22
C VAL A 216 1.45 24.38 -52.65
N SER A 217 2.38 24.24 -53.59
CA SER A 217 2.00 23.92 -54.96
C SER A 217 1.54 22.47 -55.04
N ARG A 218 0.46 22.24 -55.79
CA ARG A 218 0.05 20.88 -56.16
C ARG A 218 0.78 20.41 -57.40
N GLU A 219 2.04 20.82 -57.54
CA GLU A 219 2.87 20.50 -58.68
C GLU A 219 4.23 20.05 -58.19
N ASP A 220 5.02 19.51 -59.10
CA ASP A 220 6.40 19.16 -58.79
C ASP A 220 7.28 20.40 -59.06
N LYS A 221 7.06 21.42 -58.24
CA LYS A 221 7.65 22.74 -58.46
C LYS A 221 9.08 22.86 -57.94
N TYR A 222 9.43 22.15 -56.86
CA TYR A 222 10.71 22.37 -56.18
C TYR A 222 11.54 21.09 -56.22
N ALA A 223 12.82 21.23 -56.60
CA ALA A 223 13.72 20.11 -56.72
C ALA A 223 14.46 19.83 -55.41
N PHE A 224 14.84 18.57 -55.21
CA PHE A 224 15.55 18.13 -54.01
C PHE A 224 16.65 17.15 -54.39
N ASP A 225 17.86 17.39 -53.89
CA ASP A 225 18.93 16.40 -53.94
C ASP A 225 18.71 15.40 -52.79
N THR A 226 18.35 14.16 -53.14
CA THR A 226 18.09 13.14 -52.13
C THR A 226 19.35 12.48 -51.60
N THR A 227 20.52 12.77 -52.18
CA THR A 227 21.74 12.05 -51.86
C THR A 227 22.67 12.81 -50.92
N ASN A 228 22.49 14.12 -50.78
CA ASN A 228 23.32 14.92 -49.86
C ASN A 228 22.61 14.94 -48.50
N ILE A 229 23.20 14.25 -47.53
CA ILE A 229 22.61 14.05 -46.21
C ILE A 229 23.47 14.75 -45.17
N PHE A 230 22.85 15.27 -44.12
CA PHE A 230 23.62 15.79 -43.00
C PHE A 230 22.90 15.53 -41.68
N SER A 231 23.69 15.35 -40.63
CA SER A 231 23.21 15.20 -39.26
C SER A 231 24.01 16.11 -38.34
N VAL A 232 23.62 16.16 -37.07
CA VAL A 232 24.23 17.04 -36.08
C VAL A 232 24.60 16.22 -34.85
N TRP A 233 25.85 16.34 -34.39
CA TRP A 233 26.25 15.78 -33.10
C TRP A 233 27.11 16.76 -32.32
N PHE A 234 26.53 17.37 -31.29
CA PHE A 234 27.26 18.19 -30.32
C PHE A 234 27.53 17.36 -29.07
N SER A 235 28.81 17.11 -28.80
CA SER A 235 29.17 16.31 -27.63
C SER A 235 29.07 17.10 -26.33
N ASN A 236 28.56 16.44 -25.29
CA ASN A 236 28.53 16.96 -23.93
C ASN A 236 29.75 16.55 -23.11
N ASN A 237 30.71 15.85 -23.70
CA ASN A 237 31.93 15.44 -23.00
C ASN A 237 33.13 15.83 -23.86
N PRO A 238 33.93 16.81 -23.44
CA PRO A 238 35.04 17.27 -24.29
C PRO A 238 36.03 16.17 -24.68
N ALA A 239 36.08 15.05 -23.95
CA ALA A 239 36.99 13.97 -24.29
C ALA A 239 36.42 13.04 -25.35
N VAL A 240 35.10 12.92 -25.42
CA VAL A 240 34.43 12.06 -26.41
C VAL A 240 33.86 12.96 -27.50
N TYR A 241 34.26 12.73 -28.74
CA TYR A 241 33.70 13.51 -29.84
C TYR A 241 32.40 12.94 -30.35
N MET A 242 32.19 11.63 -30.18
CA MET A 242 30.97 10.96 -30.61
C MET A 242 30.93 9.56 -30.00
N PRO A 243 29.84 9.20 -29.31
CA PRO A 243 29.75 7.84 -28.77
C PRO A 243 29.87 6.80 -29.87
N GLN A 244 30.47 5.66 -29.52
CA GLN A 244 30.68 4.60 -30.50
C GLN A 244 29.36 4.11 -31.06
N HIS A 245 28.30 4.11 -30.26
CA HIS A 245 26.99 3.69 -30.75
C HIS A 245 26.54 4.60 -31.89
N VAL A 246 26.71 5.90 -31.72
CA VAL A 246 26.35 6.85 -32.77
C VAL A 246 27.31 6.70 -33.95
N LYS A 247 28.59 6.44 -33.68
CA LYS A 247 29.58 6.30 -34.75
C LYS A 247 29.21 5.19 -35.70
N THR A 248 28.77 4.05 -35.17
CA THR A 248 28.41 2.92 -36.03
C THR A 248 27.20 3.26 -36.89
N GLN A 249 26.26 4.04 -36.35
CA GLN A 249 25.12 4.47 -37.13
C GLN A 249 25.55 5.33 -38.31
N VAL A 250 26.39 6.34 -38.05
CA VAL A 250 26.86 7.23 -39.11
C VAL A 250 27.69 6.46 -40.13
N GLU A 251 28.64 5.66 -39.65
CA GLU A 251 29.48 4.85 -40.52
C GLU A 251 28.64 4.03 -41.49
N LYS A 252 27.62 3.34 -40.97
CA LYS A 252 26.77 2.51 -41.80
C LYS A 252 25.97 3.36 -42.78
N THR A 253 25.48 4.51 -42.32
CA THR A 253 24.70 5.39 -43.20
C THR A 253 25.59 5.98 -44.29
N ALA A 254 26.81 6.39 -43.93
CA ALA A 254 27.73 6.96 -44.91
C ALA A 254 28.05 5.96 -46.03
N LYS A 255 28.28 4.70 -45.66
CA LYS A 255 28.60 3.69 -46.68
C LYS A 255 27.40 3.40 -47.56
N LEU A 256 26.22 3.47 -46.98
CA LEU A 256 25.02 3.15 -47.77
C LEU A 256 24.58 4.39 -48.56
N ASN A 257 24.96 5.60 -48.13
CA ASN A 257 24.65 6.83 -48.91
C ASN A 257 25.76 7.07 -49.91
N GLN A 258 26.17 6.01 -50.59
CA GLN A 258 27.17 6.16 -51.65
C GLN A 258 26.46 5.78 -52.94
N PRO A 259 26.35 6.70 -53.91
CA PRO A 259 27.43 7.65 -54.16
C PRO A 259 27.41 9.04 -53.52
N GLY A 260 26.36 9.42 -52.77
CA GLY A 260 26.21 10.80 -52.27
C GLY A 260 27.12 11.30 -51.17
N LYS A 261 26.80 12.47 -50.63
CA LYS A 261 27.61 13.10 -49.56
C LYS A 261 26.92 12.95 -48.21
N THR A 262 27.70 12.77 -47.15
CA THR A 262 27.21 12.67 -45.78
C THR A 262 27.99 13.62 -44.87
N ARG A 263 27.29 14.57 -44.26
CA ARG A 263 27.92 15.59 -43.43
C ARG A 263 27.46 15.47 -41.99
N ILE A 264 28.30 15.93 -41.06
CA ILE A 264 27.98 15.95 -39.64
C ILE A 264 28.36 17.32 -39.08
N VAL A 265 27.39 17.98 -38.44
CA VAL A 265 27.60 19.27 -37.82
C VAL A 265 28.07 19.06 -36.39
N PHE A 266 29.17 19.73 -36.01
CA PHE A 266 29.71 19.61 -34.66
C PHE A 266 30.22 20.98 -34.23
N SER A 267 30.73 21.04 -32.99
CA SER A 267 31.26 22.27 -32.41
C SER A 267 32.60 21.96 -31.77
N SER A 268 33.68 22.48 -32.35
CA SER A 268 35.01 22.19 -31.85
C SER A 268 35.25 22.78 -30.46
N LEU A 269 34.53 23.86 -30.13
CA LEU A 269 34.70 24.53 -28.80
C LEU A 269 34.10 23.63 -27.74
N CYS A 270 33.47 22.55 -28.17
CA CYS A 270 32.87 21.58 -27.22
C CYS A 270 33.77 20.35 -27.12
N LEU A 271 34.92 20.36 -27.78
CA LEU A 271 35.83 19.19 -27.81
C LEU A 271 37.27 19.56 -27.44
N ASN A 272 38.06 18.58 -27.01
CA ASN A 272 39.50 18.78 -26.70
C ASN A 272 40.28 18.59 -27.99
N GLU A 273 41.51 19.09 -28.03
CA GLU A 273 42.37 18.95 -29.23
C GLU A 273 42.45 17.47 -29.64
N THR A 274 42.62 16.56 -28.69
CA THR A 274 42.67 15.11 -28.96
C THR A 274 41.38 14.66 -29.63
N ALA A 275 40.23 14.95 -29.03
CA ALA A 275 38.91 14.58 -29.61
C ALA A 275 38.73 15.20 -31.00
N GLN A 276 39.15 16.46 -31.17
CA GLN A 276 39.01 17.16 -32.47
C GLN A 276 39.80 16.43 -33.55
N ILE A 277 41.05 16.06 -33.29
CA ILE A 277 41.93 15.41 -34.31
C ILE A 277 41.37 14.03 -34.63
N ASP A 278 40.90 13.34 -33.61
CA ASP A 278 40.40 11.96 -33.79
C ASP A 278 39.08 11.97 -34.55
N PHE A 279 38.29 13.03 -34.44
CA PHE A 279 37.02 13.15 -35.20
C PHE A 279 37.39 13.40 -36.65
N GLN A 280 38.27 14.36 -36.87
CA GLN A 280 38.71 14.65 -38.25
C GLN A 280 39.25 13.37 -38.85
N GLN A 281 40.04 12.62 -38.08
CA GLN A 281 40.61 11.38 -38.59
C GLN A 281 39.53 10.35 -38.88
N TRP A 282 38.63 10.11 -37.93
CA TRP A 282 37.51 9.16 -38.15
C TRP A 282 36.73 9.53 -39.43
N ALA A 283 36.55 10.82 -39.70
CA ALA A 283 35.72 11.27 -40.83
C ALA A 283 36.37 11.03 -42.18
N LYS A 284 37.65 11.38 -42.32
CA LYS A 284 38.39 11.18 -43.59
C LYS A 284 38.34 9.72 -43.93
N GLU A 285 38.43 8.87 -42.91
CA GLU A 285 38.42 7.41 -43.11
C GLU A 285 37.02 6.91 -43.42
N ASN A 286 35.98 7.71 -43.16
CA ASN A 286 34.60 7.19 -43.31
C ASN A 286 33.79 8.02 -44.29
N ASN A 287 34.41 8.82 -45.16
CA ASN A 287 33.68 9.57 -46.21
C ASN A 287 32.70 10.55 -45.58
N ILE A 288 33.09 11.18 -44.48
CA ILE A 288 32.17 12.10 -43.75
C ILE A 288 32.75 13.51 -43.73
N GLU A 289 31.99 14.49 -44.20
CA GLU A 289 32.41 15.89 -44.09
C GLU A 289 31.99 16.41 -42.72
N LEU A 290 32.88 17.12 -42.05
CA LEU A 290 32.57 17.66 -40.71
C LEU A 290 32.31 19.14 -40.88
N VAL A 291 31.30 19.66 -40.19
CA VAL A 291 30.94 21.10 -40.28
C VAL A 291 31.08 21.71 -38.90
N ASP A 292 32.13 22.48 -38.70
CA ASP A 292 32.34 23.18 -37.41
C ASP A 292 31.57 24.50 -37.39
N ILE A 293 30.60 24.60 -36.50
CA ILE A 293 29.77 25.82 -36.37
C ILE A 293 30.64 26.93 -35.78
N ASP A 294 31.72 26.57 -35.12
CA ASP A 294 32.65 27.56 -34.52
C ASP A 294 33.69 27.96 -35.54
N SER A 295 33.55 27.44 -36.75
CA SER A 295 34.47 27.83 -37.82
C SER A 295 33.76 28.62 -38.93
N ILE A 296 32.56 29.12 -38.66
CA ILE A 296 31.77 29.83 -39.67
C ILE A 296 31.88 31.33 -39.40
N ASP A 297 32.39 32.08 -40.38
CA ASP A 297 32.44 33.53 -40.26
C ASP A 297 31.02 34.09 -40.24
N LEU A 298 30.50 34.58 -39.10
CA LEU A 298 29.10 34.98 -39.18
C LEU A 298 28.88 36.29 -39.94
N LYS A 299 29.92 37.02 -40.28
CA LYS A 299 29.72 38.20 -41.09
C LYS A 299 29.58 37.88 -42.56
N SER A 300 29.91 36.65 -42.96
CA SER A 300 29.73 36.14 -44.30
C SER A 300 28.35 35.55 -44.48
N VAL A 301 27.57 35.57 -43.41
CA VAL A 301 26.37 34.79 -43.22
C VAL A 301 25.17 35.74 -43.09
N SER A 302 23.97 35.21 -43.32
CA SER A 302 22.76 36.00 -43.20
C SER A 302 22.52 36.40 -41.73
N GLU A 303 21.86 37.55 -41.54
CA GLU A 303 21.52 37.99 -40.19
C GLU A 303 20.83 36.90 -39.39
N THR A 304 19.90 36.17 -40.03
CA THR A 304 19.14 35.14 -39.33
C THR A 304 19.98 33.89 -39.08
N ASP A 305 20.84 33.55 -40.03
CA ASP A 305 21.79 32.46 -39.79
C ASP A 305 22.73 32.84 -38.65
N ALA A 306 23.23 34.09 -38.66
CA ALA A 306 24.06 34.57 -37.57
C ALA A 306 23.38 34.43 -36.21
N GLN A 307 22.09 34.77 -36.14
CA GLN A 307 21.37 34.67 -34.88
C GLN A 307 21.29 33.23 -34.40
N LEU A 308 20.83 32.33 -35.27
CA LEU A 308 20.73 30.91 -34.92
C LEU A 308 22.05 30.37 -34.42
N LEU A 309 23.12 30.59 -35.18
CA LEU A 309 24.43 30.06 -34.81
C LEU A 309 24.88 30.61 -33.46
N ASN A 310 24.72 31.92 -33.24
CA ASN A 310 25.05 32.51 -31.94
C ASN A 310 24.24 31.86 -30.83
N LEU A 311 22.93 31.74 -31.04
CA LEU A 311 22.06 31.08 -30.07
C LEU A 311 22.53 29.66 -29.77
N ALA A 312 22.93 28.92 -30.82
CA ALA A 312 23.40 27.56 -30.62
C ALA A 312 24.71 27.53 -29.83
N LYS A 313 25.63 28.44 -30.15
CA LYS A 313 26.88 28.53 -29.40
C LYS A 313 26.63 28.86 -27.93
N ASP A 314 25.68 29.77 -27.65
CA ASP A 314 25.36 30.11 -26.27
C ASP A 314 24.76 28.92 -25.52
N GLU A 315 23.88 28.15 -26.18
CA GLU A 315 23.38 26.92 -25.57
C GLU A 315 24.53 25.99 -25.23
N LEU A 316 25.41 25.72 -26.21
CA LEU A 316 26.54 24.84 -25.96
C LEU A 316 27.49 25.43 -24.92
N GLY A 317 27.63 26.75 -24.89
CA GLY A 317 28.45 27.39 -23.87
C GLY A 317 27.84 27.25 -22.48
N ALA A 318 26.53 27.45 -22.36
CA ALA A 318 25.88 27.24 -21.07
C ALA A 318 25.94 25.77 -20.66
N MET A 319 25.87 24.86 -21.63
CA MET A 319 26.07 23.43 -21.34
C MET A 319 27.45 23.19 -20.73
N ARG A 320 28.48 23.75 -21.36
CA ARG A 320 29.85 23.57 -20.87
C ARG A 320 29.99 24.06 -19.43
N LYS A 321 29.39 25.20 -19.11
CA LYS A 321 29.46 25.75 -17.77
C LYS A 321 28.39 25.17 -16.84
N GLY A 322 27.67 24.14 -17.29
CA GLY A 322 26.51 23.62 -16.58
C GLY A 322 25.60 24.69 -16.01
N LYS A 323 25.13 25.59 -16.88
CA LYS A 323 24.25 26.68 -16.49
C LYS A 323 23.00 26.69 -17.35
N GLY A 324 22.46 25.51 -17.65
CA GLY A 324 21.19 25.37 -18.31
C GLY A 324 21.24 25.07 -19.80
N GLY A 325 22.40 25.18 -20.43
CA GLY A 325 22.50 24.88 -21.84
C GLY A 325 22.17 23.44 -22.16
N ASN A 326 21.82 23.20 -23.44
CA ASN A 326 21.39 21.87 -23.87
C ASN A 326 21.79 21.60 -25.32
N PRO A 327 22.50 20.50 -25.59
CA PRO A 327 22.93 20.23 -26.97
C PRO A 327 21.79 19.87 -27.92
N ALA A 328 20.74 19.21 -27.44
CA ALA A 328 19.59 18.94 -28.31
C ALA A 328 18.96 20.23 -28.80
N ALA A 329 18.94 21.27 -27.96
CA ALA A 329 18.45 22.58 -28.39
C ALA A 329 19.34 23.15 -29.48
N ALA A 330 20.66 23.05 -29.32
CA ALA A 330 21.57 23.56 -30.34
C ALA A 330 21.42 22.79 -31.65
N SER A 331 21.22 21.47 -31.55
CA SER A 331 20.90 20.69 -32.75
C SER A 331 19.62 21.17 -33.40
N ASP A 332 18.61 21.52 -32.59
CA ASP A 332 17.36 22.08 -33.12
C ASP A 332 17.62 23.32 -33.95
N LEU A 333 18.54 24.18 -33.50
CA LEU A 333 18.76 25.46 -34.15
C LEU A 333 19.49 25.30 -35.47
N VAL A 334 20.59 24.53 -35.48
CA VAL A 334 21.51 24.57 -36.62
C VAL A 334 20.92 23.94 -37.88
N ARG A 335 19.88 23.10 -37.76
CA ARG A 335 19.29 22.49 -38.96
C ARG A 335 18.67 23.54 -39.88
N TRP A 336 18.30 24.70 -39.35
CA TRP A 336 17.65 25.72 -40.13
C TRP A 336 18.64 26.76 -40.66
N VAL A 337 19.94 26.55 -40.45
CA VAL A 337 20.96 27.51 -40.85
C VAL A 337 21.22 27.31 -42.34
N ASP A 338 21.09 28.40 -43.10
CA ASP A 338 21.20 28.31 -44.56
C ASP A 338 22.57 27.81 -44.99
N VAL A 339 23.65 28.38 -44.43
CA VAL A 339 24.98 28.01 -44.89
C VAL A 339 25.29 26.55 -44.58
N ILE A 340 24.68 25.99 -43.54
CA ILE A 340 24.93 24.58 -43.23
C ILE A 340 24.10 23.69 -44.15
N ILE A 341 22.87 24.09 -44.44
CA ILE A 341 22.06 23.35 -45.42
C ILE A 341 22.77 23.30 -46.76
N GLY A 342 23.29 24.44 -47.22
CA GLY A 342 23.96 24.49 -48.50
C GLY A 342 23.01 24.44 -49.68
N GLU A 343 23.47 23.80 -50.76
CA GLU A 343 22.77 23.89 -52.04
C GLU A 343 21.45 23.15 -52.00
N SER A 344 21.43 21.95 -51.42
CA SER A 344 20.23 21.15 -51.25
C SER A 344 20.58 19.90 -50.46
N SER A 345 19.86 19.66 -49.37
CA SER A 345 20.28 18.67 -48.40
C SER A 345 19.04 18.19 -47.66
N THR A 346 19.19 17.05 -47.00
CA THR A 346 18.16 16.54 -46.10
C THR A 346 18.80 16.31 -44.74
N TYR A 347 18.29 17.02 -43.72
CA TYR A 347 18.64 16.68 -42.36
C TYR A 347 17.97 15.37 -41.96
N ILE A 348 18.73 14.50 -41.29
CA ILE A 348 18.17 13.31 -40.66
C ILE A 348 18.67 13.26 -39.23
N ASP A 349 17.84 12.72 -38.34
CA ASP A 349 18.34 12.26 -37.05
C ASP A 349 19.38 11.17 -37.27
N ILE A 350 20.42 11.20 -36.45
CA ILE A 350 21.57 10.33 -36.62
C ILE A 350 21.24 8.84 -36.55
N ASP A 351 20.05 8.49 -36.06
CA ASP A 351 19.68 7.09 -35.87
C ASP A 351 18.57 6.62 -36.82
N LEU A 352 18.39 7.29 -37.95
CA LEU A 352 17.35 6.83 -38.86
C LEU A 352 17.88 5.74 -39.79
N PRO A 353 17.13 4.66 -39.99
CA PRO A 353 17.55 3.63 -40.94
C PRO A 353 17.38 4.07 -42.39
N MET A 354 18.34 3.67 -43.23
CA MET A 354 18.23 3.83 -44.66
C MET A 354 17.30 2.77 -45.24
N ASN A 355 16.58 3.13 -46.31
CA ASN A 355 15.66 2.22 -46.96
C ASN A 355 16.40 1.23 -47.86
N ASP A 356 15.72 0.13 -48.18
CA ASP A 356 16.30 -0.84 -49.11
C ASP A 356 16.53 -0.22 -50.47
N LYS A 357 15.46 0.24 -51.11
CA LYS A 357 15.54 0.85 -52.43
C LYS A 357 15.62 2.36 -52.28
N LYS A 358 16.63 2.96 -52.91
CA LYS A 358 16.77 4.41 -52.88
C LYS A 358 15.83 5.03 -53.90
N VAL A 359 15.42 6.26 -53.64
CA VAL A 359 14.62 7.00 -54.60
C VAL A 359 15.58 7.79 -55.50
N THR A 360 15.05 8.28 -56.62
CA THR A 360 15.86 9.00 -57.60
C THR A 360 16.66 10.12 -56.95
N VAL A 361 17.86 10.36 -57.50
CA VAL A 361 18.78 11.31 -56.89
C VAL A 361 18.17 12.70 -56.84
N GLU A 362 17.31 13.03 -57.80
CA GLU A 362 16.48 14.21 -57.75
C GLU A 362 15.01 13.81 -57.61
N VAL A 363 14.30 14.46 -56.69
CA VAL A 363 12.85 14.37 -56.62
C VAL A 363 12.29 15.79 -56.59
N HIS A 364 10.98 15.89 -56.77
CA HIS A 364 10.29 17.16 -56.76
C HIS A 364 9.07 17.08 -55.85
N SER A 365 8.75 18.21 -55.21
CA SER A 365 7.51 18.31 -54.47
C SER A 365 6.99 19.75 -54.57
N GLY A 366 5.94 20.05 -53.82
CA GLY A 366 5.27 21.34 -53.92
C GLY A 366 5.55 22.31 -52.79
N PHE A 367 6.63 22.08 -52.03
CA PHE A 367 7.06 23.01 -51.00
C PHE A 367 8.57 22.92 -50.87
N PRO A 368 9.27 24.04 -50.63
CA PRO A 368 10.73 24.00 -50.60
C PRO A 368 11.31 23.39 -49.33
N VAL A 369 10.49 23.08 -48.33
CA VAL A 369 10.97 22.50 -47.08
C VAL A 369 10.00 21.39 -46.68
N LEU A 370 10.50 20.16 -46.66
CA LEU A 370 9.67 18.99 -46.41
C LEU A 370 10.00 18.46 -45.02
N LEU A 371 9.09 18.68 -44.07
CA LEU A 371 9.21 18.01 -42.78
C LEU A 371 8.67 16.58 -42.88
N ASN A 372 8.99 15.77 -41.88
CA ASN A 372 8.35 14.47 -41.75
C ASN A 372 6.95 14.66 -41.17
N MET A 373 5.97 14.00 -41.79
CA MET A 373 4.58 14.22 -41.42
C MET A 373 3.82 12.90 -41.42
N GLY A 374 2.78 12.84 -40.60
CA GLY A 374 1.82 11.77 -40.71
C GLY A 374 0.52 12.15 -40.03
N SER A 375 -0.32 11.15 -39.79
CA SER A 375 -1.61 11.38 -39.18
C SER A 375 -2.08 10.12 -38.48
N ALA A 376 -2.79 10.31 -37.38
CA ALA A 376 -3.45 9.22 -36.67
C ALA A 376 -4.96 9.31 -36.88
N LEU A 377 -5.59 8.17 -37.17
CA LEU A 377 -7.02 8.09 -37.38
C LEU A 377 -7.69 7.47 -36.17
N THR A 378 -8.72 8.16 -35.65
CA THR A 378 -9.65 7.57 -34.68
C THR A 378 -10.99 7.34 -35.38
N LYS A 379 -11.43 6.08 -35.38
CA LYS A 379 -12.74 5.74 -35.94
C LYS A 379 -13.84 6.57 -35.29
N ASP A 380 -14.78 7.02 -36.11
CA ASP A 380 -15.96 7.73 -35.63
C ASP A 380 -17.23 7.00 -36.04
N GLY A 381 -17.19 5.67 -36.04
CA GLY A 381 -18.37 4.84 -36.21
C GLY A 381 -19.01 4.92 -37.58
N GLN A 382 -20.23 5.46 -37.62
CA GLN A 382 -20.97 5.56 -38.87
C GLN A 382 -20.44 6.65 -39.78
N GLN A 383 -19.55 7.49 -39.29
CA GLN A 383 -19.05 8.65 -39.99
C GLN A 383 -17.54 8.51 -40.19
N PRO A 384 -16.96 9.23 -41.16
CA PRO A 384 -15.55 9.00 -41.50
C PRO A 384 -14.62 9.40 -40.37
N ALA A 385 -13.44 8.77 -40.39
CA ALA A 385 -12.54 8.84 -39.24
C ALA A 385 -11.94 10.24 -39.11
N MET A 386 -11.84 10.71 -37.87
CA MET A 386 -11.09 11.93 -37.61
C MET A 386 -9.59 11.68 -37.82
N GLU A 387 -8.91 12.69 -38.33
CA GLU A 387 -7.50 12.57 -38.72
C GLU A 387 -6.70 13.68 -38.06
N ASN A 388 -5.69 13.30 -37.29
CA ASN A 388 -4.86 14.26 -36.55
C ASN A 388 -3.45 14.27 -37.11
N PRO A 389 -3.00 15.37 -37.70
CA PRO A 389 -1.66 15.38 -38.33
C PRO A 389 -0.56 15.45 -37.27
N ALA A 390 0.55 14.77 -37.55
CA ALA A 390 1.77 14.85 -36.76
C ALA A 390 2.88 15.44 -37.62
N PHE A 391 3.61 16.41 -37.05
CA PHE A 391 4.74 17.05 -37.73
C PHE A 391 6.01 16.79 -36.94
N ASN A 392 7.12 16.56 -37.64
CA ASN A 392 8.36 16.28 -36.95
C ASN A 392 9.55 16.82 -37.74
N THR A 393 10.64 17.06 -37.00
CA THR A 393 11.90 17.54 -37.58
C THR A 393 13.00 16.50 -37.50
N ASP A 394 12.66 15.23 -37.24
CA ASP A 394 13.67 14.18 -37.36
C ASP A 394 14.13 13.97 -38.79
N MET A 395 13.40 14.52 -39.76
CA MET A 395 13.70 14.37 -41.18
C MET A 395 13.22 15.65 -41.87
N ILE A 396 14.15 16.43 -42.41
CA ILE A 396 13.82 17.68 -43.09
C ILE A 396 14.56 17.74 -44.42
N ALA A 397 13.81 17.85 -45.51
CA ALA A 397 14.39 18.00 -46.84
C ALA A 397 14.29 19.45 -47.29
N TYR A 398 15.40 19.99 -47.78
CA TYR A 398 15.47 21.40 -48.22
C TYR A 398 15.69 21.47 -49.72
N SER A 399 15.03 22.40 -50.40
CA SER A 399 15.06 22.46 -51.88
C SER A 399 16.27 23.13 -52.49
N LYS A 400 16.58 22.75 -53.73
CA LYS A 400 17.64 23.42 -54.51
C LYS A 400 17.23 24.88 -54.72
N ASP A 401 15.94 25.18 -54.85
CA ASP A 401 15.44 26.57 -54.93
C ASP A 401 15.79 27.27 -53.63
N LYS A 402 16.81 28.11 -53.65
CA LYS A 402 17.31 28.69 -52.40
C LYS A 402 16.52 29.92 -51.98
N GLU A 403 15.88 30.58 -52.93
CA GLU A 403 15.14 31.82 -52.61
C GLU A 403 13.83 31.46 -51.91
N ALA A 404 13.18 30.39 -52.36
CA ALA A 404 11.92 29.95 -51.73
C ALA A 404 12.23 29.34 -50.36
N ARG A 405 13.34 28.60 -50.27
CA ARG A 405 13.72 27.94 -48.99
C ARG A 405 14.08 29.02 -47.99
N ARG A 406 14.72 30.10 -48.44
CA ARG A 406 15.12 31.18 -47.53
C ARG A 406 13.86 31.73 -46.86
N GLN A 407 12.76 31.81 -47.61
CA GLN A 407 11.56 32.38 -47.01
C GLN A 407 11.07 31.51 -45.85
N ILE A 408 11.13 30.18 -46.02
CA ILE A 408 10.62 29.28 -44.99
C ILE A 408 11.54 29.23 -43.79
N ILE A 409 12.85 29.04 -44.03
CA ILE A 409 13.76 28.79 -42.91
C ILE A 409 13.99 30.05 -42.10
N GLU A 410 13.90 31.23 -42.72
CA GLU A 410 14.01 32.46 -41.94
C GLU A 410 12.76 32.68 -41.09
N GLY A 411 11.59 32.34 -41.65
CA GLY A 411 10.37 32.41 -40.87
C GLY A 411 10.40 31.47 -39.67
N VAL A 412 10.80 30.22 -39.89
CA VAL A 412 11.00 29.28 -38.79
C VAL A 412 11.98 29.86 -37.77
N ALA A 413 13.06 30.45 -38.25
CA ALA A 413 14.11 30.94 -37.35
C ALA A 413 13.64 32.14 -36.55
N LYS A 414 13.09 33.15 -37.22
CA LYS A 414 12.57 34.33 -36.54
C LYS A 414 11.61 33.97 -35.41
N LYS A 415 10.76 32.97 -35.63
CA LYS A 415 9.78 32.59 -34.60
C LYS A 415 10.48 31.92 -33.42
N ILE A 416 11.44 31.03 -33.69
CA ILE A 416 12.24 30.43 -32.62
C ILE A 416 12.96 31.51 -31.82
N ILE A 417 13.53 32.49 -32.52
CA ILE A 417 14.24 33.57 -31.82
C ILE A 417 13.27 34.39 -30.98
N ALA A 418 12.04 34.60 -31.49
CA ALA A 418 11.01 35.28 -30.72
C ALA A 418 10.79 34.61 -29.37
N ARG A 419 10.79 33.27 -29.33
CA ARG A 419 10.53 32.56 -28.07
C ARG A 419 11.72 32.66 -27.13
N TYR A 420 12.94 32.63 -27.68
CA TYR A 420 14.11 32.79 -26.84
C TYR A 420 14.15 34.19 -26.22
N GLU A 421 13.62 35.18 -26.92
CA GLU A 421 13.64 36.56 -26.48
C GLU A 421 12.46 36.93 -25.57
N ASN A 422 11.45 36.07 -25.44
CA ASN A 422 10.28 36.35 -24.59
C ASN A 422 9.83 35.06 -23.87
N CYS A 423 10.75 34.44 -23.13
CA CYS A 423 10.46 33.19 -22.44
C CYS A 423 9.22 33.30 -21.56
N ALA A 424 9.20 34.29 -20.65
CA ALA A 424 8.08 34.45 -19.73
C ALA A 424 6.75 34.52 -20.47
N LYS A 425 6.71 35.31 -21.55
CA LYS A 425 5.46 35.45 -22.31
C LYS A 425 5.03 34.13 -22.91
N TYR A 426 5.95 33.41 -23.56
CA TYR A 426 5.57 32.17 -24.24
C TYR A 426 5.22 31.07 -23.26
N ILE A 427 5.82 31.07 -22.07
CA ILE A 427 5.45 30.09 -21.07
C ILE A 427 4.07 30.40 -20.51
N GLU A 428 3.76 31.68 -20.34
CA GLU A 428 2.42 32.08 -19.96
C GLU A 428 1.39 31.61 -20.98
N GLU A 429 1.75 31.64 -22.26
CA GLU A 429 0.81 31.40 -23.34
C GLU A 429 0.78 29.96 -23.83
N SER A 430 1.73 29.13 -23.40
CA SER A 430 1.75 27.76 -23.88
C SER A 430 0.54 26.99 -23.37
N LYS A 431 0.03 26.10 -24.21
CA LYS A 431 -1.01 25.17 -23.79
C LYS A 431 -0.46 23.78 -23.44
N ASN A 432 0.87 23.68 -23.43
CA ASN A 432 1.55 22.45 -22.96
C ASN A 432 1.21 22.38 -21.49
N GLU A 433 0.62 21.28 -21.04
CA GLU A 433 0.14 21.18 -19.65
C GLU A 433 1.30 21.03 -18.66
N GLU A 434 2.48 20.65 -19.15
CA GLU A 434 3.67 20.51 -18.28
C GLU A 434 4.21 21.91 -18.05
N LEU A 435 4.10 22.76 -19.04
CA LEU A 435 4.46 24.16 -18.89
C LEU A 435 3.45 24.91 -18.04
N VAL A 436 2.19 24.47 -18.01
CA VAL A 436 1.20 25.09 -17.14
C VAL A 436 1.43 24.70 -15.70
N ARG A 437 1.76 23.42 -15.45
CA ARG A 437 2.21 23.00 -14.14
C ARG A 437 3.40 23.84 -13.68
N LEU A 438 4.38 24.02 -14.56
CA LEU A 438 5.55 24.83 -14.23
C LEU A 438 5.15 26.28 -13.94
N LYS A 439 4.30 26.84 -14.80
CA LYS A 439 3.90 28.25 -14.70
C LYS A 439 3.29 28.58 -13.33
N ASN A 440 2.60 27.62 -12.71
CA ASN A 440 1.91 27.86 -11.45
C ASN A 440 2.69 27.39 -10.23
N SER A 441 3.86 26.79 -10.42
CA SER A 441 4.67 26.34 -9.30
C SER A 441 5.14 27.52 -8.46
N PRO A 442 5.24 27.38 -7.14
CA PRO A 442 5.86 28.43 -6.33
C PRO A 442 7.27 28.79 -6.79
N GLY A 443 8.06 27.79 -7.20
CA GLY A 443 9.42 28.07 -7.63
C GLY A 443 9.49 28.99 -8.83
N TYR A 444 8.65 28.72 -9.84
CA TYR A 444 8.62 29.59 -11.02
C TYR A 444 8.19 31.01 -10.65
N LYS A 445 7.17 31.14 -9.78
CA LYS A 445 6.70 32.46 -9.40
C LYS A 445 7.78 33.23 -8.65
N LEU A 446 8.54 32.58 -7.78
CA LEU A 446 9.65 33.24 -7.11
C LEU A 446 10.76 33.53 -8.11
N PHE A 447 10.97 32.62 -9.05
CA PHE A 447 11.98 32.82 -10.08
C PHE A 447 11.64 34.04 -10.93
N VAL A 448 10.36 34.23 -11.27
CA VAL A 448 9.96 35.35 -12.11
C VAL A 448 10.04 36.67 -11.36
N GLU A 449 9.71 36.69 -10.06
CA GLU A 449 9.81 37.93 -9.32
C GLU A 449 11.26 38.31 -9.02
N LYS A 450 12.18 37.34 -8.99
CA LYS A 450 13.57 37.67 -8.75
C LYS A 450 14.24 38.25 -9.99
N THR A 451 14.05 37.61 -11.15
CA THR A 451 14.46 38.12 -12.46
C THR A 451 13.58 39.22 -13.06
N ASP A 452 12.46 39.58 -12.42
CA ASP A 452 11.55 40.60 -12.93
C ASP A 452 10.94 40.23 -14.28
N GLY A 453 10.71 38.94 -14.51
CA GLY A 453 10.26 38.43 -15.79
C GLY A 453 11.25 38.44 -16.95
N LYS A 454 12.52 38.80 -16.72
CA LYS A 454 13.51 38.91 -17.80
C LYS A 454 14.57 37.84 -17.57
N PHE A 455 14.54 36.75 -18.35
CA PHE A 455 15.50 35.69 -18.12
C PHE A 455 15.82 34.92 -19.39
N ASP A 456 17.04 34.38 -19.42
CA ASP A 456 17.44 33.37 -20.39
C ASP A 456 16.58 32.12 -20.25
N LEU A 457 16.32 31.45 -21.38
CA LEU A 457 15.81 30.09 -21.32
C LEU A 457 16.76 29.18 -20.54
N CYS A 458 18.07 29.43 -20.67
CA CYS A 458 19.06 28.60 -19.98
C CYS A 458 19.00 28.79 -18.47
N THR A 459 18.88 30.06 -18.03
CA THR A 459 18.70 30.32 -16.61
C THR A 459 17.51 29.56 -16.06
N LEU A 460 16.41 29.53 -16.80
CA LEU A 460 15.23 28.80 -16.36
C LEU A 460 15.50 27.30 -16.26
N ARG A 461 16.05 26.71 -17.32
CA ARG A 461 16.44 25.31 -17.30
C ARG A 461 17.32 25.00 -16.09
N ALA A 462 18.34 25.84 -15.87
CA ALA A 462 19.22 25.65 -14.72
C ALA A 462 18.43 25.65 -13.41
N ALA A 463 17.45 26.55 -13.28
CA ALA A 463 16.63 26.59 -12.07
C ALA A 463 15.81 25.32 -11.92
N VAL A 464 15.18 24.87 -13.01
CA VAL A 464 14.41 23.64 -12.96
C VAL A 464 15.32 22.44 -12.70
N SER A 465 16.57 22.51 -13.15
CA SER A 465 17.51 21.44 -12.85
C SER A 465 17.89 21.43 -11.37
N GLU A 466 18.17 22.61 -10.80
CA GLU A 466 18.56 22.68 -9.40
C GLU A 466 17.42 22.27 -8.46
N ALA A 467 16.17 22.42 -8.91
CA ALA A 467 15.03 21.97 -8.10
C ALA A 467 15.08 20.48 -7.80
N HIS A 468 15.63 19.68 -8.71
CA HIS A 468 15.65 18.23 -8.56
C HIS A 468 16.93 17.73 -7.90
N GLN A 469 17.67 18.61 -7.21
CA GLN A 469 18.93 18.26 -6.58
C GLN A 469 18.74 17.70 -5.17
N ASP A 470 17.83 18.27 -4.38
CA ASP A 470 17.58 17.74 -3.06
C ASP A 470 16.10 17.92 -2.72
N ALA A 471 15.68 17.27 -1.63
CA ALA A 471 14.27 17.29 -1.26
C ALA A 471 13.78 18.69 -0.97
N LEU A 472 14.56 19.48 -0.23
CA LEU A 472 14.14 20.84 0.11
C LEU A 472 13.92 21.69 -1.13
N SER A 473 14.85 21.62 -2.08
CA SER A 473 14.66 22.27 -3.38
C SER A 473 13.35 21.81 -4.02
N PHE A 474 13.19 20.49 -4.17
CA PHE A 474 12.00 19.95 -4.83
C PHE A 474 10.74 20.37 -4.09
N ALA A 475 10.77 20.33 -2.76
CA ALA A 475 9.60 20.74 -1.98
C ALA A 475 9.29 22.21 -2.16
N THR A 476 10.32 23.07 -2.08
CA THR A 476 10.09 24.50 -2.17
C THR A 476 9.70 24.94 -3.57
N PHE A 477 10.23 24.27 -4.61
CA PHE A 477 9.98 24.70 -5.98
C PHE A 477 8.58 24.29 -6.46
N PHE A 478 8.22 23.03 -6.29
CA PHE A 478 6.95 22.52 -6.79
C PHE A 478 5.84 22.55 -5.75
N GLY A 479 6.12 23.06 -4.58
CA GLY A 479 5.11 23.29 -3.56
C GLY A 479 5.11 22.20 -2.51
N ALA A 480 4.41 22.48 -1.40
CA ALA A 480 4.23 21.49 -0.31
C ALA A 480 3.10 20.51 -0.60
N GLU A 481 2.00 21.00 -1.17
CA GLU A 481 0.84 20.14 -1.49
C GLU A 481 1.28 19.02 -2.43
N TYR A 482 2.07 19.34 -3.44
CA TYR A 482 2.51 18.33 -4.43
C TYR A 482 3.40 17.34 -3.70
N PHE A 483 4.45 17.83 -3.05
CA PHE A 483 5.33 16.97 -2.25
C PHE A 483 4.55 15.93 -1.43
N ALA A 484 3.59 16.38 -0.62
CA ALA A 484 2.79 15.45 0.19
C ALA A 484 2.11 14.41 -0.69
N LYS A 485 1.49 14.84 -1.79
CA LYS A 485 0.74 13.90 -2.63
C LYS A 485 1.67 12.96 -3.38
N THR A 486 2.90 13.39 -3.67
CA THR A 486 3.84 12.56 -4.41
C THR A 486 4.51 11.52 -3.53
N PHE A 487 4.80 11.85 -2.26
CA PHE A 487 5.60 11.01 -1.40
C PHE A 487 4.86 10.51 -0.17
N ALA A 488 3.69 11.06 0.13
CA ALA A 488 2.90 10.61 1.27
C ALA A 488 1.42 10.79 0.98
N THR A 489 0.70 11.47 1.87
CA THR A 489 -0.68 11.85 1.64
C THR A 489 -0.90 13.30 2.01
N GLN A 490 -2.10 13.79 1.70
CA GLN A 490 -2.51 15.12 2.10
C GLN A 490 -2.26 15.39 3.59
N GLU A 491 -2.36 14.38 4.44
CA GLU A 491 -2.28 14.75 5.86
C GLU A 491 -0.93 15.34 6.30
N LEU A 492 0.15 15.16 5.53
CA LEU A 492 1.49 15.67 5.89
C LEU A 492 1.70 17.14 5.55
N ILE A 493 0.72 17.69 4.80
CA ILE A 493 0.74 19.07 4.29
C ILE A 493 1.20 20.09 5.32
N PRO A 494 0.57 20.22 6.49
CA PRO A 494 1.02 21.24 7.46
C PRO A 494 2.45 21.08 7.88
N VAL A 495 2.94 19.84 7.89
CA VAL A 495 4.30 19.58 8.34
C VAL A 495 5.31 19.89 7.24
N ILE A 496 4.96 19.58 5.99
CA ILE A 496 5.85 19.92 4.87
C ILE A 496 5.91 21.43 4.68
N LYS A 497 4.79 22.13 4.92
CA LYS A 497 4.79 23.58 4.80
C LYS A 497 5.70 24.21 5.84
N GLU A 498 5.64 23.74 7.08
CA GLU A 498 6.53 24.25 8.12
C GLU A 498 7.96 23.78 7.92
N ALA A 499 8.17 22.69 7.18
CA ALA A 499 9.52 22.21 6.91
C ALA A 499 10.19 23.00 5.80
N ILE A 500 9.42 23.35 4.76
CA ILE A 500 9.92 24.28 3.73
C ILE A 500 10.28 25.62 4.36
N GLN A 501 9.44 26.10 5.31
CA GLN A 501 9.57 27.43 5.93
C GLN A 501 10.72 27.54 6.89
N HIS A 502 11.21 26.43 7.40
CA HIS A 502 12.34 26.34 8.29
C HIS A 502 13.55 25.66 7.62
N GLN A 503 13.44 25.41 6.30
CA GLN A 503 14.44 24.74 5.49
C GLN A 503 14.88 23.41 6.10
N ASN A 504 13.92 22.63 6.61
CA ASN A 504 14.24 21.31 7.20
C ASN A 504 14.58 20.33 6.08
N GLN A 505 15.84 20.38 5.63
CA GLN A 505 16.32 19.45 4.61
C GLN A 505 16.18 17.99 5.04
N ASP A 506 16.53 17.68 6.30
CA ASP A 506 16.58 16.28 6.72
C ASP A 506 15.17 15.67 6.79
N LEU A 507 14.20 16.43 7.30
CA LEU A 507 12.82 15.96 7.39
C LEU A 507 12.34 15.47 6.04
N LEU A 508 12.58 16.30 5.02
CA LEU A 508 12.01 16.09 3.70
C LEU A 508 12.71 14.96 2.99
N THR A 509 14.02 14.82 3.23
CA THR A 509 14.71 13.63 2.76
C THR A 509 14.16 12.39 3.43
N SER A 510 13.96 12.45 4.75
CA SER A 510 13.38 11.32 5.47
C SER A 510 12.01 10.95 4.93
N VAL A 511 11.19 11.93 4.58
CA VAL A 511 9.85 11.64 4.09
C VAL A 511 9.93 10.92 2.75
N ILE A 512 10.86 11.31 1.89
CA ILE A 512 11.00 10.63 0.60
C ILE A 512 11.59 9.25 0.80
N GLU A 513 12.63 9.14 1.64
CA GLU A 513 13.11 7.83 2.06
C GLU A 513 11.96 6.95 2.54
N ASN A 514 11.08 7.51 3.37
CA ASN A 514 9.89 6.78 3.82
C ASN A 514 9.03 6.34 2.65
N HIS A 515 8.97 7.16 1.60
CA HIS A 515 8.19 6.82 0.42
C HIS A 515 8.83 5.64 -0.33
N ILE A 516 10.17 5.59 -0.31
CA ILE A 516 10.90 4.52 -1.05
C ILE A 516 10.57 3.14 -0.50
N GLU A 517 10.41 3.03 0.83
CA GLU A 517 10.16 1.71 1.46
C GLU A 517 8.70 1.34 1.33
N LYS A 518 7.81 2.28 1.65
CA LYS A 518 6.36 2.02 1.58
C LYS A 518 5.97 1.52 0.18
N GLN A 519 6.47 2.13 -0.89
CA GLN A 519 6.10 1.74 -2.24
C GLN A 519 7.20 0.89 -2.85
N HIS A 520 8.18 0.56 -2.03
CA HIS A 520 8.96 -0.64 -2.19
C HIS A 520 9.77 -0.50 -3.51
N LEU A 521 10.46 0.68 -3.58
CA LEU A 521 11.21 1.20 -4.73
C LEU A 521 12.68 0.81 -4.61
N ASN A 522 13.00 -0.36 -5.11
CA ASN A 522 14.30 -0.97 -4.92
C ASN A 522 15.33 -0.61 -5.99
N ASP A 523 14.99 0.23 -6.96
CA ASP A 523 16.00 0.84 -7.81
C ASP A 523 16.54 2.14 -7.24
N TYR A 524 16.09 2.54 -6.07
CA TYR A 524 16.44 3.84 -5.49
C TYR A 524 16.87 3.68 -4.03
N PRO A 525 18.17 3.80 -3.72
CA PRO A 525 18.63 3.68 -2.33
C PRO A 525 18.18 4.84 -1.46
N LYS A 526 18.11 4.58 -0.15
CA LYS A 526 17.77 5.63 0.82
C LYS A 526 18.93 6.55 1.13
N THR A 527 20.02 6.49 0.39
CA THR A 527 21.05 7.48 0.56
C THR A 527 20.53 8.83 0.02
N PRO A 528 20.98 9.94 0.60
CA PRO A 528 20.73 11.24 -0.05
C PRO A 528 21.09 11.27 -1.53
N ASP A 529 22.05 10.44 -1.97
CA ASP A 529 22.29 10.32 -3.41
C ASP A 529 21.14 9.59 -4.11
N GLY A 530 20.65 8.51 -3.50
CA GLY A 530 19.51 7.81 -4.07
C GLY A 530 18.29 8.69 -4.22
N ILE A 531 18.17 9.69 -3.35
CA ILE A 531 17.09 10.67 -3.50
C ILE A 531 17.32 11.53 -4.74
N LYS A 532 18.56 12.01 -4.92
CA LYS A 532 18.90 12.75 -6.11
C LYS A 532 18.58 11.96 -7.37
N LYS A 533 18.91 10.66 -7.37
CA LYS A 533 18.56 9.80 -8.50
C LYS A 533 17.06 9.80 -8.74
N LEU A 534 16.27 9.61 -7.68
CA LEU A 534 14.82 9.54 -7.82
C LEU A 534 14.25 10.87 -8.30
N LEU A 535 14.71 11.98 -7.74
CA LEU A 535 14.27 13.30 -8.20
C LEU A 535 14.64 13.52 -9.67
N LYS A 536 15.85 13.13 -10.07
CA LYS A 536 16.28 13.32 -11.45
C LYS A 536 15.43 12.54 -12.45
N SER A 537 14.83 11.43 -12.03
CA SER A 537 13.96 10.71 -12.94
C SER A 537 12.68 11.48 -13.22
N PHE A 538 12.26 12.33 -12.30
CA PHE A 538 11.10 13.19 -12.48
C PHE A 538 11.38 14.42 -13.35
N GLN A 539 12.63 14.90 -13.35
CA GLN A 539 12.98 16.14 -14.05
C GLN A 539 12.65 16.09 -15.55
N GLY A 540 12.82 14.93 -16.17
CA GLY A 540 12.63 14.82 -17.61
C GLY A 540 11.31 15.38 -18.11
N ILE A 541 10.23 15.18 -17.35
CA ILE A 541 8.91 15.58 -17.81
C ILE A 541 8.64 17.09 -17.70
N VAL A 542 9.34 17.81 -16.83
CA VAL A 542 9.19 19.26 -16.76
C VAL A 542 10.31 19.97 -17.51
N TYR A 543 11.36 19.26 -17.91
CA TYR A 543 12.50 19.83 -18.61
C TYR A 543 12.33 19.80 -20.13
N LYS A 544 11.87 18.68 -20.68
CA LYS A 544 11.78 18.53 -22.13
C LYS A 544 10.98 19.63 -22.82
N PRO A 545 9.81 20.07 -22.32
CA PRO A 545 9.12 21.20 -22.98
C PRO A 545 9.94 22.48 -23.02
N LEU A 546 10.90 22.66 -22.12
CA LEU A 546 11.80 23.80 -22.20
C LEU A 546 12.84 23.64 -23.30
N VAL A 547 12.79 22.54 -24.05
CA VAL A 547 13.50 22.40 -25.31
C VAL A 547 12.53 22.29 -26.47
N MET A 548 11.49 21.46 -26.33
CA MET A 548 10.62 21.16 -27.46
C MET A 548 9.72 22.36 -27.80
N GLU A 549 9.24 23.09 -26.79
CA GLU A 549 8.31 24.17 -27.07
C GLU A 549 9.00 25.45 -27.51
N PHE A 550 10.33 25.51 -27.48
CA PHE A 550 11.08 26.68 -27.90
C PHE A 550 11.81 26.48 -29.23
N SER A 551 12.60 25.42 -29.35
CA SER A 551 13.38 25.18 -30.55
C SER A 551 13.05 23.87 -31.24
N GLY A 552 12.24 23.02 -30.64
CA GLY A 552 11.98 21.69 -31.14
C GLY A 552 10.75 21.57 -32.03
N PRO A 553 10.37 20.34 -32.34
CA PRO A 553 9.28 20.10 -33.33
C PRO A 553 7.97 20.84 -33.06
N SER A 554 7.46 20.81 -31.83
CA SER A 554 6.19 21.48 -31.57
C SER A 554 6.28 22.97 -31.83
N ALA A 555 7.36 23.60 -31.38
CA ALA A 555 7.55 25.02 -31.66
C ALA A 555 7.65 25.28 -33.15
N VAL A 556 8.46 24.49 -33.87
CA VAL A 556 8.62 24.67 -35.30
C VAL A 556 7.30 24.43 -36.01
N SER A 557 6.61 23.35 -35.65
CA SER A 557 5.39 22.94 -36.35
C SER A 557 4.27 23.96 -36.21
N SER A 558 4.39 24.91 -35.27
CA SER A 558 3.38 25.96 -35.11
C SER A 558 2.97 26.56 -36.45
N SER A 559 3.95 27.03 -37.23
CA SER A 559 3.65 27.61 -38.55
C SER A 559 2.82 26.66 -39.41
N TRP A 560 3.10 25.35 -39.35
CA TRP A 560 2.33 24.40 -40.14
C TRP A 560 0.93 24.22 -39.58
N VAL A 561 0.83 24.10 -38.25
CA VAL A 561 -0.48 23.92 -37.61
C VAL A 561 -1.37 25.13 -37.86
N GLU A 562 -0.78 26.34 -37.80
CA GLU A 562 -1.56 27.54 -38.08
C GLU A 562 -2.13 27.50 -39.48
N ALA A 563 -1.35 26.97 -40.43
CA ALA A 563 -1.73 27.01 -41.84
C ALA A 563 -3.00 26.23 -42.12
N ILE A 564 -3.32 25.22 -41.31
CA ILE A 564 -4.51 24.41 -41.54
C ILE A 564 -5.50 24.54 -40.39
N SER A 565 -5.47 25.68 -39.71
CA SER A 565 -6.30 25.88 -38.52
C SER A 565 -7.51 26.73 -38.85
N GLY A 566 -8.38 26.90 -37.85
CA GLY A 566 -9.63 27.62 -38.02
C GLY A 566 -10.62 26.91 -38.93
N ARG A 567 -10.69 25.59 -38.86
CA ARG A 567 -11.57 24.80 -39.70
C ARG A 567 -12.22 23.71 -38.85
N SER A 568 -13.09 22.92 -39.48
CA SER A 568 -13.60 21.72 -38.83
C SER A 568 -12.49 20.67 -38.79
N ILE A 569 -12.48 19.92 -37.70
CA ILE A 569 -11.46 18.90 -37.36
C ILE A 569 -11.26 18.06 -38.64
N PRO A 570 -10.02 17.84 -39.11
CA PRO A 570 -9.85 17.09 -40.37
C PRO A 570 -10.41 15.68 -40.27
N ARG A 571 -10.87 15.17 -41.42
CA ARG A 571 -11.31 13.79 -41.53
C ARG A 571 -10.70 13.09 -42.75
N ASN A 572 -10.60 11.76 -42.66
CA ASN A 572 -10.11 10.94 -43.77
C ASN A 572 -11.30 10.48 -44.61
N PHE A 573 -11.63 11.28 -45.63
CA PHE A 573 -12.77 11.03 -46.52
C PHE A 573 -12.25 10.13 -47.66
N GLU A 574 -12.58 8.84 -47.59
CA GLU A 574 -11.99 7.86 -48.50
C GLU A 574 -12.33 8.12 -49.98
N TYR A 575 -13.56 8.52 -50.28
CA TYR A 575 -14.05 8.46 -51.66
C TYR A 575 -14.39 9.84 -52.22
N LEU A 576 -13.60 10.86 -51.87
CA LEU A 576 -13.86 12.20 -52.41
C LEU A 576 -13.46 12.28 -53.88
N ALA A 577 -14.29 12.97 -54.66
CA ALA A 577 -13.94 13.25 -56.05
C ALA A 577 -12.67 14.10 -56.14
N GLU A 578 -12.51 15.06 -55.23
CA GLU A 578 -11.41 16.03 -55.26
C GLU A 578 -10.65 15.95 -53.95
N PRO A 579 -9.79 14.94 -53.79
CA PRO A 579 -8.95 14.86 -52.56
C PRO A 579 -8.23 16.14 -52.22
N MET A 580 -7.72 16.87 -53.22
CA MET A 580 -6.89 18.04 -52.97
C MET A 580 -7.66 19.25 -52.46
N SER A 581 -8.94 19.05 -52.13
CA SER A 581 -9.69 20.05 -51.39
C SER A 581 -9.47 19.94 -49.89
N GLN A 582 -8.89 18.83 -49.44
CA GLN A 582 -8.58 18.61 -48.05
C GLN A 582 -7.14 19.00 -47.79
N PRO A 583 -6.87 19.98 -46.91
CA PRO A 583 -5.49 20.42 -46.68
C PRO A 583 -4.52 19.29 -46.36
N LEU A 584 -4.89 18.37 -45.47
CA LEU A 584 -4.02 17.26 -45.12
C LEU A 584 -3.58 16.47 -46.35
N ARG A 585 -4.47 16.31 -47.32
CA ARG A 585 -4.09 15.57 -48.53
C ARG A 585 -3.10 16.36 -49.36
N VAL A 586 -3.20 17.70 -49.34
CA VAL A 586 -2.19 18.52 -49.98
C VAL A 586 -0.85 18.36 -49.26
N LEU A 587 -0.88 18.44 -47.94
CA LEU A 587 0.32 18.24 -47.13
C LEU A 587 0.96 16.89 -47.43
N GLN A 588 0.16 15.82 -47.51
CA GLN A 588 0.73 14.48 -47.64
C GLN A 588 1.44 14.30 -48.97
N HIS A 589 0.94 14.91 -50.04
CA HIS A 589 1.46 14.65 -51.37
C HIS A 589 2.46 15.69 -51.85
N TYR A 590 2.48 16.89 -51.27
CA TYR A 590 3.27 17.97 -51.83
C TYR A 590 4.10 18.74 -50.81
N ALA A 591 4.01 18.42 -49.52
CA ALA A 591 4.62 19.26 -48.49
C ALA A 591 5.38 18.46 -47.44
N CYS A 592 5.73 17.20 -47.70
CA CYS A 592 6.41 16.39 -46.70
C CYS A 592 7.34 15.39 -47.37
N VAL A 593 8.21 14.78 -46.54
CA VAL A 593 9.28 13.93 -47.04
C VAL A 593 8.79 12.58 -47.53
N SER A 594 7.60 12.15 -47.12
CA SER A 594 7.06 10.86 -47.55
C SER A 594 7.19 10.67 -49.06
N GLY A 595 7.97 9.68 -49.46
CA GLY A 595 8.28 9.45 -50.85
C GLY A 595 9.44 10.25 -51.38
N LYS A 596 10.07 11.10 -50.56
CA LYS A 596 11.04 12.07 -51.04
C LYS A 596 12.36 11.97 -50.28
N ALA A 597 12.62 10.85 -49.61
CA ALA A 597 13.82 10.70 -48.80
C ALA A 597 14.14 9.21 -48.68
N ASN A 598 15.41 8.91 -48.40
CA ASN A 598 15.89 7.54 -48.33
C ASN A 598 15.91 7.01 -46.90
N PHE A 599 15.04 7.54 -46.04
CA PHE A 599 15.06 7.24 -44.62
C PHE A 599 13.63 7.21 -44.11
N SER A 600 13.45 6.56 -42.95
CA SER A 600 12.14 6.43 -42.33
C SER A 600 12.30 6.60 -40.82
N SER A 601 11.16 6.62 -40.13
CA SER A 601 11.18 6.90 -38.71
C SER A 601 9.94 6.35 -38.05
N ASP A 602 10.10 5.92 -36.80
CA ASP A 602 8.99 5.52 -35.95
C ASP A 602 8.50 6.66 -35.05
N ASN A 603 9.17 7.80 -35.07
CA ASN A 603 8.91 8.86 -34.09
C ASN A 603 7.49 9.41 -34.20
N ILE A 604 6.89 9.33 -35.38
CA ILE A 604 5.52 9.81 -35.59
C ILE A 604 4.78 8.79 -36.44
N PRO A 605 3.45 8.78 -36.37
CA PRO A 605 2.68 7.82 -37.17
C PRO A 605 2.92 8.03 -38.65
N LYS A 606 2.67 6.97 -39.42
CA LYS A 606 2.60 7.09 -40.87
C LYS A 606 1.37 7.91 -41.25
N TRP A 607 1.19 8.15 -42.54
CA TRP A 607 -0.01 8.83 -42.98
C TRP A 607 -1.22 7.91 -42.79
N CYS A 608 -2.27 8.45 -42.19
CA CYS A 608 -3.54 7.74 -42.04
C CYS A 608 -3.35 6.42 -41.30
N GLU A 609 -2.54 6.46 -40.24
CA GLU A 609 -2.28 5.28 -39.44
C GLU A 609 -3.42 5.07 -38.46
N LEU A 610 -3.87 3.82 -38.35
CA LEU A 610 -5.00 3.48 -37.49
C LEU A 610 -4.51 3.07 -36.11
N SER B 112 -14.71 -18.12 -17.95
CA SER B 112 -14.79 -16.71 -17.58
C SER B 112 -14.36 -15.83 -18.76
N PRO B 113 -15.24 -14.90 -19.15
CA PRO B 113 -14.93 -14.03 -20.30
C PRO B 113 -13.55 -13.39 -20.29
N VAL B 114 -13.13 -12.82 -19.16
CA VAL B 114 -11.79 -12.22 -19.11
C VAL B 114 -10.73 -13.28 -19.35
N ASN B 115 -10.92 -14.47 -18.80
CA ASN B 115 -9.96 -15.56 -19.00
C ASN B 115 -9.83 -15.91 -20.47
N LYS B 116 -10.95 -16.05 -21.17
CA LYS B 116 -10.90 -16.41 -22.59
C LYS B 116 -10.19 -15.35 -23.41
N THR B 117 -10.45 -14.08 -23.13
CA THR B 117 -9.74 -13.00 -23.82
C THR B 117 -8.24 -13.08 -23.56
N LEU B 118 -7.86 -13.26 -22.29
CA LEU B 118 -6.44 -13.36 -21.95
C LEU B 118 -5.81 -14.56 -22.64
N ASN B 119 -6.53 -15.67 -22.70
CA ASN B 119 -6.00 -16.85 -23.39
C ASN B 119 -5.79 -16.57 -24.87
N ARG B 120 -6.78 -15.93 -25.51
CA ARG B 120 -6.68 -15.65 -26.93
C ARG B 120 -5.59 -14.62 -27.21
N LEU B 121 -5.46 -13.63 -26.33
CA LEU B 121 -4.38 -12.66 -26.47
C LEU B 121 -3.03 -13.33 -26.25
N THR B 122 -2.92 -14.13 -25.19
CA THR B 122 -1.73 -14.94 -24.96
C THR B 122 -1.36 -15.74 -26.22
N ASN B 123 -2.36 -16.41 -26.80
CA ASN B 123 -2.09 -17.28 -27.95
C ASN B 123 -1.61 -16.49 -29.16
N ASP B 124 -2.21 -15.33 -29.41
CA ASP B 124 -1.75 -14.47 -30.49
C ASP B 124 -0.29 -14.07 -30.28
N LEU B 125 0.04 -13.65 -29.06
CA LEU B 125 1.40 -13.23 -28.74
C LEU B 125 2.38 -14.39 -28.87
N LEU B 126 1.97 -15.58 -28.42
CA LEU B 126 2.82 -16.76 -28.53
C LEU B 126 3.18 -17.05 -29.98
N LYS B 127 2.18 -17.05 -30.86
CA LYS B 127 2.43 -17.31 -32.28
C LYS B 127 3.42 -16.31 -32.87
N GLU B 128 3.49 -15.11 -32.30
CA GLU B 128 4.33 -14.05 -32.85
C GLU B 128 5.77 -14.09 -32.37
N VAL B 129 6.03 -14.67 -31.19
CA VAL B 129 7.37 -14.64 -30.61
C VAL B 129 8.03 -16.00 -30.59
N VAL B 130 7.30 -17.06 -30.90
CA VAL B 130 7.85 -18.41 -30.84
C VAL B 130 8.35 -18.79 -32.22
N GLU B 131 9.47 -19.50 -32.25
CA GLU B 131 10.01 -20.04 -33.52
C GLU B 131 8.90 -20.72 -34.31
N ARG B 132 8.87 -20.46 -35.60
CA ARG B 132 7.78 -20.97 -36.44
C ARG B 132 7.77 -22.50 -36.43
N GLY B 133 6.59 -23.06 -36.20
CA GLY B 133 6.42 -24.48 -36.04
C GLY B 133 6.69 -25.10 -34.66
N LYS B 134 7.07 -24.30 -33.66
CA LYS B 134 7.48 -24.78 -32.34
C LYS B 134 6.50 -24.36 -31.24
N THR B 135 5.32 -23.86 -31.60
CA THR B 135 4.42 -23.32 -30.57
C THR B 135 3.94 -24.41 -29.62
N GLN B 136 3.68 -25.61 -30.14
CA GLN B 136 3.24 -26.68 -29.25
C GLN B 136 4.37 -27.27 -28.42
N LYS B 137 5.58 -26.72 -28.51
CA LYS B 137 6.65 -27.04 -27.58
C LYS B 137 6.85 -25.95 -26.53
N ALA B 138 5.97 -24.95 -26.49
CA ALA B 138 6.20 -23.73 -25.72
C ALA B 138 5.10 -23.53 -24.67
N GLN B 139 4.69 -24.62 -24.03
CA GLN B 139 3.68 -24.53 -22.97
C GLN B 139 4.15 -23.62 -21.83
N LYS B 140 5.46 -23.56 -21.58
CA LYS B 140 5.97 -22.71 -20.51
C LYS B 140 5.87 -21.23 -20.89
N LEU B 141 6.29 -20.89 -22.12
CA LEU B 141 6.13 -19.52 -22.59
C LEU B 141 4.67 -19.11 -22.56
N ARG B 142 3.77 -20.04 -22.88
CA ARG B 142 2.34 -19.78 -22.80
C ARG B 142 1.95 -19.39 -21.37
N ALA B 143 2.46 -20.14 -20.38
CA ALA B 143 2.15 -19.83 -18.99
C ALA B 143 2.75 -18.50 -18.57
N TYR B 144 3.95 -18.18 -19.06
CA TYR B 144 4.60 -16.94 -18.67
C TYR B 144 3.90 -15.73 -19.27
N ILE B 145 3.49 -15.82 -20.54
CA ILE B 145 2.82 -14.70 -21.18
C ILE B 145 1.48 -14.43 -20.50
N PHE B 146 0.70 -15.48 -20.27
CA PHE B 146 -0.59 -15.31 -19.60
C PHE B 146 -0.41 -14.62 -18.25
N ASP B 147 0.50 -15.14 -17.43
CA ASP B 147 0.71 -14.55 -16.10
C ASP B 147 1.16 -13.11 -16.20
N GLN B 148 2.05 -12.80 -17.14
CA GLN B 148 2.56 -11.43 -17.25
C GLN B 148 1.47 -10.49 -17.74
N LEU B 149 0.67 -10.91 -18.72
CA LEU B 149 -0.41 -10.06 -19.20
C LEU B 149 -1.35 -9.66 -18.07
N ALA B 150 -1.65 -10.61 -17.17
CA ALA B 150 -2.59 -10.31 -16.09
C ALA B 150 -2.00 -9.35 -15.07
N ARG B 151 -0.79 -9.63 -14.58
CA ARG B 151 -0.22 -8.75 -13.56
C ARG B 151 0.14 -7.39 -14.15
N ARG B 152 0.71 -7.36 -15.35
CA ARG B 152 1.08 -6.08 -15.95
C ARG B 152 -0.15 -5.24 -16.25
N LEU B 153 -1.28 -5.88 -16.57
CA LEU B 153 -2.52 -5.12 -16.76
C LEU B 153 -2.96 -4.49 -15.45
N GLU B 154 -3.10 -5.30 -14.40
CA GLU B 154 -3.48 -4.78 -13.09
C GLU B 154 -2.54 -3.67 -12.65
N ALA B 155 -1.23 -3.83 -12.94
CA ALA B 155 -0.25 -2.84 -12.57
C ALA B 155 -0.39 -1.54 -13.37
N SER B 156 -1.18 -1.54 -14.43
CA SER B 156 -1.37 -0.36 -15.27
C SER B 156 -2.70 0.34 -15.05
N LEU B 157 -3.60 -0.25 -14.27
CA LEU B 157 -4.94 0.31 -14.09
C LEU B 157 -4.98 1.24 -12.88
N SER B 158 -5.73 2.34 -13.02
CA SER B 158 -6.16 3.12 -11.87
C SER B 158 -6.93 2.20 -10.91
N GLN B 159 -7.01 2.59 -9.63
CA GLN B 159 -7.81 1.81 -8.68
C GLN B 159 -9.28 1.72 -9.12
N GLU B 160 -9.81 2.83 -9.67
CA GLU B 160 -11.21 2.94 -10.07
C GLU B 160 -11.45 1.87 -11.16
N GLN B 161 -10.44 1.73 -12.08
CA GLN B 161 -10.46 0.72 -13.15
C GLN B 161 -10.34 -0.68 -12.59
N ILE B 162 -9.46 -0.85 -11.59
CA ILE B 162 -9.36 -2.14 -10.92
C ILE B 162 -10.72 -2.52 -10.32
N ASN B 163 -11.39 -1.56 -9.70
CA ASN B 163 -12.69 -1.82 -9.10
C ASN B 163 -13.71 -2.28 -10.14
N ASP B 164 -13.61 -1.77 -11.36
CA ASP B 164 -14.53 -2.17 -12.42
C ASP B 164 -14.17 -3.55 -12.96
N LEU B 165 -12.88 -3.83 -13.11
CA LEU B 165 -12.41 -5.18 -13.43
C LEU B 165 -12.94 -6.21 -12.44
N TYR B 166 -12.76 -5.97 -11.14
CA TYR B 166 -13.27 -6.90 -10.14
C TYR B 166 -14.76 -7.14 -10.30
N ASN B 167 -15.51 -6.07 -10.57
CA ASN B 167 -16.95 -6.18 -10.76
C ASN B 167 -17.31 -6.91 -12.04
N ARG B 168 -16.54 -6.70 -13.12
CA ARG B 168 -16.78 -7.45 -14.34
C ARG B 168 -16.51 -8.93 -14.16
N ILE B 169 -15.44 -9.28 -13.46
CA ILE B 169 -15.14 -10.70 -13.22
C ILE B 169 -16.19 -11.33 -12.33
N ARG B 170 -16.53 -10.66 -11.22
CA ARG B 170 -17.53 -11.18 -10.30
C ARG B 170 -18.95 -11.08 -10.84
N GLY B 171 -19.19 -10.20 -11.81
CA GLY B 171 -20.53 -10.00 -12.31
C GLY B 171 -21.40 -9.30 -11.29
N THR B 172 -20.87 -8.24 -10.68
CA THR B 172 -21.53 -7.54 -9.60
C THR B 172 -21.64 -6.05 -9.94
N GLY B 173 -22.31 -5.31 -9.07
CA GLY B 173 -22.47 -3.88 -9.25
C GLY B 173 -23.27 -3.54 -10.50
N ASP B 174 -22.63 -2.83 -11.44
CA ASP B 174 -23.29 -2.44 -12.67
C ASP B 174 -23.59 -3.64 -13.56
N TYR B 175 -22.93 -4.76 -13.32
CA TYR B 175 -23.01 -5.91 -14.20
C TYR B 175 -23.88 -7.00 -13.58
N THR B 176 -24.38 -7.87 -14.43
CA THR B 176 -25.32 -8.91 -14.03
C THR B 176 -24.83 -10.31 -14.31
N LYS B 177 -23.85 -10.46 -15.21
CA LYS B 177 -23.10 -11.68 -15.38
C LYS B 177 -21.65 -11.27 -15.60
N SER B 178 -20.74 -12.22 -15.41
CA SER B 178 -19.33 -11.90 -15.57
C SER B 178 -19.05 -11.49 -17.02
N GLU B 179 -18.42 -10.33 -17.18
CA GLU B 179 -18.17 -9.75 -18.50
C GLU B 179 -16.67 -9.75 -18.79
N SER B 180 -16.35 -9.45 -20.04
CA SER B 180 -14.96 -9.28 -20.45
C SER B 180 -14.53 -7.84 -20.17
N PHE B 181 -13.37 -7.45 -20.68
CA PHE B 181 -12.80 -6.17 -20.31
C PHE B 181 -13.63 -5.02 -20.85
N SER B 182 -13.64 -3.92 -20.11
CA SER B 182 -14.15 -2.66 -20.63
C SER B 182 -13.28 -2.19 -21.78
N GLU B 183 -13.85 -1.34 -22.64
CA GLU B 183 -13.10 -0.87 -23.80
C GLU B 183 -11.81 -0.19 -23.37
N GLU B 184 -11.87 0.61 -22.31
CA GLU B 184 -10.68 1.31 -21.87
C GLU B 184 -9.65 0.35 -21.28
N GLN B 185 -10.11 -0.77 -20.71
CA GLN B 185 -9.18 -1.80 -20.24
C GLN B 185 -8.57 -2.57 -21.42
N LEU B 186 -9.39 -2.96 -22.39
CA LEU B 186 -8.88 -3.77 -23.49
C LEU B 186 -7.82 -3.04 -24.29
N LYS B 187 -8.01 -1.73 -24.49
CA LYS B 187 -7.01 -0.94 -25.22
C LYS B 187 -5.71 -0.84 -24.43
N ILE B 188 -5.79 -0.60 -23.12
CA ILE B 188 -4.59 -0.58 -22.28
C ILE B 188 -3.86 -1.90 -22.42
N LEU B 189 -4.60 -3.00 -22.41
CA LEU B 189 -4.04 -4.33 -22.64
C LEU B 189 -3.40 -4.42 -24.02
N LYS B 190 -4.20 -4.21 -25.06
CA LYS B 190 -3.74 -4.48 -26.42
C LYS B 190 -2.69 -3.49 -26.92
N GLU B 191 -2.70 -2.26 -26.42
CA GLU B 191 -1.87 -1.21 -26.98
C GLU B 191 -0.67 -0.83 -26.13
N LYS B 192 -0.73 -1.04 -24.82
CA LYS B 192 0.43 -0.81 -23.95
C LYS B 192 1.06 -2.13 -23.50
N VAL B 193 0.27 -3.02 -22.88
CA VAL B 193 0.82 -4.19 -22.22
C VAL B 193 1.34 -5.21 -23.24
N VAL B 194 0.46 -5.69 -24.11
CA VAL B 194 0.87 -6.71 -25.10
C VAL B 194 2.04 -6.23 -25.96
N PRO B 195 2.05 -5.01 -26.51
CA PRO B 195 3.21 -4.59 -27.31
C PRO B 195 4.52 -4.55 -26.53
N GLU B 196 4.49 -4.14 -25.26
CA GLU B 196 5.72 -4.12 -24.47
C GLU B 196 6.21 -5.54 -24.17
N LEU B 197 5.29 -6.46 -23.88
CA LEU B 197 5.67 -7.85 -23.71
C LEU B 197 6.22 -8.43 -25.00
N LYS B 198 5.57 -8.14 -26.14
CA LYS B 198 6.06 -8.59 -27.42
C LYS B 198 7.49 -8.13 -27.67
N ARG B 199 7.78 -6.86 -27.36
CA ARG B 199 9.11 -6.32 -27.59
C ARG B 199 10.15 -6.99 -26.71
N GLU B 200 9.77 -7.41 -25.50
CA GLU B 200 10.73 -8.05 -24.61
C GLU B 200 11.06 -9.48 -25.05
N LEU B 201 10.19 -10.11 -25.85
CA LEU B 201 10.40 -11.49 -26.25
C LEU B 201 11.00 -11.60 -27.65
N SER B 202 10.98 -10.54 -28.46
CA SER B 202 11.18 -10.65 -29.89
C SER B 202 12.03 -9.52 -30.47
N ASP B 203 12.04 -8.36 -29.82
CA ASP B 203 12.66 -7.18 -30.40
C ASP B 203 14.17 -7.21 -30.15
N LEU B 204 14.95 -7.16 -31.24
CA LEU B 204 16.41 -7.10 -31.11
C LEU B 204 16.86 -5.94 -30.24
N SER B 205 16.08 -4.87 -30.16
CA SER B 205 16.47 -3.73 -29.33
C SER B 205 16.48 -4.10 -27.86
N ASN B 206 15.59 -5.01 -27.45
CA ASN B 206 15.56 -5.45 -26.06
C ASN B 206 16.82 -6.22 -25.68
N GLY B 207 17.56 -6.72 -26.66
CA GLY B 207 18.80 -7.43 -26.44
C GLY B 207 20.03 -6.57 -26.50
N ASN B 208 19.89 -5.28 -26.82
CA ASN B 208 21.04 -4.39 -26.84
C ASN B 208 21.71 -4.39 -25.47
N VAL B 209 23.02 -4.58 -25.47
CA VAL B 209 23.82 -4.48 -24.26
C VAL B 209 24.90 -3.43 -24.50
N ASN B 210 24.92 -2.41 -23.66
CA ASN B 210 25.95 -1.38 -23.73
C ASN B 210 26.70 -1.38 -22.41
N ILE B 211 27.97 -1.77 -22.46
CA ILE B 211 28.82 -1.87 -21.28
C ILE B 211 29.87 -0.78 -21.38
N LEU B 212 30.01 0.01 -20.30
CA LEU B 212 30.99 1.09 -20.22
C LEU B 212 31.05 1.90 -21.52
N GLY B 213 29.87 2.23 -22.04
CA GLY B 213 29.78 3.07 -23.21
C GLY B 213 29.95 2.39 -24.54
N LEU B 214 29.93 1.07 -24.59
CA LEU B 214 30.15 0.35 -25.85
C LEU B 214 29.08 -0.71 -26.06
N ASP B 215 28.50 -0.73 -27.25
CA ASP B 215 27.51 -1.75 -27.60
C ASP B 215 28.18 -3.10 -27.80
N VAL B 216 27.45 -4.16 -27.47
CA VAL B 216 27.84 -5.50 -27.89
C VAL B 216 27.37 -5.71 -29.31
N SER B 217 28.30 -5.82 -30.25
CA SER B 217 27.94 -6.11 -31.63
C SER B 217 27.51 -7.56 -31.76
N ARG B 218 26.43 -7.78 -32.51
CA ARG B 218 26.05 -9.13 -32.93
C ARG B 218 26.75 -9.53 -34.21
N GLU B 219 28.01 -9.10 -34.35
CA GLU B 219 28.83 -9.32 -35.52
C GLU B 219 30.20 -9.79 -35.06
N ASP B 220 31.02 -10.22 -36.02
CA ASP B 220 32.42 -10.55 -35.75
C ASP B 220 33.26 -9.28 -35.90
N LYS B 221 33.01 -8.33 -34.99
CA LYS B 221 33.58 -6.99 -35.13
C LYS B 221 35.02 -6.91 -34.62
N TYR B 222 35.39 -7.68 -33.60
CA TYR B 222 36.67 -7.55 -32.93
C TYR B 222 37.46 -8.85 -33.02
N ALA B 223 38.73 -8.74 -33.40
CA ALA B 223 39.62 -9.89 -33.54
C ALA B 223 40.35 -10.18 -32.23
N PHE B 224 40.75 -11.44 -32.05
CA PHE B 224 41.46 -11.88 -30.85
C PHE B 224 42.57 -12.84 -31.22
N ASP B 225 43.78 -12.59 -30.69
CA ASP B 225 44.85 -13.57 -30.73
C ASP B 225 44.62 -14.59 -29.63
N THR B 226 44.26 -15.81 -30.01
CA THR B 226 43.98 -16.88 -29.05
C THR B 226 45.24 -17.55 -28.52
N THR B 227 46.41 -17.22 -29.07
CA THR B 227 47.63 -17.95 -28.74
C THR B 227 48.53 -17.21 -27.77
N ASN B 228 48.35 -15.89 -27.61
CA ASN B 228 49.15 -15.11 -26.68
C ASN B 228 48.45 -15.11 -25.32
N ILE B 229 49.03 -15.82 -24.36
CA ILE B 229 48.46 -16.04 -23.04
C ILE B 229 49.37 -15.36 -22.02
N PHE B 230 48.77 -14.83 -20.95
CA PHE B 230 49.57 -14.33 -19.84
C PHE B 230 48.85 -14.58 -18.52
N SER B 231 49.65 -14.80 -17.48
CA SER B 231 49.18 -14.96 -16.11
C SER B 231 50.02 -14.09 -15.18
N VAL B 232 49.63 -14.07 -13.91
CA VAL B 232 50.27 -13.21 -12.90
C VAL B 232 50.64 -14.05 -11.69
N TRP B 233 51.89 -13.93 -11.23
CA TRP B 233 52.26 -14.50 -9.93
C TRP B 233 53.13 -13.51 -9.15
N PHE B 234 52.53 -12.89 -8.14
CA PHE B 234 53.25 -12.09 -7.15
C PHE B 234 53.49 -12.95 -5.91
N SER B 235 54.76 -13.21 -5.61
CA SER B 235 55.11 -14.02 -4.46
C SER B 235 54.97 -13.24 -3.16
N ASN B 236 54.43 -13.90 -2.13
CA ASN B 236 54.41 -13.37 -0.77
C ASN B 236 55.62 -13.81 0.04
N ASN B 237 56.56 -14.51 -0.57
CA ASN B 237 57.77 -14.98 0.09
C ASN B 237 58.96 -14.58 -0.79
N PRO B 238 59.77 -13.61 -0.37
CA PRO B 238 60.89 -13.17 -1.23
C PRO B 238 61.87 -14.28 -1.58
N ALA B 239 61.89 -15.38 -0.84
CA ALA B 239 62.80 -16.48 -1.14
C ALA B 239 62.26 -17.40 -2.23
N VAL B 240 60.94 -17.53 -2.35
CA VAL B 240 60.30 -18.36 -3.36
C VAL B 240 59.74 -17.46 -4.45
N TYR B 241 60.15 -17.67 -5.70
CA TYR B 241 59.59 -16.87 -6.78
C TYR B 241 58.28 -17.43 -7.28
N MET B 242 58.06 -18.74 -7.14
CA MET B 242 56.84 -19.39 -7.56
C MET B 242 56.80 -20.80 -6.99
N PRO B 243 55.74 -21.16 -6.26
CA PRO B 243 55.64 -22.52 -5.72
C PRO B 243 55.73 -23.57 -6.82
N GLN B 244 56.33 -24.71 -6.47
CA GLN B 244 56.57 -25.76 -7.46
C GLN B 244 55.28 -26.25 -8.09
N HIS B 245 54.21 -26.38 -7.30
CA HIS B 245 52.94 -26.85 -7.87
C HIS B 245 52.41 -25.88 -8.92
N VAL B 246 52.52 -24.58 -8.67
CA VAL B 246 52.10 -23.61 -9.69
C VAL B 246 53.03 -23.68 -10.90
N LYS B 247 54.33 -23.87 -10.66
CA LYS B 247 55.29 -23.90 -11.75
C LYS B 247 54.97 -25.01 -12.76
N THR B 248 54.65 -26.21 -12.27
CA THR B 248 54.35 -27.31 -13.18
C THR B 248 53.09 -27.04 -13.99
N GLN B 249 52.12 -26.33 -13.40
CA GLN B 249 50.95 -25.94 -14.18
C GLN B 249 51.35 -25.07 -15.37
N VAL B 250 52.12 -24.02 -15.10
CA VAL B 250 52.52 -23.08 -16.16
C VAL B 250 53.41 -23.78 -17.18
N GLU B 251 54.38 -24.57 -16.72
CA GLU B 251 55.24 -25.32 -17.62
C GLU B 251 54.43 -26.12 -18.63
N LYS B 252 53.39 -26.80 -18.15
CA LYS B 252 52.58 -27.65 -19.01
C LYS B 252 51.79 -26.86 -20.04
N THR B 253 51.19 -25.73 -19.63
CA THR B 253 50.45 -24.92 -20.61
C THR B 253 51.39 -24.27 -21.60
N ALA B 254 52.56 -23.80 -21.15
CA ALA B 254 53.52 -23.18 -22.05
C ALA B 254 53.93 -24.14 -23.16
N LYS B 255 54.19 -25.40 -22.83
CA LYS B 255 54.58 -26.37 -23.85
C LYS B 255 53.43 -26.65 -24.81
N LEU B 256 52.21 -26.81 -24.28
CA LEU B 256 51.06 -27.07 -25.14
C LEU B 256 50.66 -25.86 -25.97
N ASN B 257 51.04 -24.66 -25.54
CA ASN B 257 50.66 -23.43 -26.25
C ASN B 257 51.75 -22.99 -27.23
N GLN B 258 52.18 -23.92 -28.08
CA GLN B 258 53.12 -23.59 -29.13
C GLN B 258 52.43 -23.85 -30.46
N PRO B 259 52.53 -22.94 -31.44
CA PRO B 259 53.46 -21.81 -31.56
C PRO B 259 53.12 -20.51 -30.78
N GLY B 260 52.17 -20.53 -29.87
CA GLY B 260 51.80 -19.33 -29.12
C GLY B 260 52.88 -18.72 -28.22
N LYS B 261 52.49 -17.73 -27.42
CA LYS B 261 53.38 -17.01 -26.51
C LYS B 261 52.77 -17.03 -25.10
N THR B 262 53.61 -17.26 -24.08
CA THR B 262 53.13 -17.39 -22.70
C THR B 262 53.94 -16.48 -21.78
N ARG B 263 53.26 -15.53 -21.15
CA ARG B 263 53.90 -14.54 -20.30
C ARG B 263 53.41 -14.64 -18.86
N ILE B 264 54.26 -14.22 -17.92
CA ILE B 264 53.91 -14.19 -16.50
C ILE B 264 54.33 -12.85 -15.91
N VAL B 265 53.37 -12.16 -15.29
CA VAL B 265 53.62 -10.88 -14.64
C VAL B 265 54.06 -11.13 -13.20
N PHE B 266 55.16 -10.50 -12.80
CA PHE B 266 55.69 -10.65 -11.45
C PHE B 266 56.23 -9.30 -10.98
N SER B 267 56.74 -9.27 -9.76
CA SER B 267 57.31 -8.07 -9.16
C SER B 267 58.66 -8.43 -8.55
N SER B 268 59.73 -7.92 -9.15
CA SER B 268 61.07 -8.23 -8.65
C SER B 268 61.31 -7.64 -7.27
N LEU B 269 60.62 -6.55 -6.92
CA LEU B 269 60.79 -5.91 -5.58
C LEU B 269 60.18 -6.81 -4.50
N CYS B 270 59.54 -7.88 -4.90
CA CYS B 270 58.93 -8.82 -3.94
C CYS B 270 59.82 -10.06 -3.90
N LEU B 271 60.95 -10.04 -4.57
CA LEU B 271 61.82 -11.23 -4.68
C LEU B 271 63.28 -10.91 -4.34
N ASN B 272 64.05 -11.91 -3.86
CA ASN B 272 65.50 -11.77 -3.59
C ASN B 272 66.25 -11.83 -4.91
N GLU B 273 67.49 -11.33 -4.99
CA GLU B 273 68.24 -11.46 -6.25
C GLU B 273 68.33 -12.93 -6.65
N THR B 274 68.62 -13.82 -5.70
CA THR B 274 68.66 -15.28 -5.97
C THR B 274 67.36 -15.72 -6.66
N ALA B 275 66.21 -15.34 -6.12
CA ALA B 275 64.90 -15.72 -6.70
C ALA B 275 64.66 -15.03 -8.05
N GLN B 276 65.09 -13.80 -8.21
CA GLN B 276 64.98 -13.13 -9.52
C GLN B 276 65.80 -13.88 -10.57
N ILE B 277 67.04 -14.24 -10.26
CA ILE B 277 67.96 -14.90 -11.24
C ILE B 277 67.39 -16.27 -11.59
N ASP B 278 66.91 -16.99 -10.58
CA ASP B 278 66.34 -18.34 -10.79
C ASP B 278 65.03 -18.28 -11.57
N PHE B 279 64.22 -17.23 -11.39
CA PHE B 279 62.96 -17.06 -12.14
C PHE B 279 63.27 -16.84 -13.61
N GLN B 280 64.16 -15.90 -13.89
CA GLN B 280 64.57 -15.64 -15.29
C GLN B 280 65.15 -16.93 -15.88
N GLN B 281 65.95 -17.65 -15.09
CA GLN B 281 66.53 -18.91 -15.58
C GLN B 281 65.44 -19.92 -15.88
N TRP B 282 64.53 -20.15 -14.92
CA TRP B 282 63.41 -21.05 -15.14
C TRP B 282 62.59 -20.63 -16.36
N ALA B 283 62.40 -19.32 -16.54
CA ALA B 283 61.56 -18.84 -17.64
C ALA B 283 62.20 -19.11 -18.99
N LYS B 284 63.49 -18.77 -19.14
CA LYS B 284 64.18 -19.03 -20.39
C LYS B 284 64.16 -20.51 -20.74
N GLU B 285 64.28 -21.37 -19.71
CA GLU B 285 64.26 -22.81 -19.92
C GLU B 285 62.91 -23.32 -20.39
N ASN B 286 61.84 -22.55 -20.19
CA ASN B 286 60.50 -22.99 -20.55
C ASN B 286 59.83 -22.10 -21.59
N ASN B 287 60.60 -21.24 -22.27
CA ASN B 287 60.06 -20.37 -23.31
C ASN B 287 58.93 -19.51 -22.75
N ILE B 288 59.20 -18.89 -21.61
CA ILE B 288 58.23 -18.08 -20.89
C ILE B 288 58.81 -16.68 -20.73
N GLU B 289 58.05 -15.67 -21.15
CA GLU B 289 58.44 -14.28 -20.95
C GLU B 289 57.97 -13.78 -19.59
N LEU B 290 58.86 -13.13 -18.86
CA LEU B 290 58.52 -12.48 -17.61
C LEU B 290 58.30 -10.99 -17.84
N VAL B 291 57.32 -10.42 -17.14
CA VAL B 291 57.04 -8.99 -17.19
C VAL B 291 57.12 -8.48 -15.76
N ASP B 292 58.18 -7.71 -15.47
CA ASP B 292 58.41 -7.17 -14.14
C ASP B 292 57.73 -5.81 -14.05
N ILE B 293 56.61 -5.75 -13.32
CA ILE B 293 55.90 -4.48 -13.14
C ILE B 293 56.80 -3.41 -12.54
N ASP B 294 57.84 -3.80 -11.81
CA ASP B 294 58.80 -2.85 -11.28
C ASP B 294 59.79 -2.37 -12.33
N SER B 295 59.70 -2.87 -13.56
CA SER B 295 60.61 -2.50 -14.63
C SER B 295 59.93 -1.67 -15.72
N ILE B 296 58.74 -1.13 -15.44
CA ILE B 296 57.96 -0.42 -16.43
C ILE B 296 58.06 1.08 -16.17
N ASP B 297 58.51 1.82 -17.20
CA ASP B 297 58.53 3.28 -17.15
C ASP B 297 57.11 3.81 -17.09
N LEU B 298 56.70 4.34 -15.94
CA LEU B 298 55.34 4.83 -15.76
C LEU B 298 55.07 6.13 -16.48
N LYS B 299 56.11 6.82 -16.94
CA LYS B 299 55.93 8.00 -17.78
C LYS B 299 55.68 7.63 -19.24
N SER B 300 55.87 6.37 -19.62
CA SER B 300 55.62 5.90 -20.97
C SER B 300 54.20 5.39 -21.19
N VAL B 301 53.40 5.27 -20.13
CA VAL B 301 52.13 4.55 -20.19
C VAL B 301 50.99 5.53 -19.96
N SER B 302 49.78 5.07 -20.26
CA SER B 302 48.59 5.89 -20.08
C SER B 302 48.39 6.23 -18.60
N GLU B 303 47.74 7.37 -18.35
CA GLU B 303 47.44 7.81 -17.00
C GLU B 303 46.82 6.69 -16.17
N THR B 304 45.88 5.94 -16.77
CA THR B 304 45.19 4.89 -16.03
C THR B 304 46.08 3.67 -15.80
N ASP B 305 46.95 3.36 -16.77
CA ASP B 305 47.93 2.30 -16.55
C ASP B 305 48.86 2.63 -15.39
N ALA B 306 49.37 3.86 -15.35
CA ALA B 306 50.21 4.30 -14.24
C ALA B 306 49.50 4.14 -12.91
N GLN B 307 48.22 4.51 -12.85
CA GLN B 307 47.48 4.41 -11.59
C GLN B 307 47.38 2.96 -11.12
N LEU B 308 46.90 2.07 -12.00
CA LEU B 308 46.78 0.65 -11.65
C LEU B 308 48.12 0.09 -11.16
N LEU B 309 49.19 0.31 -11.94
CA LEU B 309 50.50 -0.22 -11.57
C LEU B 309 50.95 0.34 -10.21
N ASN B 310 50.79 1.64 -10.01
CA ASN B 310 51.12 2.23 -8.71
C ASN B 310 50.29 1.59 -7.61
N LEU B 311 48.98 1.46 -7.84
CA LEU B 311 48.12 0.75 -6.90
C LEU B 311 48.63 -0.65 -6.63
N ALA B 312 49.07 -1.36 -7.67
CA ALA B 312 49.58 -2.71 -7.51
C ALA B 312 50.86 -2.74 -6.69
N LYS B 313 51.79 -1.83 -6.99
CA LYS B 313 53.03 -1.75 -6.22
C LYS B 313 52.75 -1.42 -4.75
N ASP B 314 51.80 -0.52 -4.50
CA ASP B 314 51.45 -0.16 -3.13
C ASP B 314 50.85 -1.36 -2.38
N GLU B 315 49.98 -2.12 -3.05
CA GLU B 315 49.47 -3.35 -2.45
C GLU B 315 50.62 -4.30 -2.11
N LEU B 316 51.49 -4.57 -3.08
CA LEU B 316 52.61 -5.46 -2.83
C LEU B 316 53.56 -4.90 -1.79
N GLY B 317 53.72 -3.57 -1.75
CA GLY B 317 54.55 -2.96 -0.72
C GLY B 317 53.95 -3.11 0.66
N ALA B 318 52.64 -2.88 0.79
CA ALA B 318 51.99 -3.07 2.07
C ALA B 318 52.01 -4.53 2.49
N MET B 319 51.94 -5.46 1.53
CA MET B 319 52.11 -6.87 1.83
C MET B 319 53.49 -7.14 2.42
N ARG B 320 54.54 -6.60 1.78
CA ARG B 320 55.90 -6.82 2.25
C ARG B 320 56.08 -6.33 3.68
N LYS B 321 55.56 -5.14 3.99
CA LYS B 321 55.68 -4.55 5.31
C LYS B 321 54.61 -5.04 6.28
N GLY B 322 53.85 -6.07 5.90
CA GLY B 322 52.70 -6.53 6.64
C GLY B 322 51.79 -5.44 7.15
N LYS B 323 51.31 -4.59 6.25
CA LYS B 323 50.43 -3.49 6.59
C LYS B 323 49.17 -3.52 5.73
N GLY B 324 48.64 -4.71 5.46
CA GLY B 324 47.36 -4.87 4.81
C GLY B 324 47.39 -5.18 3.33
N GLY B 325 48.55 -5.08 2.69
CA GLY B 325 48.64 -5.37 1.27
C GLY B 325 48.28 -6.82 0.94
N ASN B 326 47.93 -7.05 -0.32
CA ASN B 326 47.47 -8.36 -0.75
C ASN B 326 47.87 -8.65 -2.19
N PRO B 327 48.54 -9.78 -2.45
CA PRO B 327 48.96 -10.09 -3.83
C PRO B 327 47.80 -10.41 -4.76
N ALA B 328 46.73 -11.04 -4.25
CA ALA B 328 45.56 -11.29 -5.10
C ALA B 328 44.96 -9.97 -5.59
N ALA B 329 44.97 -8.95 -4.74
CA ALA B 329 44.50 -7.64 -5.15
C ALA B 329 45.36 -7.07 -6.27
N ALA B 330 46.68 -7.18 -6.13
CA ALA B 330 47.58 -6.67 -7.17
C ALA B 330 47.40 -7.45 -8.46
N SER B 331 47.22 -8.77 -8.37
CA SER B 331 46.90 -9.56 -9.55
C SER B 331 45.61 -9.09 -10.20
N ASP B 332 44.61 -8.75 -9.38
CA ASP B 332 43.36 -8.21 -9.92
C ASP B 332 43.61 -6.96 -10.74
N LEU B 333 44.52 -6.10 -10.28
CA LEU B 333 44.74 -4.80 -10.90
C LEU B 333 45.50 -4.92 -12.22
N VAL B 334 46.61 -5.67 -12.23
CA VAL B 334 47.51 -5.61 -13.37
C VAL B 334 46.93 -6.24 -14.62
N ARG B 335 45.88 -7.08 -14.50
CA ARG B 335 45.29 -7.68 -15.69
C ARG B 335 44.70 -6.64 -16.63
N TRP B 336 44.34 -5.47 -16.10
CA TRP B 336 43.69 -4.45 -16.88
C TRP B 336 44.66 -3.41 -17.42
N VAL B 337 45.96 -3.62 -17.23
CA VAL B 337 46.96 -2.65 -17.66
C VAL B 337 47.20 -2.82 -19.15
N ASP B 338 47.05 -1.71 -19.89
CA ASP B 338 47.12 -1.77 -21.35
C ASP B 338 48.46 -2.30 -21.83
N VAL B 339 49.56 -1.76 -21.29
CA VAL B 339 50.88 -2.13 -21.79
C VAL B 339 51.21 -3.58 -21.49
N ILE B 340 50.64 -4.16 -20.43
CA ILE B 340 50.91 -5.56 -20.11
C ILE B 340 50.09 -6.47 -21.01
N ILE B 341 48.84 -6.09 -21.29
CA ILE B 341 48.02 -6.85 -22.24
C ILE B 341 48.72 -6.90 -23.60
N GLY B 342 49.25 -5.77 -24.05
CA GLY B 342 49.93 -5.68 -25.33
C GLY B 342 48.98 -5.73 -26.52
N GLU B 343 49.48 -6.32 -27.61
CA GLU B 343 48.78 -6.21 -28.89
C GLU B 343 47.45 -6.95 -28.86
N SER B 344 47.42 -8.14 -28.26
CA SER B 344 46.21 -8.92 -28.09
C SER B 344 46.53 -10.16 -27.26
N SER B 345 45.78 -10.38 -26.19
CA SER B 345 46.18 -11.36 -25.19
C SER B 345 44.95 -11.85 -24.47
N THR B 346 45.10 -12.99 -23.79
CA THR B 346 44.08 -13.52 -22.90
C THR B 346 44.71 -13.73 -21.52
N TYR B 347 44.16 -13.06 -20.51
CA TYR B 347 44.54 -13.38 -19.14
C TYR B 347 44.00 -14.74 -18.75
N ILE B 348 44.83 -15.53 -18.07
CA ILE B 348 44.43 -16.81 -17.51
C ILE B 348 44.82 -16.86 -16.03
N ASP B 349 43.97 -17.49 -15.22
CA ASP B 349 44.42 -17.96 -13.91
C ASP B 349 45.47 -19.04 -14.09
N ILE B 350 46.52 -19.00 -13.28
CA ILE B 350 47.68 -19.85 -13.51
C ILE B 350 47.36 -21.35 -13.48
N ASP B 351 46.19 -21.75 -12.97
CA ASP B 351 45.86 -23.16 -12.79
C ASP B 351 44.72 -23.61 -13.69
N LEU B 352 44.50 -22.95 -14.83
CA LEU B 352 43.42 -23.35 -15.71
C LEU B 352 43.86 -24.48 -16.63
N PRO B 353 43.04 -25.52 -16.81
CA PRO B 353 43.38 -26.58 -17.77
C PRO B 353 43.23 -26.11 -19.21
N MET B 354 44.14 -26.59 -20.06
CA MET B 354 44.04 -26.39 -21.48
C MET B 354 42.99 -27.34 -22.07
N ASN B 355 42.33 -26.87 -23.13
CA ASN B 355 41.28 -27.65 -23.78
C ASN B 355 41.90 -28.73 -24.63
N ASP B 356 41.10 -29.74 -24.97
CA ASP B 356 41.60 -30.78 -25.88
C ASP B 356 41.90 -30.20 -27.28
N LYS B 357 40.90 -29.63 -27.94
CA LYS B 357 41.09 -29.02 -29.27
C LYS B 357 41.26 -27.51 -29.15
N LYS B 358 42.27 -26.98 -29.83
CA LYS B 358 42.51 -25.54 -29.88
C LYS B 358 41.59 -24.89 -30.92
N VAL B 359 41.32 -23.60 -30.71
CA VAL B 359 40.56 -22.81 -31.67
C VAL B 359 41.52 -22.13 -32.64
N THR B 360 40.98 -21.59 -33.74
CA THR B 360 41.78 -20.87 -34.71
C THR B 360 42.59 -19.77 -34.04
N VAL B 361 43.78 -19.51 -34.59
CA VAL B 361 44.71 -18.59 -33.94
C VAL B 361 44.11 -17.19 -33.83
N GLU B 362 43.24 -16.81 -34.77
CA GLU B 362 42.41 -15.62 -34.64
C GLU B 362 40.95 -16.04 -34.49
N VAL B 363 40.26 -15.44 -33.52
CA VAL B 363 38.82 -15.57 -33.40
C VAL B 363 38.22 -14.18 -33.30
N HIS B 364 36.90 -14.11 -33.44
CA HIS B 364 36.18 -12.85 -33.39
C HIS B 364 34.99 -12.95 -32.45
N SER B 365 34.65 -11.82 -31.82
CA SER B 365 33.40 -11.69 -31.10
C SER B 365 32.91 -10.25 -31.24
N GLY B 366 31.84 -9.92 -30.52
CA GLY B 366 31.21 -8.62 -30.66
C GLY B 366 31.48 -7.65 -29.54
N PHE B 367 32.55 -7.91 -28.75
CA PHE B 367 32.97 -7.00 -27.71
C PHE B 367 34.48 -7.13 -27.59
N PRO B 368 35.20 -6.02 -27.35
CA PRO B 368 36.66 -6.08 -27.35
C PRO B 368 37.27 -6.68 -26.10
N VAL B 369 36.45 -6.97 -25.08
CA VAL B 369 36.95 -7.56 -23.84
C VAL B 369 35.99 -8.67 -23.42
N LEU B 370 36.47 -9.90 -23.41
CA LEU B 370 35.65 -11.08 -23.17
C LEU B 370 35.96 -11.61 -21.77
N LEU B 371 35.02 -11.42 -20.84
CA LEU B 371 35.12 -12.08 -19.55
C LEU B 371 34.64 -13.52 -19.65
N ASN B 372 34.96 -14.30 -18.62
CA ASN B 372 34.39 -15.63 -18.47
C ASN B 372 32.96 -15.49 -17.94
N MET B 373 32.02 -16.21 -18.55
CA MET B 373 30.61 -16.02 -18.24
C MET B 373 29.89 -17.37 -18.20
N GLY B 374 28.83 -17.42 -17.41
CA GLY B 374 27.87 -18.50 -17.48
C GLY B 374 26.58 -18.11 -16.81
N SER B 375 25.74 -19.12 -16.56
CA SER B 375 24.44 -18.89 -15.93
C SER B 375 23.99 -20.16 -15.24
N ALA B 376 23.30 -19.99 -14.11
CA ALA B 376 22.63 -21.08 -13.40
C ALA B 376 21.12 -20.95 -13.58
N LEU B 377 20.46 -22.08 -13.85
CA LEU B 377 19.02 -22.13 -14.03
C LEU B 377 18.34 -22.75 -12.81
N THR B 378 17.33 -22.07 -12.28
CA THR B 378 16.41 -22.64 -11.30
C THR B 378 15.05 -22.90 -11.96
N LYS B 379 14.61 -24.15 -11.94
CA LYS B 379 13.30 -24.52 -12.48
C LYS B 379 12.20 -23.70 -11.83
N ASP B 380 11.24 -23.24 -12.65
CA ASP B 380 10.08 -22.49 -12.18
C ASP B 380 8.77 -23.17 -12.58
N GLY B 381 8.73 -24.50 -12.56
CA GLY B 381 7.48 -25.22 -12.69
C GLY B 381 6.78 -25.07 -14.03
N GLN B 382 5.60 -24.43 -14.02
CA GLN B 382 4.84 -24.25 -15.25
C GLN B 382 5.45 -23.22 -16.19
N GLN B 383 6.42 -22.45 -15.72
CA GLN B 383 7.01 -21.36 -16.48
C GLN B 383 8.50 -21.60 -16.70
N PRO B 384 9.10 -20.97 -17.70
CA PRO B 384 10.49 -21.26 -18.03
C PRO B 384 11.45 -20.80 -16.94
N ALA B 385 12.63 -21.42 -16.93
CA ALA B 385 13.53 -21.36 -15.80
C ALA B 385 14.13 -19.97 -15.62
N MET B 386 14.31 -19.59 -14.36
CA MET B 386 15.09 -18.40 -14.05
C MET B 386 16.54 -18.61 -14.44
N GLU B 387 17.19 -17.56 -14.94
CA GLU B 387 18.56 -17.66 -15.39
C GLU B 387 19.37 -16.55 -14.73
N ASN B 388 20.41 -16.93 -13.98
CA ASN B 388 21.23 -15.98 -13.25
C ASN B 388 22.63 -15.95 -13.84
N PRO B 389 23.08 -14.84 -14.42
CA PRO B 389 24.40 -14.83 -15.05
C PRO B 389 25.52 -14.83 -14.03
N ALA B 390 26.61 -15.50 -14.38
CA ALA B 390 27.84 -15.46 -13.60
C ALA B 390 28.92 -14.78 -14.43
N PHE B 391 29.63 -13.84 -13.82
CA PHE B 391 30.74 -13.14 -14.45
C PHE B 391 32.02 -13.44 -13.68
N ASN B 392 33.12 -13.63 -14.40
CA ASN B 392 34.38 -13.94 -13.74
C ASN B 392 35.54 -13.35 -14.53
N THR B 393 36.64 -13.14 -13.81
CA THR B 393 37.88 -12.64 -14.37
C THR B 393 39.00 -13.69 -14.35
N ASP B 394 38.67 -14.95 -14.13
CA ASP B 394 39.66 -16.01 -14.25
C ASP B 394 40.10 -16.21 -15.69
N MET B 395 39.36 -15.64 -16.64
CA MET B 395 39.67 -15.75 -18.06
C MET B 395 39.19 -14.46 -18.72
N ILE B 396 40.15 -13.60 -19.08
CA ILE B 396 39.83 -12.32 -19.78
C ILE B 396 40.52 -12.23 -21.14
N ALA B 397 39.75 -12.24 -22.22
CA ALA B 397 40.29 -12.12 -23.59
C ALA B 397 40.27 -10.66 -24.03
N TYR B 398 41.38 -10.16 -24.56
CA TYR B 398 41.50 -8.75 -24.96
C TYR B 398 41.76 -8.62 -26.47
N SER B 399 41.09 -7.69 -27.14
CA SER B 399 41.12 -7.57 -28.63
C SER B 399 42.28 -6.82 -29.25
N LYS B 400 42.43 -7.02 -30.57
CA LYS B 400 43.43 -6.30 -31.37
C LYS B 400 42.98 -4.86 -31.66
N ASP B 401 41.67 -4.57 -31.60
CA ASP B 401 41.17 -3.17 -31.61
C ASP B 401 41.54 -2.61 -30.25
N LYS B 402 42.62 -1.85 -30.19
CA LYS B 402 43.14 -1.38 -28.89
C LYS B 402 42.36 -0.14 -28.46
N GLU B 403 41.75 0.55 -29.40
CA GLU B 403 41.01 1.80 -29.08
C GLU B 403 39.63 1.45 -28.54
N ALA B 404 39.08 0.31 -28.94
CA ALA B 404 37.79 -0.12 -28.36
C ALA B 404 38.05 -0.75 -26.99
N ARG B 405 39.17 -1.45 -26.86
CA ARG B 405 39.52 -2.14 -25.61
C ARG B 405 39.92 -1.10 -24.57
N ARG B 406 40.61 -0.04 -24.98
CA ARG B 406 41.06 1.00 -24.04
C ARG B 406 39.83 1.64 -23.41
N GLN B 407 38.72 1.71 -24.15
CA GLN B 407 37.47 2.25 -23.59
C GLN B 407 37.00 1.36 -22.44
N ILE B 408 37.05 0.05 -22.63
CA ILE B 408 36.54 -0.86 -21.60
C ILE B 408 37.51 -0.94 -20.42
N ILE B 409 38.81 -1.14 -20.71
CA ILE B 409 39.75 -1.42 -19.62
C ILE B 409 40.02 -0.18 -18.79
N GLU B 410 39.96 1.00 -19.40
CA GLU B 410 40.12 2.22 -18.60
C GLU B 410 38.86 2.52 -17.80
N GLY B 411 37.69 2.23 -18.36
CA GLY B 411 36.47 2.34 -17.59
C GLY B 411 36.47 1.41 -16.39
N VAL B 412 36.84 0.15 -16.62
CA VAL B 412 37.03 -0.79 -15.51
C VAL B 412 38.03 -0.23 -14.50
N ALA B 413 39.12 0.36 -15.00
CA ALA B 413 40.20 0.83 -14.13
C ALA B 413 39.74 2.00 -13.27
N LYS B 414 39.17 3.03 -13.91
CA LYS B 414 38.64 4.18 -13.17
C LYS B 414 37.70 3.76 -12.05
N LYS B 415 36.85 2.75 -12.29
CA LYS B 415 35.90 2.33 -11.27
C LYS B 415 36.60 1.64 -10.11
N ILE B 416 37.55 0.75 -10.40
CA ILE B 416 38.35 0.14 -9.35
C ILE B 416 39.09 1.21 -8.54
N ILE B 417 39.70 2.19 -9.25
CA ILE B 417 40.41 3.25 -8.55
C ILE B 417 39.44 4.08 -7.72
N ALA B 418 38.24 4.33 -8.25
CA ALA B 418 37.21 5.04 -7.50
C ALA B 418 36.97 4.39 -6.14
N ARG B 419 36.94 3.06 -6.09
CA ARG B 419 36.66 2.38 -4.82
C ARG B 419 37.84 2.47 -3.88
N TYR B 420 39.06 2.42 -4.41
CA TYR B 420 40.23 2.59 -3.56
C TYR B 420 40.29 3.99 -2.98
N GLU B 421 39.79 4.98 -3.72
CA GLU B 421 39.85 6.37 -3.29
C GLU B 421 38.71 6.78 -2.38
N ASN B 422 37.68 5.96 -2.23
CA ASN B 422 36.55 6.28 -1.37
C ASN B 422 36.10 5.01 -0.64
N CYS B 423 37.05 4.36 0.04
CA CYS B 423 36.76 3.11 0.73
C CYS B 423 35.56 3.24 1.67
N ALA B 424 35.60 4.22 2.57
CA ALA B 424 34.52 4.41 3.53
C ALA B 424 33.16 4.54 2.83
N LYS B 425 33.10 5.36 1.78
CA LYS B 425 31.84 5.57 1.06
C LYS B 425 31.32 4.27 0.47
N TYR B 426 32.18 3.52 -0.22
CA TYR B 426 31.72 2.32 -0.90
C TYR B 426 31.36 1.21 0.08
N ILE B 427 32.03 1.16 1.23
CA ILE B 427 31.68 0.16 2.23
C ILE B 427 30.34 0.51 2.86
N GLU B 428 30.10 1.81 3.09
CA GLU B 428 28.80 2.25 3.57
C GLU B 428 27.68 1.87 2.60
N GLU B 429 27.95 1.94 1.30
CA GLU B 429 26.92 1.75 0.28
C GLU B 429 26.87 0.34 -0.30
N SER B 430 27.84 -0.51 0.03
CA SER B 430 27.87 -1.85 -0.54
C SER B 430 26.69 -2.69 -0.09
N LYS B 431 26.23 -3.58 -0.98
CA LYS B 431 25.19 -4.54 -0.66
C LYS B 431 25.74 -5.90 -0.25
N ASN B 432 27.06 -6.06 -0.24
CA ASN B 432 27.68 -7.29 0.24
C ASN B 432 27.37 -7.52 1.71
N GLU B 433 26.73 -8.64 2.02
CA GLU B 433 26.23 -8.86 3.38
C GLU B 433 27.35 -8.79 4.40
N GLU B 434 28.51 -9.38 4.08
CA GLU B 434 29.63 -9.35 5.00
C GLU B 434 30.16 -7.94 5.22
N LEU B 435 30.05 -7.06 4.22
CA LEU B 435 30.49 -5.68 4.40
C LEU B 435 29.56 -4.89 5.30
N VAL B 436 28.28 -5.27 5.38
CA VAL B 436 27.39 -4.59 6.30
C VAL B 436 27.67 -4.98 7.75
N ARG B 437 27.98 -6.25 8.02
CA ARG B 437 28.43 -6.62 9.36
C ARG B 437 29.69 -5.82 9.74
N LEU B 438 30.67 -5.75 8.82
CA LEU B 438 31.89 -5.02 9.12
C LEU B 438 31.58 -3.56 9.39
N LYS B 439 30.80 -2.93 8.52
CA LYS B 439 30.48 -1.52 8.70
C LYS B 439 29.79 -1.26 10.03
N ASN B 440 29.08 -2.25 10.58
CA ASN B 440 28.34 -2.07 11.81
C ASN B 440 29.10 -2.54 13.05
N SER B 441 30.29 -3.11 12.88
CA SER B 441 31.10 -3.52 14.02
C SER B 441 31.54 -2.29 14.81
N PRO B 442 31.60 -2.40 16.15
CA PRO B 442 32.19 -1.30 16.94
C PRO B 442 33.59 -0.91 16.49
N GLY B 443 34.42 -1.90 16.13
CA GLY B 443 35.78 -1.60 15.72
C GLY B 443 35.84 -0.73 14.48
N TYR B 444 35.04 -1.06 13.46
CA TYR B 444 35.00 -0.25 12.25
C TYR B 444 34.53 1.17 12.55
N LYS B 445 33.47 1.31 13.36
CA LYS B 445 32.95 2.64 13.66
C LYS B 445 33.99 3.48 14.40
N LEU B 446 34.70 2.86 15.34
CA LEU B 446 35.78 3.56 16.03
C LEU B 446 36.97 3.81 15.10
N PHE B 447 37.22 2.87 14.19
CA PHE B 447 38.26 3.04 13.18
C PHE B 447 37.93 4.22 12.27
N VAL B 448 36.67 4.35 11.86
CA VAL B 448 36.28 5.46 11.00
C VAL B 448 36.29 6.77 11.77
N GLU B 449 36.06 6.72 13.09
CA GLU B 449 36.12 7.94 13.91
C GLU B 449 37.56 8.39 14.17
N LYS B 450 38.52 7.47 14.23
CA LYS B 450 39.90 7.88 14.50
C LYS B 450 40.52 8.48 13.26
N THR B 451 40.35 7.83 12.12
CA THR B 451 40.50 8.54 10.87
C THR B 451 39.29 9.45 10.67
N ASP B 452 39.30 10.21 9.59
CA ASP B 452 38.13 11.04 9.27
C ASP B 452 37.28 10.38 8.21
N GLY B 453 37.15 9.07 8.26
CA GLY B 453 36.66 8.36 7.10
C GLY B 453 37.68 8.33 5.99
N LYS B 454 38.92 8.72 6.28
CA LYS B 454 39.99 8.88 5.28
C LYS B 454 41.04 7.80 5.55
N PHE B 455 41.00 6.73 4.77
CA PHE B 455 41.94 5.63 4.94
C PHE B 455 42.12 4.88 3.62
N ASP B 456 43.33 4.36 3.42
CA ASP B 456 43.55 3.35 2.38
C ASP B 456 42.79 2.07 2.71
N LEU B 457 42.41 1.35 1.64
CA LEU B 457 41.92 -0.01 1.81
C LEU B 457 42.91 -0.90 2.55
N CYS B 458 44.21 -0.67 2.36
CA CYS B 458 45.22 -1.51 3.01
C CYS B 458 45.21 -1.32 4.52
N THR B 459 45.13 -0.07 4.98
CA THR B 459 45.00 0.21 6.40
C THR B 459 43.80 -0.53 7.00
N LEU B 460 42.68 -0.53 6.28
CA LEU B 460 41.49 -1.22 6.77
C LEU B 460 41.74 -2.73 6.89
N ARG B 461 42.25 -3.34 5.81
CA ARG B 461 42.61 -4.75 5.85
C ARG B 461 43.50 -5.06 7.06
N ALA B 462 44.55 -4.24 7.26
CA ALA B 462 45.44 -4.43 8.39
C ALA B 462 44.69 -4.40 9.72
N ALA B 463 43.75 -3.46 9.87
CA ALA B 463 42.98 -3.37 11.11
C ALA B 463 42.13 -4.61 11.30
N VAL B 464 41.48 -5.07 10.22
CA VAL B 464 40.69 -6.28 10.31
C VAL B 464 41.59 -7.48 10.60
N SER B 465 42.84 -7.52 10.12
CA SER B 465 43.65 -8.67 10.54
C SER B 465 44.21 -8.47 11.95
N GLU B 466 44.42 -7.22 12.40
CA GLU B 466 44.89 -7.05 13.78
C GLU B 466 43.80 -7.48 14.76
N ALA B 467 42.53 -7.25 14.41
CA ALA B 467 41.43 -8.03 14.98
C ALA B 467 41.59 -9.47 14.48
N HIS B 468 41.02 -10.41 15.22
CA HIS B 468 41.27 -11.84 15.03
C HIS B 468 42.66 -12.26 15.45
N GLN B 469 43.44 -11.38 16.11
CA GLN B 469 44.71 -11.74 16.68
C GLN B 469 44.64 -12.23 18.11
N ASP B 470 43.84 -11.62 18.94
CA ASP B 470 43.69 -12.10 20.30
C ASP B 470 42.25 -11.89 20.70
N ALA B 471 41.87 -12.51 21.80
CA ALA B 471 40.47 -12.47 22.23
C ALA B 471 40.04 -11.04 22.50
N LEU B 472 40.81 -10.25 23.23
CA LEU B 472 40.38 -8.87 23.58
C LEU B 472 40.16 -8.06 22.31
N SER B 473 41.05 -8.20 21.32
CA SER B 473 40.90 -7.51 20.03
C SER B 473 39.60 -7.93 19.35
N PHE B 474 39.37 -9.24 19.22
CA PHE B 474 38.17 -9.74 18.53
C PHE B 474 36.93 -9.21 19.21
N ALA B 475 36.94 -9.12 20.53
CA ALA B 475 35.77 -8.69 21.30
C ALA B 475 35.62 -7.17 21.26
N THR B 476 36.72 -6.45 21.26
CA THR B 476 36.63 -4.97 21.14
C THR B 476 36.21 -4.56 19.72
N PHE B 477 36.60 -5.31 18.68
CA PHE B 477 36.28 -4.95 17.28
C PHE B 477 34.88 -5.39 16.92
N PHE B 478 34.52 -6.60 17.30
CA PHE B 478 33.21 -7.13 16.84
C PHE B 478 32.14 -6.95 17.93
N GLY B 479 32.53 -6.65 19.16
CA GLY B 479 31.52 -6.36 20.19
C GLY B 479 31.51 -7.34 21.36
N ALA B 480 30.76 -7.05 22.41
CA ALA B 480 30.63 -8.00 23.52
C ALA B 480 29.51 -9.00 23.17
N GLU B 481 28.48 -8.53 22.49
CA GLU B 481 27.36 -9.39 22.09
C GLU B 481 27.85 -10.52 21.18
N TYR B 482 28.68 -10.22 20.18
CA TYR B 482 29.12 -11.25 19.21
C TYR B 482 29.99 -12.26 19.95
N PHE B 483 30.93 -11.78 20.75
CA PHE B 483 31.82 -12.67 21.52
C PHE B 483 30.98 -13.66 22.32
N ALA B 484 30.06 -13.14 23.10
CA ALA B 484 29.17 -14.00 23.90
C ALA B 484 28.41 -14.97 23.00
N LYS B 485 27.71 -14.47 21.99
CA LYS B 485 26.88 -15.34 21.13
C LYS B 485 27.73 -16.30 20.28
N THR B 486 29.03 -16.04 20.14
CA THR B 486 29.91 -16.95 19.40
C THR B 486 30.59 -17.97 20.31
N PHE B 487 30.95 -17.60 21.54
CA PHE B 487 31.77 -18.43 22.40
C PHE B 487 31.10 -18.89 23.68
N ALA B 488 29.95 -18.34 24.04
CA ALA B 488 29.25 -18.72 25.25
C ALA B 488 27.76 -18.56 25.04
N THR B 489 27.11 -17.79 25.91
CA THR B 489 25.74 -17.38 25.69
C THR B 489 25.66 -15.87 25.87
N GLN B 490 24.54 -15.30 25.43
CA GLN B 490 24.26 -13.89 25.64
C GLN B 490 24.45 -13.49 27.10
N GLU B 491 24.19 -14.40 28.04
CA GLU B 491 24.23 -14.07 29.45
C GLU B 491 25.61 -13.61 29.92
N LEU B 492 26.67 -13.89 29.14
CA LEU B 492 28.00 -13.46 29.53
C LEU B 492 28.31 -12.02 29.14
N ILE B 493 27.44 -11.39 28.34
CA ILE B 493 27.69 -10.03 27.87
C ILE B 493 28.14 -9.07 28.97
N PRO B 494 27.44 -8.97 30.12
CA PRO B 494 27.91 -8.04 31.16
C PRO B 494 29.36 -8.27 31.59
N VAL B 495 29.82 -9.52 31.54
CA VAL B 495 31.18 -9.83 31.95
C VAL B 495 32.17 -9.52 30.84
N ILE B 496 31.77 -9.81 29.60
CA ILE B 496 32.62 -9.47 28.45
C ILE B 496 32.70 -7.97 28.26
N LYS B 497 31.62 -7.26 28.60
CA LYS B 497 31.63 -5.80 28.52
C LYS B 497 32.62 -5.21 29.51
N GLU B 498 32.64 -5.72 30.74
CA GLU B 498 33.62 -5.25 31.73
C GLU B 498 35.02 -5.74 31.44
N ALA B 499 35.16 -6.82 30.65
CA ALA B 499 36.49 -7.30 30.30
C ALA B 499 37.11 -6.48 29.18
N ILE B 500 36.29 -6.08 28.20
CA ILE B 500 36.73 -5.16 27.16
C ILE B 500 37.13 -3.83 27.79
N GLN B 501 36.36 -3.41 28.80
CA GLN B 501 36.58 -2.12 29.41
C GLN B 501 37.85 -2.07 30.25
N HIS B 502 38.28 -3.20 30.81
CA HIS B 502 39.50 -3.27 31.62
C HIS B 502 40.65 -3.96 30.90
N GLN B 503 40.52 -4.22 29.59
CA GLN B 503 41.52 -4.92 28.80
C GLN B 503 41.91 -6.23 29.48
N ASN B 504 40.91 -6.94 30.02
CA ASN B 504 41.10 -8.24 30.66
C ASN B 504 41.35 -9.29 29.58
N GLN B 505 42.59 -9.32 29.09
CA GLN B 505 42.97 -10.31 28.09
C GLN B 505 42.76 -11.74 28.60
N ASP B 506 43.10 -12.00 29.87
CA ASP B 506 43.04 -13.37 30.37
C ASP B 506 41.61 -13.88 30.43
N LEU B 507 40.69 -13.04 30.92
CA LEU B 507 39.28 -13.40 30.98
C LEU B 507 38.75 -13.84 29.62
N LEU B 508 39.05 -13.07 28.58
CA LEU B 508 38.48 -13.34 27.27
C LEU B 508 39.14 -14.55 26.59
N THR B 509 40.44 -14.74 26.80
CA THR B 509 41.08 -15.97 26.34
C THR B 509 40.51 -17.19 27.06
N SER B 510 40.34 -17.08 28.39
CA SER B 510 39.73 -18.16 29.15
C SER B 510 38.33 -18.50 28.64
N VAL B 511 37.55 -17.49 28.27
CA VAL B 511 36.18 -17.73 27.81
C VAL B 511 36.19 -18.53 26.50
N ILE B 512 37.12 -18.22 25.60
CA ILE B 512 37.18 -18.96 24.33
C ILE B 512 37.69 -20.37 24.56
N GLU B 513 38.77 -20.50 25.35
CA GLU B 513 39.21 -21.83 25.79
C GLU B 513 38.03 -22.62 26.34
N ASN B 514 37.19 -21.97 27.17
CA ASN B 514 35.97 -22.60 27.65
C ASN B 514 35.06 -23.00 26.51
N HIS B 515 35.04 -22.21 25.42
CA HIS B 515 34.24 -22.58 24.25
C HIS B 515 34.83 -23.77 23.54
N ILE B 516 36.17 -23.80 23.41
CA ILE B 516 36.86 -24.88 22.72
C ILE B 516 36.39 -26.23 23.22
N GLU B 517 36.16 -26.35 24.54
CA GLU B 517 35.91 -27.65 25.15
C GLU B 517 34.48 -28.11 25.23
N LYS B 518 33.51 -27.22 25.51
CA LYS B 518 32.13 -27.67 25.51
C LYS B 518 31.67 -27.98 24.10
N GLN B 519 32.33 -27.41 23.12
CA GLN B 519 32.02 -27.68 21.73
C GLN B 519 33.09 -28.60 21.13
N HIS B 520 34.02 -29.05 21.97
CA HIS B 520 34.94 -30.15 21.70
C HIS B 520 35.77 -29.95 20.43
N LEU B 521 36.38 -28.77 20.30
CA LEU B 521 37.15 -28.41 19.11
C LEU B 521 38.64 -28.71 19.32
N ASN B 522 39.02 -29.96 19.07
CA ASN B 522 40.40 -30.39 19.31
C ASN B 522 41.30 -30.16 18.11
N ASP B 523 40.80 -29.49 17.07
CA ASP B 523 41.66 -28.97 16.02
C ASP B 523 42.29 -27.64 16.42
N TYR B 524 41.94 -27.13 17.61
CA TYR B 524 42.45 -25.85 18.07
C TYR B 524 42.90 -25.96 19.53
N PRO B 525 44.21 -26.01 19.77
CA PRO B 525 44.73 -26.13 21.14
C PRO B 525 44.52 -24.87 21.94
N LYS B 526 44.68 -25.06 23.20
CA LYS B 526 44.25 -24.08 24.14
C LYS B 526 45.42 -23.18 24.50
N THR B 527 46.49 -23.34 23.72
CA THR B 527 47.68 -22.51 23.65
C THR B 527 47.34 -21.14 23.08
N PRO B 528 48.07 -20.09 23.51
CA PRO B 528 48.04 -18.80 22.82
C PRO B 528 48.26 -18.89 21.32
N ASP B 529 48.95 -19.94 20.82
CA ASP B 529 48.97 -20.14 19.39
C ASP B 529 47.63 -20.66 18.89
N GLY B 530 47.06 -21.66 19.58
CA GLY B 530 45.75 -22.21 19.19
C GLY B 530 44.60 -21.23 19.19
N ILE B 531 44.67 -20.21 20.05
CA ILE B 531 43.68 -19.13 20.12
C ILE B 531 43.62 -18.27 18.87
N LYS B 532 44.76 -17.80 18.38
CA LYS B 532 44.75 -17.07 17.12
C LYS B 532 44.33 -17.95 15.93
N LYS B 533 44.73 -19.23 15.94
CA LYS B 533 44.33 -20.16 14.89
C LYS B 533 42.82 -20.16 14.71
N LEU B 534 42.08 -20.27 15.82
CA LEU B 534 40.62 -20.27 15.74
C LEU B 534 40.11 -18.92 15.23
N LEU B 535 40.65 -17.83 15.75
CA LEU B 535 40.29 -16.51 15.25
C LEU B 535 40.61 -16.38 13.76
N LYS B 536 41.75 -16.93 13.32
CA LYS B 536 42.09 -16.81 11.89
C LYS B 536 41.10 -17.54 11.00
N SER B 537 40.47 -18.60 11.50
CA SER B 537 39.50 -19.33 10.69
C SER B 537 38.25 -18.48 10.47
N PHE B 538 37.90 -17.63 11.43
CA PHE B 538 36.78 -16.74 11.21
C PHE B 538 37.17 -15.58 10.31
N GLN B 539 38.42 -15.12 10.40
CA GLN B 539 38.96 -14.22 9.40
C GLN B 539 39.00 -14.93 8.05
N GLY B 540 38.62 -14.22 7.01
CA GLY B 540 38.56 -14.83 5.70
C GLY B 540 37.25 -14.55 4.99
N ILE B 541 36.13 -14.73 5.70
CA ILE B 541 34.87 -14.30 5.13
C ILE B 541 34.65 -12.82 5.39
N VAL B 542 35.38 -12.25 6.36
CA VAL B 542 35.37 -10.81 6.60
C VAL B 542 36.50 -10.11 5.89
N TYR B 543 37.50 -10.86 5.44
CA TYR B 543 38.64 -10.32 4.72
C TYR B 543 38.47 -10.39 3.20
N LYS B 544 38.03 -11.54 2.69
CA LYS B 544 37.92 -11.74 1.25
C LYS B 544 37.10 -10.66 0.55
N PRO B 545 35.93 -10.24 1.05
CA PRO B 545 35.24 -9.12 0.38
C PRO B 545 36.03 -7.83 0.35
N LEU B 546 36.99 -7.64 1.26
CA LEU B 546 37.86 -6.47 1.17
C LEU B 546 38.88 -6.59 0.06
N VAL B 547 38.84 -7.68 -0.71
CA VAL B 547 39.56 -7.81 -1.96
C VAL B 547 38.59 -7.90 -3.14
N MET B 548 37.55 -8.72 -3.00
CA MET B 548 36.68 -8.98 -4.15
C MET B 548 35.80 -7.78 -4.49
N GLU B 549 35.33 -7.06 -3.47
CA GLU B 549 34.41 -5.96 -3.73
C GLU B 549 35.10 -4.68 -4.19
N PHE B 550 36.44 -4.65 -4.18
CA PHE B 550 37.20 -3.50 -4.63
C PHE B 550 37.90 -3.74 -5.96
N SER B 551 38.65 -4.83 -6.07
CA SER B 551 39.44 -5.11 -7.27
C SER B 551 39.08 -6.42 -7.94
N GLY B 552 38.29 -7.28 -7.30
CA GLY B 552 38.04 -8.61 -7.81
C GLY B 552 36.80 -8.72 -8.68
N PRO B 553 36.40 -9.96 -8.99
CA PRO B 553 35.31 -10.18 -9.95
C PRO B 553 34.02 -9.41 -9.63
N SER B 554 33.61 -9.36 -8.35
CA SER B 554 32.35 -8.68 -8.01
C SER B 554 32.41 -7.21 -8.39
N ALA B 555 33.50 -6.53 -8.03
CA ALA B 555 33.65 -5.11 -8.36
C ALA B 555 33.69 -4.90 -9.87
N VAL B 556 34.52 -5.68 -10.56
CA VAL B 556 34.66 -5.52 -12.01
C VAL B 556 33.32 -5.79 -12.71
N SER B 557 32.65 -6.88 -12.33
CA SER B 557 31.44 -7.31 -13.03
C SER B 557 30.30 -6.31 -12.90
N SER B 558 30.36 -5.38 -11.95
CA SER B 558 29.34 -4.34 -11.80
C SER B 558 28.94 -3.72 -13.15
N SER B 559 29.93 -3.24 -13.90
CA SER B 559 29.65 -2.64 -15.21
C SER B 559 28.82 -3.56 -16.09
N TRP B 560 29.11 -4.86 -16.06
CA TRP B 560 28.32 -5.80 -16.87
C TRP B 560 26.93 -6.01 -16.28
N VAL B 561 26.86 -6.19 -14.96
CA VAL B 561 25.57 -6.43 -14.32
C VAL B 561 24.65 -5.23 -14.48
N GLU B 562 25.18 -4.01 -14.30
CA GLU B 562 24.38 -2.82 -14.48
C GLU B 562 23.89 -2.70 -15.93
N ALA B 563 24.70 -3.14 -16.89
CA ALA B 563 24.35 -2.99 -18.30
C ALA B 563 23.09 -3.78 -18.65
N ILE B 564 22.77 -4.84 -17.90
CA ILE B 564 21.60 -5.67 -18.19
C ILE B 564 20.59 -5.60 -17.05
N SER B 565 20.57 -4.49 -16.32
CA SER B 565 19.73 -4.37 -15.14
C SER B 565 18.48 -3.53 -15.45
N GLY B 566 17.60 -3.42 -14.45
CA GLY B 566 16.35 -2.72 -14.62
C GLY B 566 15.39 -3.39 -15.59
N ARG B 567 15.31 -4.72 -15.54
CA ARG B 567 14.51 -5.49 -16.47
C ARG B 567 13.76 -6.55 -15.70
N SER B 568 12.95 -7.34 -16.40
CA SER B 568 12.34 -8.50 -15.76
C SER B 568 13.43 -9.53 -15.53
N ILE B 569 13.37 -10.18 -14.38
CA ILE B 569 14.33 -11.23 -14.02
C ILE B 569 14.47 -12.18 -15.20
N PRO B 570 15.69 -12.45 -15.66
CA PRO B 570 15.87 -13.25 -16.88
C PRO B 570 15.26 -14.65 -16.80
N ARG B 571 14.88 -15.14 -17.97
CA ARG B 571 14.43 -16.52 -18.14
C ARG B 571 15.17 -17.16 -19.30
N ASN B 572 15.32 -18.49 -19.24
CA ASN B 572 15.91 -19.26 -20.33
C ASN B 572 14.78 -19.73 -21.24
N PHE B 573 14.49 -18.93 -22.26
CA PHE B 573 13.38 -19.18 -23.18
C PHE B 573 13.85 -20.11 -24.30
N GLU B 574 13.46 -21.38 -24.22
CA GLU B 574 13.98 -22.39 -25.14
C GLU B 574 13.62 -22.10 -26.60
N TYR B 575 12.39 -21.67 -26.89
CA TYR B 575 11.87 -21.71 -28.26
C TYR B 575 11.51 -20.34 -28.81
N LEU B 576 12.25 -19.29 -28.47
CA LEU B 576 11.98 -17.97 -29.03
C LEU B 576 12.39 -17.92 -30.49
N ALA B 577 11.58 -17.23 -31.31
CA ALA B 577 11.96 -16.98 -32.70
C ALA B 577 13.25 -16.17 -32.78
N GLU B 578 13.42 -15.20 -31.88
CA GLU B 578 14.55 -14.27 -31.90
C GLU B 578 15.26 -14.34 -30.55
N PRO B 579 16.10 -15.37 -30.32
CA PRO B 579 16.88 -15.43 -29.08
C PRO B 579 17.61 -14.13 -28.76
N MET B 580 18.13 -13.43 -29.77
CA MET B 580 18.98 -12.26 -29.56
C MET B 580 18.19 -11.04 -29.08
N SER B 581 16.93 -11.20 -28.71
CA SER B 581 16.18 -10.18 -28.00
C SER B 581 16.42 -10.25 -26.50
N GLN B 582 17.00 -11.34 -26.02
CA GLN B 582 17.32 -11.51 -24.61
C GLN B 582 18.79 -11.14 -24.39
N PRO B 583 19.08 -10.15 -23.54
CA PRO B 583 20.49 -9.74 -23.35
C PRO B 583 21.44 -10.88 -23.04
N LEU B 584 21.08 -11.78 -22.13
CA LEU B 584 21.95 -12.89 -21.77
C LEU B 584 22.38 -13.68 -23.00
N ARG B 585 21.49 -13.82 -23.99
CA ARG B 585 21.86 -14.54 -25.20
C ARG B 585 22.84 -13.74 -26.04
N VAL B 586 22.74 -12.40 -25.99
CA VAL B 586 23.75 -11.56 -26.64
C VAL B 586 25.10 -11.74 -25.95
N LEU B 587 25.11 -11.68 -24.61
CA LEU B 587 26.34 -11.91 -23.86
C LEU B 587 26.96 -13.25 -24.19
N GLN B 588 26.14 -14.32 -24.23
CA GLN B 588 26.69 -15.66 -24.42
C GLN B 588 27.36 -15.82 -25.77
N HIS B 589 26.83 -15.17 -26.81
CA HIS B 589 27.32 -15.39 -28.17
C HIS B 589 28.32 -14.35 -28.64
N TYR B 590 28.35 -13.17 -28.01
CA TYR B 590 29.13 -12.06 -28.53
C TYR B 590 29.99 -11.34 -27.49
N ALA B 591 29.90 -11.71 -26.21
CA ALA B 591 30.54 -10.90 -25.18
C ALA B 591 31.31 -11.72 -24.14
N CYS B 592 31.68 -12.97 -24.43
CA CYS B 592 32.33 -13.80 -23.43
C CYS B 592 33.32 -14.75 -24.08
N VAL B 593 34.16 -15.36 -23.24
CA VAL B 593 35.25 -16.20 -23.74
C VAL B 593 34.75 -17.54 -24.24
N SER B 594 33.55 -17.97 -23.84
CA SER B 594 32.98 -19.22 -24.30
C SER B 594 33.09 -19.34 -25.82
N GLY B 595 33.86 -20.33 -26.26
CA GLY B 595 34.14 -20.52 -27.67
C GLY B 595 35.30 -19.72 -28.21
N LYS B 596 35.95 -18.89 -27.40
CA LYS B 596 36.94 -17.92 -27.88
C LYS B 596 38.25 -18.03 -27.13
N ALA B 597 38.52 -19.17 -26.49
CA ALA B 597 39.73 -19.35 -25.70
C ALA B 597 40.03 -20.83 -25.58
N ASN B 598 41.29 -21.15 -25.32
CA ASN B 598 41.77 -22.52 -25.26
C ASN B 598 41.84 -23.04 -23.82
N PHE B 599 40.98 -22.52 -22.94
CA PHE B 599 41.06 -22.84 -21.52
C PHE B 599 39.64 -22.91 -20.96
N SER B 600 39.51 -23.58 -19.82
CA SER B 600 38.22 -23.74 -19.17
C SER B 600 38.39 -23.62 -17.67
N SER B 601 37.26 -23.61 -16.96
CA SER B 601 37.28 -23.41 -15.52
C SER B 601 35.97 -23.91 -14.92
N ASP B 602 36.06 -24.40 -13.68
CA ASP B 602 34.89 -24.73 -12.88
C ASP B 602 34.50 -23.60 -11.94
N ASN B 603 35.25 -22.50 -11.93
CA ASN B 603 35.05 -21.45 -10.94
C ASN B 603 33.65 -20.85 -11.01
N ILE B 604 33.01 -20.89 -12.17
CA ILE B 604 31.64 -20.41 -12.34
C ILE B 604 30.89 -21.41 -13.19
N PRO B 605 29.56 -21.42 -13.11
CA PRO B 605 28.78 -22.38 -13.90
C PRO B 605 29.01 -22.18 -15.39
N LYS B 606 28.74 -23.24 -16.16
CA LYS B 606 28.67 -23.12 -17.60
C LYS B 606 27.41 -22.31 -17.96
N TRP B 607 27.24 -22.08 -19.25
CA TRP B 607 26.02 -21.36 -19.69
C TRP B 607 24.80 -22.27 -19.57
N CYS B 608 23.70 -21.73 -19.05
CA CYS B 608 22.42 -22.45 -18.96
C CYS B 608 22.61 -23.76 -18.18
N GLU B 609 23.07 -23.66 -16.94
CA GLU B 609 23.39 -24.87 -16.14
C GLU B 609 22.23 -25.23 -15.23
N LEU B 610 21.79 -26.49 -15.31
CA LEU B 610 20.66 -26.96 -14.49
C LEU B 610 21.16 -27.16 -13.06
N SER C 112 -9.02 -25.49 -11.89
CA SER C 112 -7.97 -25.12 -10.95
C SER C 112 -8.20 -25.75 -9.57
N PRO C 113 -7.22 -26.50 -9.08
CA PRO C 113 -7.35 -27.12 -7.75
C PRO C 113 -7.83 -26.18 -6.66
N VAL C 114 -7.28 -24.96 -6.60
CA VAL C 114 -7.69 -24.00 -5.58
C VAL C 114 -9.17 -23.67 -5.71
N ASN C 115 -9.64 -23.48 -6.95
CA ASN C 115 -11.05 -23.19 -7.16
C ASN C 115 -11.94 -24.35 -6.73
N LYS C 116 -11.54 -25.58 -7.05
CA LYS C 116 -12.35 -26.73 -6.67
C LYS C 116 -12.51 -26.82 -5.15
N THR C 117 -11.43 -26.57 -4.41
CA THR C 117 -11.51 -26.52 -2.95
C THR C 117 -12.43 -25.39 -2.51
N LEU C 118 -12.27 -24.20 -3.09
CA LEU C 118 -13.13 -23.09 -2.73
C LEU C 118 -14.59 -23.38 -3.05
N ASN C 119 -14.84 -24.02 -4.21
CA ASN C 119 -16.22 -24.38 -4.57
C ASN C 119 -16.80 -25.38 -3.58
N ARG C 120 -16.02 -26.41 -3.24
CA ARG C 120 -16.50 -27.45 -2.35
C ARG C 120 -16.72 -26.91 -0.94
N LEU C 121 -15.84 -26.03 -0.48
CA LEU C 121 -16.08 -25.41 0.81
C LEU C 121 -17.29 -24.49 0.76
N THR C 122 -17.37 -23.65 -0.28
CA THR C 122 -18.56 -22.83 -0.51
C THR C 122 -19.83 -23.68 -0.47
N ASN C 123 -19.83 -24.80 -1.20
CA ASN C 123 -21.03 -25.63 -1.28
C ASN C 123 -21.40 -26.19 0.09
N ASP C 124 -20.39 -26.62 0.86
CA ASP C 124 -20.62 -27.09 2.22
C ASP C 124 -21.25 -26.00 3.09
N LEU C 125 -20.70 -24.79 3.05
CA LEU C 125 -21.23 -23.72 3.89
C LEU C 125 -22.64 -23.34 3.49
N LEU C 126 -22.90 -23.26 2.18
CA LEU C 126 -24.23 -22.91 1.69
C LEU C 126 -25.28 -23.88 2.21
N LYS C 127 -24.99 -25.19 2.13
CA LYS C 127 -25.93 -26.20 2.60
C LYS C 127 -26.23 -26.03 4.09
N GLU C 128 -25.37 -25.38 4.85
CA GLU C 128 -25.60 -25.27 6.30
C GLU C 128 -26.35 -23.98 6.68
N VAL C 129 -26.33 -22.93 5.86
CA VAL C 129 -26.89 -21.62 6.26
C VAL C 129 -28.15 -21.31 5.45
N VAL C 130 -28.49 -22.15 4.49
CA VAL C 130 -29.64 -21.86 3.60
C VAL C 130 -30.82 -22.74 3.99
N GLU C 131 -32.04 -22.21 3.83
CA GLU C 131 -33.28 -22.98 4.11
C GLU C 131 -33.21 -24.34 3.42
N ARG C 132 -33.57 -25.41 4.14
CA ARG C 132 -33.51 -26.78 3.59
C ARG C 132 -34.34 -26.89 2.32
N GLY C 133 -33.74 -27.36 1.23
CA GLY C 133 -34.43 -27.46 -0.06
C GLY C 133 -34.26 -26.23 -0.95
N LYS C 134 -33.70 -25.13 -0.44
CA LYS C 134 -33.66 -23.87 -1.22
C LYS C 134 -32.26 -23.54 -1.72
N THR C 135 -31.42 -24.55 -2.00
CA THR C 135 -30.01 -24.31 -2.44
C THR C 135 -29.95 -23.82 -3.89
N GLN C 136 -30.89 -24.27 -4.71
CA GLN C 136 -30.88 -23.88 -6.13
C GLN C 136 -31.53 -22.50 -6.32
N LYS C 137 -32.05 -21.93 -5.25
CA LYS C 137 -32.69 -20.60 -5.33
C LYS C 137 -31.70 -19.63 -4.74
N ALA C 138 -30.56 -20.13 -4.32
CA ALA C 138 -29.59 -19.34 -3.59
C ALA C 138 -28.24 -19.29 -4.31
N GLN C 139 -28.27 -19.28 -5.66
CA GLN C 139 -27.03 -19.15 -6.42
C GLN C 139 -26.33 -17.84 -6.10
N LYS C 140 -27.08 -16.81 -5.69
CA LYS C 140 -26.47 -15.54 -5.34
C LYS C 140 -25.66 -15.66 -4.05
N LEU C 141 -26.24 -16.31 -3.04
CA LEU C 141 -25.48 -16.57 -1.82
C LEU C 141 -24.24 -17.40 -2.11
N ARG C 142 -24.36 -18.38 -3.01
CA ARG C 142 -23.20 -19.17 -3.40
C ARG C 142 -22.11 -18.30 -4.00
N ALA C 143 -22.47 -17.34 -4.86
CA ALA C 143 -21.49 -16.44 -5.42
C ALA C 143 -20.88 -15.55 -4.34
N TYR C 144 -21.68 -15.15 -3.36
CA TYR C 144 -21.19 -14.27 -2.31
C TYR C 144 -20.24 -15.03 -1.38
N ILE C 145 -20.58 -16.27 -1.02
CA ILE C 145 -19.71 -17.05 -0.14
C ILE C 145 -18.38 -17.33 -0.82
N PHE C 146 -18.42 -17.77 -2.08
CA PHE C 146 -17.19 -18.01 -2.82
C PHE C 146 -16.33 -16.77 -2.86
N ASP C 147 -16.91 -15.63 -3.23
CA ASP C 147 -16.15 -14.39 -3.32
C ASP C 147 -15.57 -14.01 -1.95
N GLN C 148 -16.35 -14.18 -0.89
CA GLN C 148 -15.88 -13.80 0.43
C GLN C 148 -14.76 -14.73 0.92
N LEU C 149 -14.90 -16.03 0.69
CA LEU C 149 -13.85 -16.96 1.11
C LEU C 149 -12.50 -16.58 0.52
N ALA C 150 -12.48 -16.19 -0.76
CA ALA C 150 -11.23 -15.84 -1.41
C ALA C 150 -10.65 -14.54 -0.84
N ARG C 151 -11.48 -13.51 -0.70
CA ARG C 151 -10.99 -12.22 -0.23
C ARG C 151 -10.54 -12.32 1.22
N ARG C 152 -11.35 -12.96 2.07
CA ARG C 152 -11.01 -13.06 3.48
C ARG C 152 -9.77 -13.92 3.70
N LEU C 153 -9.54 -14.92 2.83
CA LEU C 153 -8.33 -15.72 2.94
C LEU C 153 -7.09 -14.86 2.67
N GLU C 154 -7.08 -14.15 1.57
CA GLU C 154 -5.86 -13.38 1.23
C GLU C 154 -5.61 -12.34 2.32
N ALA C 155 -6.64 -11.98 3.09
CA ALA C 155 -6.53 -10.93 4.13
C ALA C 155 -6.13 -11.53 5.46
N SER C 156 -6.16 -12.85 5.55
CA SER C 156 -5.81 -13.54 6.80
C SER C 156 -4.44 -14.18 6.61
N LEU C 157 -3.84 -14.01 5.44
CA LEU C 157 -2.56 -14.69 5.13
C LEU C 157 -1.38 -13.72 5.20
N SER C 158 -0.18 -14.25 5.40
CA SER C 158 1.05 -13.43 5.41
C SER C 158 1.43 -13.16 3.96
N GLN C 159 2.31 -12.18 3.72
CA GLN C 159 2.82 -11.96 2.36
C GLN C 159 3.58 -13.22 1.96
N GLU C 160 4.29 -13.82 2.90
CA GLU C 160 4.98 -15.09 2.60
C GLU C 160 3.96 -16.13 2.16
N GLN C 161 2.84 -16.23 2.86
CA GLN C 161 1.84 -17.26 2.55
C GLN C 161 1.09 -16.94 1.25
N ILE C 162 0.86 -15.67 0.94
CA ILE C 162 0.21 -15.32 -0.35
C ILE C 162 1.24 -15.48 -1.46
N ASN C 163 2.51 -15.28 -1.15
CA ASN C 163 3.57 -15.52 -2.16
C ASN C 163 3.55 -17.02 -2.51
N ASP C 164 3.28 -17.87 -1.53
CA ASP C 164 3.20 -19.33 -1.76
C ASP C 164 1.93 -19.67 -2.52
N LEU C 165 0.84 -19.01 -2.18
CA LEU C 165 -0.45 -19.32 -2.82
C LEU C 165 -0.35 -19.02 -4.31
N TYR C 166 0.23 -17.90 -4.67
CA TYR C 166 0.24 -17.55 -6.10
C TYR C 166 1.07 -18.62 -6.85
N ASN C 167 2.07 -19.18 -6.17
CA ASN C 167 2.97 -20.19 -6.78
C ASN C 167 2.24 -21.52 -6.91
N ARG C 168 1.35 -21.83 -6.00
CA ARG C 168 0.55 -23.06 -6.16
C ARG C 168 -0.52 -22.86 -7.22
N ILE C 169 -1.09 -21.65 -7.32
CA ILE C 169 -2.09 -21.36 -8.39
C ILE C 169 -1.41 -21.36 -9.76
N ARG C 170 -0.22 -20.78 -9.85
CA ARG C 170 0.51 -20.74 -11.12
C ARG C 170 1.19 -22.07 -11.40
N GLY C 171 1.59 -22.81 -10.37
CA GLY C 171 2.35 -24.06 -10.57
C GLY C 171 3.80 -23.73 -10.81
N THR C 172 4.29 -22.73 -10.11
CA THR C 172 5.64 -22.22 -10.35
C THR C 172 6.46 -22.32 -9.07
N GLY C 173 7.72 -21.88 -9.08
CA GLY C 173 8.61 -21.91 -7.92
C GLY C 173 8.86 -23.32 -7.42
N ASP C 174 8.47 -23.59 -6.17
CA ASP C 174 8.67 -24.91 -5.59
C ASP C 174 7.79 -25.97 -6.23
N TYR C 175 6.74 -25.56 -6.94
CA TYR C 175 5.74 -26.47 -7.46
C TYR C 175 5.90 -26.63 -8.96
N THR C 176 5.33 -27.71 -9.48
CA THR C 176 5.48 -28.09 -10.88
C THR C 176 4.16 -28.19 -11.63
N LYS C 177 3.04 -28.27 -10.92
CA LYS C 177 1.71 -28.14 -11.46
C LYS C 177 0.89 -27.34 -10.48
N SER C 178 -0.25 -26.82 -10.94
CA SER C 178 -1.09 -26.04 -10.05
C SER C 178 -1.59 -26.91 -8.89
N GLU C 179 -1.36 -26.45 -7.67
CA GLU C 179 -1.70 -27.20 -6.47
C GLU C 179 -2.81 -26.49 -5.71
N SER C 180 -3.40 -27.20 -4.76
CA SER C 180 -4.38 -26.60 -3.87
C SER C 180 -3.65 -25.98 -2.68
N PHE C 181 -4.41 -25.59 -1.66
CA PHE C 181 -3.85 -24.80 -0.57
C PHE C 181 -2.83 -25.61 0.22
N SER C 182 -1.82 -24.91 0.72
CA SER C 182 -0.97 -25.50 1.73
C SER C 182 -1.78 -25.76 2.99
N GLU C 183 -1.35 -26.75 3.77
CA GLU C 183 -2.12 -27.14 4.95
C GLU C 183 -2.25 -25.98 5.93
N GLU C 184 -1.22 -25.15 6.04
CA GLU C 184 -1.34 -23.98 6.92
C GLU C 184 -2.30 -22.96 6.34
N GLN C 185 -2.43 -22.92 5.01
CA GLN C 185 -3.48 -22.10 4.38
C GLN C 185 -4.85 -22.71 4.60
N LEU C 186 -4.97 -24.04 4.43
CA LEU C 186 -6.27 -24.70 4.53
C LEU C 186 -6.85 -24.55 5.94
N LYS C 187 -6.01 -24.66 6.96
CA LYS C 187 -6.50 -24.51 8.34
C LYS C 187 -6.93 -23.08 8.62
N ILE C 188 -6.17 -22.09 8.12
CA ILE C 188 -6.57 -20.70 8.30
C ILE C 188 -7.97 -20.49 7.73
N LEU C 189 -8.23 -21.04 6.54
CA LEU C 189 -9.59 -21.05 6.03
C LEU C 189 -10.57 -21.86 6.88
N LYS C 190 -10.28 -23.14 7.10
CA LYS C 190 -11.30 -23.96 7.74
C LYS C 190 -11.57 -23.54 9.19
N GLU C 191 -10.60 -22.91 9.86
CA GLU C 191 -10.71 -22.61 11.28
C GLU C 191 -10.95 -21.14 11.60
N LYS C 192 -10.49 -20.22 10.76
CA LYS C 192 -10.73 -18.79 10.95
C LYS C 192 -11.79 -18.25 10.00
N VAL C 193 -11.58 -18.40 8.69
CA VAL C 193 -12.42 -17.73 7.70
C VAL C 193 -13.82 -18.36 7.66
N VAL C 194 -13.89 -19.66 7.33
CA VAL C 194 -15.19 -20.33 7.20
C VAL C 194 -16.03 -20.21 8.47
N PRO C 195 -15.51 -20.45 9.68
CA PRO C 195 -16.36 -20.31 10.86
C PRO C 195 -16.90 -18.90 11.07
N GLU C 196 -16.10 -17.87 10.78
CA GLU C 196 -16.59 -16.50 10.92
C GLU C 196 -17.65 -16.17 9.87
N LEU C 197 -17.44 -16.63 8.63
CA LEU C 197 -18.45 -16.43 7.60
C LEU C 197 -19.73 -17.16 7.94
N LYS C 198 -19.61 -18.40 8.43
CA LYS C 198 -20.79 -19.17 8.84
C LYS C 198 -21.57 -18.45 9.93
N ARG C 199 -20.86 -17.92 10.94
CA ARG C 199 -21.56 -17.26 12.04
C ARG C 199 -22.22 -15.95 11.57
N GLU C 200 -21.69 -15.31 10.53
CA GLU C 200 -22.35 -14.09 10.04
C GLU C 200 -23.63 -14.39 9.27
N LEU C 201 -23.82 -15.63 8.82
CA LEU C 201 -25.00 -16.02 8.06
C LEU C 201 -26.05 -16.54 9.04
N SER C 202 -25.63 -17.24 10.10
CA SER C 202 -26.36 -18.30 10.79
C SER C 202 -26.50 -18.05 12.29
N ASP C 203 -25.57 -17.31 12.88
CA ASP C 203 -25.49 -17.18 14.33
C ASP C 203 -26.42 -16.08 14.83
N LEU C 204 -27.31 -16.43 15.76
CA LEU C 204 -28.18 -15.44 16.40
C LEU C 204 -27.39 -14.28 17.00
N SER C 205 -26.14 -14.53 17.42
CA SER C 205 -25.32 -13.47 18.01
C SER C 205 -24.94 -12.40 16.99
N ASN C 206 -24.76 -12.80 15.73
CA ASN C 206 -24.38 -11.84 14.69
C ASN C 206 -25.48 -10.82 14.43
N GLY C 207 -26.72 -11.12 14.85
CA GLY C 207 -27.86 -10.23 14.71
C GLY C 207 -28.16 -9.35 15.90
N ASN C 208 -27.41 -9.49 17.00
CA ASN C 208 -27.67 -8.66 18.18
C ASN C 208 -27.57 -7.18 17.84
N VAL C 209 -28.55 -6.41 18.30
CA VAL C 209 -28.57 -4.96 18.15
C VAL C 209 -28.70 -4.35 19.54
N ASN C 210 -27.75 -3.50 19.91
CA ASN C 210 -27.79 -2.74 21.16
C ASN C 210 -27.77 -1.25 20.82
N ILE C 211 -28.87 -0.57 21.12
CA ILE C 211 -29.02 0.86 20.84
C ILE C 211 -29.03 1.61 22.17
N LEU C 212 -28.18 2.64 22.27
CA LEU C 212 -28.07 3.46 23.47
C LEU C 212 -28.05 2.59 24.73
N GLY C 213 -27.29 1.51 24.70
CA GLY C 213 -27.08 0.64 25.83
C GLY C 213 -28.14 -0.39 26.10
N LEU C 214 -29.09 -0.59 25.19
CA LEU C 214 -30.21 -1.50 25.42
C LEU C 214 -30.38 -2.45 24.25
N ASP C 215 -30.55 -3.74 24.57
CA ASP C 215 -30.73 -4.77 23.54
C ASP C 215 -32.09 -4.64 22.86
N VAL C 216 -32.12 -5.02 21.58
CA VAL C 216 -33.37 -5.33 20.91
C VAL C 216 -33.70 -6.79 21.24
N SER C 217 -34.73 -7.00 22.04
CA SER C 217 -35.17 -8.36 22.36
C SER C 217 -35.88 -8.99 21.17
N ARG C 218 -35.60 -10.28 20.93
CA ARG C 218 -36.36 -11.06 19.97
C ARG C 218 -37.62 -11.66 20.59
N GLU C 219 -38.25 -10.96 21.53
CA GLU C 219 -39.43 -11.45 22.23
C GLU C 219 -40.41 -10.29 22.35
N ASP C 220 -41.61 -10.61 22.86
CA ASP C 220 -42.64 -9.60 23.13
C ASP C 220 -42.39 -8.96 24.50
N LYS C 221 -41.26 -8.24 24.59
CA LYS C 221 -40.82 -7.72 25.88
C LYS C 221 -41.53 -6.42 26.27
N TYR C 222 -41.87 -5.56 25.31
CA TYR C 222 -42.37 -4.23 25.60
C TYR C 222 -43.76 -4.04 25.00
N ALA C 223 -44.68 -3.51 25.81
CA ALA C 223 -46.06 -3.28 25.41
C ALA C 223 -46.22 -1.88 24.82
N PHE C 224 -47.24 -1.73 23.95
CA PHE C 224 -47.54 -0.46 23.31
C PHE C 224 -49.04 -0.24 23.24
N ASP C 225 -49.49 0.94 23.67
CA ASP C 225 -50.85 1.39 23.41
C ASP C 225 -50.92 1.94 21.99
N THR C 226 -51.61 1.21 21.09
CA THR C 226 -51.72 1.62 19.71
C THR C 226 -52.79 2.68 19.47
N THR C 227 -53.60 3.01 20.48
CA THR C 227 -54.75 3.88 20.28
C THR C 227 -54.52 5.32 20.73
N ASN C 228 -53.52 5.57 21.57
CA ASN C 228 -53.22 6.91 22.03
C ASN C 228 -52.22 7.55 21.07
N ILE C 229 -52.69 8.54 20.30
CA ILE C 229 -51.94 9.18 19.24
C ILE C 229 -51.69 10.62 19.63
N PHE C 230 -50.54 11.17 19.23
CA PHE C 230 -50.31 12.60 19.41
C PHE C 230 -49.46 13.14 18.26
N SER C 231 -49.71 14.40 17.92
CA SER C 231 -48.94 15.14 16.93
C SER C 231 -48.60 16.52 17.48
N VAL C 232 -47.82 17.28 16.71
CA VAL C 232 -47.32 18.59 17.11
C VAL C 232 -47.62 19.58 16.00
N TRP C 233 -48.24 20.71 16.35
CA TRP C 233 -48.37 21.83 15.41
C TRP C 233 -48.05 23.14 16.14
N PHE C 234 -46.88 23.69 15.87
CA PHE C 234 -46.50 25.03 16.31
C PHE C 234 -46.75 26.01 15.18
N SER C 235 -47.65 26.96 15.39
CA SER C 235 -47.95 27.95 14.36
C SER C 235 -46.87 29.02 14.27
N ASN C 236 -46.52 29.39 13.04
CA ASN C 236 -45.63 30.52 12.78
C ASN C 236 -46.39 31.83 12.58
N ASN C 237 -47.70 31.81 12.74
CA ASN C 237 -48.53 33.00 12.59
C ASN C 237 -49.43 33.14 13.80
N PRO C 238 -49.22 34.16 14.65
CA PRO C 238 -50.05 34.28 15.87
C PRO C 238 -51.54 34.37 15.60
N ALA C 239 -51.94 34.75 14.38
CA ALA C 239 -53.36 34.83 14.06
C ALA C 239 -53.96 33.49 13.65
N VAL C 240 -53.14 32.59 13.08
CA VAL C 240 -53.59 31.27 12.66
C VAL C 240 -53.10 30.24 13.67
N TYR C 241 -54.02 29.49 14.26
CA TYR C 241 -53.61 28.42 15.16
C TYR C 241 -53.28 27.14 14.42
N MET C 242 -53.90 26.93 13.26
CA MET C 242 -53.69 25.73 12.45
C MET C 242 -54.30 25.92 11.07
N PRO C 243 -53.54 25.75 10.00
CA PRO C 243 -54.09 25.87 8.65
C PRO C 243 -55.24 24.90 8.43
N GLN C 244 -56.20 25.32 7.60
CA GLN C 244 -57.39 24.53 7.35
C GLN C 244 -57.05 23.15 6.81
N HIS C 245 -56.02 23.07 5.96
CA HIS C 245 -55.60 21.77 5.43
C HIS C 245 -55.16 20.84 6.54
N VAL C 246 -54.40 21.36 7.50
CA VAL C 246 -53.94 20.57 8.63
C VAL C 246 -55.12 20.18 9.52
N LYS C 247 -56.07 21.09 9.71
CA LYS C 247 -57.23 20.81 10.57
C LYS C 247 -58.05 19.64 10.05
N THR C 248 -58.33 19.59 8.75
CA THR C 248 -59.14 18.50 8.21
C THR C 248 -58.44 17.16 8.36
N GLN C 249 -57.11 17.14 8.24
CA GLN C 249 -56.36 15.92 8.47
C GLN C 249 -56.55 15.41 9.90
N VAL C 250 -56.38 16.31 10.88
CA VAL C 250 -56.53 15.90 12.28
C VAL C 250 -57.98 15.50 12.57
N GLU C 251 -58.94 16.29 12.09
CA GLU C 251 -60.36 15.99 12.31
C GLU C 251 -60.69 14.57 11.89
N LYS C 252 -60.30 14.18 10.67
CA LYS C 252 -60.60 12.84 10.20
C LYS C 252 -59.80 11.78 10.96
N THR C 253 -58.56 12.09 11.33
CA THR C 253 -57.76 11.14 12.10
C THR C 253 -58.39 10.91 13.47
N ALA C 254 -58.84 11.98 14.13
CA ALA C 254 -59.49 11.86 15.43
C ALA C 254 -60.74 10.99 15.35
N LYS C 255 -61.56 11.17 14.31
CA LYS C 255 -62.78 10.39 14.19
C LYS C 255 -62.46 8.92 13.91
N LEU C 256 -61.43 8.65 13.14
CA LEU C 256 -61.09 7.26 12.79
C LEU C 256 -60.36 6.59 13.96
N ASN C 257 -59.69 7.39 14.79
CA ASN C 257 -58.99 6.83 15.99
C ASN C 257 -59.97 6.78 17.15
N GLN C 258 -61.13 6.20 16.95
CA GLN C 258 -62.08 6.05 18.07
C GLN C 258 -62.29 4.55 18.30
N PRO C 259 -62.15 4.04 19.53
CA PRO C 259 -62.42 4.83 20.73
C PRO C 259 -61.22 5.51 21.40
N GLY C 260 -60.04 5.51 20.78
CA GLY C 260 -58.80 6.01 21.42
C GLY C 260 -58.63 7.50 21.63
N LYS C 261 -57.40 7.90 21.96
CA LYS C 261 -57.13 9.32 22.30
C LYS C 261 -56.27 9.99 21.24
N THR C 262 -56.59 11.23 20.89
CA THR C 262 -55.84 12.00 19.91
C THR C 262 -55.44 13.33 20.53
N ARG C 263 -54.14 13.57 20.65
CA ARG C 263 -53.62 14.77 21.29
C ARG C 263 -52.81 15.59 20.30
N ILE C 264 -52.76 16.91 20.54
CA ILE C 264 -52.00 17.83 19.69
C ILE C 264 -51.17 18.75 20.59
N VAL C 265 -49.88 18.78 20.35
CA VAL C 265 -48.95 19.62 21.10
C VAL C 265 -48.85 20.98 20.41
N PHE C 266 -48.99 22.05 21.18
CA PHE C 266 -48.89 23.40 20.65
C PHE C 266 -48.19 24.30 21.66
N SER C 267 -47.91 25.54 21.24
CA SER C 267 -47.28 26.56 22.11
C SER C 267 -48.21 27.76 22.13
N SER C 268 -48.58 28.24 23.32
CA SER C 268 -49.53 29.37 23.44
C SER C 268 -48.81 30.70 23.29
N LEU C 269 -47.50 30.71 23.47
CA LEU C 269 -46.69 31.94 23.31
C LEU C 269 -46.59 32.30 21.84
N CYS C 270 -46.99 31.40 20.95
CA CYS C 270 -46.88 31.64 19.49
C CYS C 270 -48.27 31.95 18.91
N LEU C 271 -49.29 31.98 19.75
CA LEU C 271 -50.68 32.22 19.30
C LEU C 271 -51.30 33.42 20.01
N ASN C 272 -52.31 34.04 19.40
CA ASN C 272 -53.05 35.18 20.00
C ASN C 272 -54.07 34.59 20.94
N GLU C 273 -54.71 35.40 21.77
CA GLU C 273 -55.78 34.90 22.69
C GLU C 273 -56.97 34.41 21.88
N THR C 274 -57.29 35.08 20.77
CA THR C 274 -58.39 34.60 19.89
C THR C 274 -58.03 33.25 19.29
N ALA C 275 -56.82 33.12 18.74
CA ALA C 275 -56.36 31.82 18.19
C ALA C 275 -56.27 30.75 19.28
N GLN C 276 -55.81 31.09 20.48
CA GLN C 276 -55.80 30.11 21.59
C GLN C 276 -57.21 29.65 21.96
N ILE C 277 -58.16 30.58 22.06
CA ILE C 277 -59.57 30.27 22.43
C ILE C 277 -60.23 29.48 21.32
N ASP C 278 -59.97 29.84 20.06
CA ASP C 278 -60.58 29.16 18.90
C ASP C 278 -59.91 27.79 18.72
N PHE C 279 -58.65 27.63 19.09
CA PHE C 279 -58.00 26.31 19.05
C PHE C 279 -58.65 25.44 20.11
N GLN C 280 -58.73 25.94 21.35
CA GLN C 280 -59.40 25.13 22.36
C GLN C 280 -60.81 24.76 21.91
N GLN C 281 -61.52 25.71 21.29
CA GLN C 281 -62.87 25.44 20.83
C GLN C 281 -62.89 24.34 19.77
N TRP C 282 -62.07 24.49 18.74
CA TRP C 282 -61.97 23.45 17.70
C TRP C 282 -61.61 22.10 18.31
N ALA C 283 -60.73 22.08 19.30
CA ALA C 283 -60.29 20.81 19.88
C ALA C 283 -61.44 20.13 20.62
N LYS C 284 -62.14 20.87 21.49
CA LYS C 284 -63.27 20.30 22.20
C LYS C 284 -64.34 19.80 21.23
N GLU C 285 -64.55 20.53 20.14
CA GLU C 285 -65.56 20.15 19.16
C GLU C 285 -65.23 18.83 18.47
N ASN C 286 -63.95 18.44 18.45
CA ASN C 286 -63.51 17.26 17.73
C ASN C 286 -62.90 16.22 18.67
N ASN C 287 -63.12 16.38 19.99
CA ASN C 287 -62.66 15.42 20.98
C ASN C 287 -61.15 15.20 20.90
N ILE C 288 -60.42 16.32 20.93
CA ILE C 288 -58.97 16.35 20.82
C ILE C 288 -58.42 17.07 22.03
N GLU C 289 -57.45 16.45 22.72
CA GLU C 289 -56.75 17.09 23.82
C GLU C 289 -55.59 17.94 23.29
N LEU C 290 -55.48 19.17 23.79
CA LEU C 290 -54.36 20.04 23.49
C LEU C 290 -53.36 19.99 24.64
N VAL C 291 -52.06 20.04 24.30
CA VAL C 291 -50.99 20.07 25.28
C VAL C 291 -50.14 21.31 25.00
N ASP C 292 -50.23 22.29 25.88
CA ASP C 292 -49.51 23.56 25.75
C ASP C 292 -48.15 23.42 26.42
N ILE C 293 -47.09 23.31 25.61
CA ILE C 293 -45.73 23.20 26.16
C ILE C 293 -45.39 24.38 27.07
N ASP C 294 -46.02 25.53 26.84
CA ASP C 294 -45.80 26.69 27.69
C ASP C 294 -46.59 26.61 28.99
N SER C 295 -47.35 25.54 29.20
CA SER C 295 -48.17 25.35 30.40
C SER C 295 -47.63 24.23 31.28
N ILE C 296 -46.38 23.82 31.06
CA ILE C 296 -45.78 22.69 31.76
C ILE C 296 -44.84 23.25 32.83
N ASP C 297 -45.08 22.87 34.09
CA ASP C 297 -44.18 23.22 35.19
C ASP C 297 -42.86 22.46 34.98
N LEU C 298 -41.80 23.19 34.64
CA LEU C 298 -40.51 22.56 34.35
C LEU C 298 -39.84 22.05 35.62
N LYS C 299 -40.33 22.40 36.78
CA LYS C 299 -39.83 21.84 38.02
C LYS C 299 -40.48 20.50 38.35
N SER C 300 -41.50 20.12 37.60
CA SER C 300 -42.13 18.81 37.67
C SER C 300 -41.52 17.75 36.74
N VAL C 301 -40.60 18.11 35.85
CA VAL C 301 -40.16 17.22 34.78
C VAL C 301 -38.68 16.90 34.94
N SER C 302 -38.24 15.86 34.23
CA SER C 302 -36.85 15.43 34.30
C SER C 302 -35.92 16.51 33.76
N GLU C 303 -34.67 16.50 34.25
CA GLU C 303 -33.67 17.45 33.78
C GLU C 303 -33.60 17.49 32.26
N THR C 304 -33.65 16.34 31.60
CA THR C 304 -33.55 16.34 30.14
C THR C 304 -34.84 16.82 29.49
N ASP C 305 -35.99 16.53 30.10
CA ASP C 305 -37.25 17.08 29.61
C ASP C 305 -37.24 18.60 29.67
N ALA C 306 -36.80 19.16 30.80
CA ALA C 306 -36.68 20.60 30.93
C ALA C 306 -35.79 21.17 29.82
N GLN C 307 -34.68 20.51 29.53
CA GLN C 307 -33.76 21.01 28.51
C GLN C 307 -34.42 20.99 27.13
N LEU C 308 -34.97 19.85 26.73
CA LEU C 308 -35.66 19.76 25.45
C LEU C 308 -36.73 20.84 25.32
N LEU C 309 -37.62 20.93 26.32
CA LEU C 309 -38.69 21.93 26.29
C LEU C 309 -38.13 23.34 26.21
N ASN C 310 -37.12 23.65 27.01
CA ASN C 310 -36.49 24.97 26.93
C ASN C 310 -35.94 25.21 25.52
N LEU C 311 -35.19 24.23 24.99
CA LEU C 311 -34.66 24.32 23.64
C LEU C 311 -35.77 24.59 22.63
N ALA C 312 -36.91 23.92 22.79
CA ALA C 312 -38.03 24.13 21.88
C ALA C 312 -38.58 25.55 22.00
N LYS C 313 -38.72 26.05 23.23
CA LYS C 313 -39.18 27.42 23.42
C LYS C 313 -38.21 28.42 22.81
N ASP C 314 -36.90 28.17 22.93
CA ASP C 314 -35.92 29.06 22.33
C ASP C 314 -36.06 29.08 20.81
N GLU C 315 -36.27 27.91 20.19
CA GLU C 315 -36.55 27.87 18.76
C GLU C 315 -37.78 28.69 18.42
N LEU C 316 -38.89 28.43 19.12
CA LEU C 316 -40.12 29.17 18.85
C LEU C 316 -39.97 30.66 19.17
N GLY C 317 -39.18 30.99 20.20
CA GLY C 317 -38.93 32.39 20.50
C GLY C 317 -38.12 33.08 19.42
N ALA C 318 -37.07 32.40 18.94
CA ALA C 318 -36.29 32.95 17.84
C ALA C 318 -37.10 33.01 16.55
N MET C 319 -38.01 32.06 16.34
CA MET C 319 -38.91 32.12 15.20
C MET C 319 -39.78 33.36 15.25
N ARG C 320 -40.42 33.60 16.40
CA ARG C 320 -41.30 34.76 16.53
C ARG C 320 -40.56 36.06 16.27
N LYS C 321 -39.33 36.18 16.77
CA LYS C 321 -38.52 37.37 16.56
C LYS C 321 -37.80 37.37 15.21
N GLY C 322 -38.11 36.42 14.33
CA GLY C 322 -37.36 36.22 13.10
C GLY C 322 -35.86 36.29 13.29
N LYS C 323 -35.33 35.48 14.19
CA LYS C 323 -33.91 35.43 14.48
C LYS C 323 -33.38 34.00 14.40
N GLY C 324 -33.88 33.25 13.41
CA GLY C 324 -33.34 31.94 13.09
C GLY C 324 -34.12 30.75 13.63
N GLY C 325 -35.06 30.97 14.54
CA GLY C 325 -35.85 29.87 15.08
C GLY C 325 -36.67 29.17 14.01
N ASN C 326 -37.06 27.93 14.32
CA ASN C 326 -37.80 27.12 13.34
C ASN C 326 -38.78 26.19 14.03
N PRO C 327 -40.07 26.23 13.67
CA PRO C 327 -41.05 25.38 14.34
C PRO C 327 -40.89 23.89 14.05
N ALA C 328 -40.42 23.52 12.85
CA ALA C 328 -40.16 22.11 12.58
C ALA C 328 -39.09 21.58 13.52
N ALA C 329 -38.09 22.42 13.86
CA ALA C 329 -37.08 22.02 14.82
C ALA C 329 -37.68 21.79 16.20
N ALA C 330 -38.56 22.70 16.64
CA ALA C 330 -39.20 22.52 17.94
C ALA C 330 -40.10 21.30 17.96
N SER C 331 -40.78 21.02 16.84
CA SER C 331 -41.54 19.79 16.74
C SER C 331 -40.63 18.58 16.90
N ASP C 332 -39.43 18.62 16.31
CA ASP C 332 -38.46 17.56 16.47
C ASP C 332 -38.12 17.33 17.93
N LEU C 333 -38.01 18.40 18.71
CA LEU C 333 -37.57 18.28 20.09
C LEU C 333 -38.65 17.69 20.98
N VAL C 334 -39.88 18.23 20.89
CA VAL C 334 -40.87 17.93 21.91
C VAL C 334 -41.42 16.51 21.85
N ARG C 335 -41.37 15.84 20.69
CA ARG C 335 -41.88 14.47 20.65
C ARG C 335 -41.07 13.50 21.51
N TRP C 336 -39.85 13.88 21.91
CA TRP C 336 -39.01 13.03 22.75
C TRP C 336 -39.18 13.34 24.23
N VAL C 337 -40.11 14.23 24.58
CA VAL C 337 -40.30 14.68 25.95
C VAL C 337 -41.13 13.67 26.72
N ASP C 338 -40.62 13.24 27.88
CA ASP C 338 -41.27 12.18 28.65
C ASP C 338 -42.69 12.57 29.06
N VAL C 339 -42.85 13.77 29.62
CA VAL C 339 -44.17 14.16 30.14
C VAL C 339 -45.18 14.28 29.01
N ILE C 340 -44.72 14.61 27.81
CA ILE C 340 -45.63 14.74 26.67
C ILE C 340 -45.99 13.36 26.12
N ILE C 341 -45.02 12.44 26.09
CA ILE C 341 -45.30 11.07 25.69
C ILE C 341 -46.36 10.45 26.60
N GLY C 342 -46.20 10.62 27.91
CA GLY C 342 -47.16 10.06 28.86
C GLY C 342 -47.02 8.55 29.02
N GLU C 343 -48.17 7.91 29.26
CA GLU C 343 -48.18 6.50 29.67
C GLU C 343 -47.70 5.59 28.55
N SER C 344 -48.20 5.82 27.33
CA SER C 344 -47.82 5.08 26.15
C SER C 344 -48.52 5.69 24.96
N SER C 345 -47.76 6.06 23.94
CA SER C 345 -48.27 6.92 22.88
C SER C 345 -47.48 6.65 21.62
N THR C 346 -48.06 7.08 20.49
CA THR C 346 -47.36 7.05 19.22
C THR C 346 -47.37 8.46 18.66
N TYR C 347 -46.17 9.03 18.46
CA TYR C 347 -46.09 10.27 17.69
C TYR C 347 -46.42 9.97 16.24
N ILE C 348 -47.21 10.85 15.64
CA ILE C 348 -47.53 10.79 14.22
C ILE C 348 -47.25 12.15 13.61
N ASP C 349 -46.74 12.18 12.38
CA ASP C 349 -46.84 13.37 11.56
C ASP C 349 -48.32 13.62 11.25
N ILE C 350 -48.76 14.87 11.36
CA ILE C 350 -50.18 15.15 11.26
C ILE C 350 -50.78 14.74 9.92
N ASP C 351 -49.95 14.45 8.91
CA ASP C 351 -50.45 14.17 7.58
C ASP C 351 -50.35 12.70 7.20
N LEU C 352 -50.29 11.81 8.20
CA LEU C 352 -50.21 10.38 7.92
C LEU C 352 -51.59 9.77 7.75
N PRO C 353 -51.81 8.96 6.71
CA PRO C 353 -53.08 8.26 6.57
C PRO C 353 -53.19 7.09 7.55
N MET C 354 -54.40 6.90 8.08
CA MET C 354 -54.72 5.73 8.88
C MET C 354 -54.91 4.50 8.02
N ASN C 355 -54.58 3.34 8.58
CA ASN C 355 -54.80 2.12 7.82
C ASN C 355 -56.28 1.77 7.87
N ASP C 356 -56.73 0.96 6.91
CA ASP C 356 -58.11 0.49 6.94
C ASP C 356 -58.35 -0.38 8.16
N LYS C 357 -57.59 -1.46 8.28
CA LYS C 357 -57.73 -2.38 9.40
C LYS C 357 -56.75 -2.02 10.51
N LYS C 358 -57.27 -1.88 11.73
CA LYS C 358 -56.49 -1.55 12.92
C LYS C 358 -55.79 -2.78 13.49
N VAL C 359 -54.71 -2.52 14.23
CA VAL C 359 -54.03 -3.58 14.97
C VAL C 359 -54.61 -3.64 16.38
N THR C 360 -54.31 -4.71 17.11
CA THR C 360 -54.78 -4.86 18.48
C THR C 360 -54.42 -3.63 19.31
N VAL C 361 -55.30 -3.28 20.25
CA VAL C 361 -55.12 -2.03 21.00
C VAL C 361 -53.81 -2.05 21.78
N GLU C 362 -53.38 -3.23 22.20
CA GLU C 362 -52.03 -3.44 22.73
C GLU C 362 -51.27 -4.32 21.75
N VAL C 363 -50.04 -3.91 21.42
CA VAL C 363 -49.12 -4.74 20.67
C VAL C 363 -47.81 -4.80 21.44
N HIS C 364 -46.93 -5.70 21.02
CA HIS C 364 -45.64 -5.88 21.67
C HIS C 364 -44.53 -5.88 20.64
N SER C 365 -43.35 -5.40 21.06
CA SER C 365 -42.14 -5.57 20.28
C SER C 365 -40.96 -5.74 21.23
N GLY C 366 -39.75 -5.75 20.69
CA GLY C 366 -38.56 -6.01 21.47
C GLY C 366 -37.70 -4.79 21.74
N PHE C 367 -38.27 -3.59 21.60
CA PHE C 367 -37.58 -2.35 21.93
C PHE C 367 -38.63 -1.35 22.40
N PRO C 368 -38.32 -0.53 23.41
CA PRO C 368 -39.35 0.35 23.99
C PRO C 368 -39.65 1.59 23.17
N VAL C 369 -38.90 1.88 22.11
CA VAL C 369 -39.14 3.04 21.27
C VAL C 369 -38.99 2.61 19.82
N LEU C 370 -40.10 2.61 19.10
CA LEU C 370 -40.12 2.08 17.72
C LEU C 370 -40.12 3.24 16.75
N LEU C 371 -39.06 3.35 15.95
CA LEU C 371 -38.99 4.39 14.91
C LEU C 371 -39.54 3.78 13.63
N ASN C 372 -39.93 4.60 12.67
CA ASN C 372 -40.35 4.09 11.34
C ASN C 372 -39.08 3.69 10.63
N MET C 373 -39.09 2.51 10.07
CA MET C 373 -37.87 1.99 9.44
C MET C 373 -38.17 1.36 8.10
N GLY C 374 -37.16 1.33 7.25
CA GLY C 374 -37.31 0.63 5.96
C GLY C 374 -35.95 0.37 5.39
N SER C 375 -35.91 -0.20 4.20
CA SER C 375 -34.63 -0.46 3.52
C SER C 375 -34.78 -0.37 2.01
N ALA C 376 -33.76 0.14 1.37
CA ALA C 376 -33.76 0.20 -0.11
C ALA C 376 -32.74 -0.82 -0.60
N LEU C 377 -33.13 -1.65 -1.56
CA LEU C 377 -32.24 -2.70 -2.10
C LEU C 377 -31.57 -2.24 -3.40
N THR C 378 -30.25 -2.39 -3.48
CA THR C 378 -29.52 -2.09 -4.72
C THR C 378 -29.01 -3.43 -5.23
N LYS C 379 -29.39 -3.83 -6.45
CA LYS C 379 -29.00 -5.17 -6.96
C LYS C 379 -27.49 -5.28 -7.21
N ASP C 380 -26.88 -6.39 -6.79
CA ASP C 380 -25.42 -6.63 -6.98
C ASP C 380 -25.19 -7.78 -7.98
N GLY C 381 -26.08 -7.94 -8.94
CA GLY C 381 -25.91 -8.92 -10.02
C GLY C 381 -25.86 -10.38 -9.64
N GLN C 382 -24.67 -10.96 -9.69
CA GLN C 382 -24.51 -12.40 -9.42
C GLN C 382 -24.53 -12.63 -7.91
N GLN C 383 -24.38 -11.55 -7.15
CA GLN C 383 -24.32 -11.64 -5.67
C GLN C 383 -25.61 -11.06 -5.06
N PRO C 384 -25.95 -11.41 -3.80
CA PRO C 384 -27.19 -10.95 -3.18
C PRO C 384 -27.27 -9.43 -3.04
N ALA C 385 -28.48 -8.88 -3.03
CA ALA C 385 -28.65 -7.41 -3.07
C ALA C 385 -28.22 -6.66 -1.82
N MET C 386 -27.66 -5.48 -2.01
CA MET C 386 -27.23 -4.63 -0.88
C MET C 386 -28.45 -3.94 -0.29
N GLU C 387 -28.47 -3.76 1.03
CA GLU C 387 -29.65 -3.21 1.72
C GLU C 387 -29.26 -1.93 2.47
N ASN C 388 -29.99 -0.85 2.24
CA ASN C 388 -29.68 0.45 2.87
C ASN C 388 -30.79 0.79 3.86
N PRO C 389 -30.49 0.80 5.16
CA PRO C 389 -31.51 1.07 6.15
C PRO C 389 -31.96 2.52 6.15
N ALA C 390 -33.26 2.75 6.38
CA ALA C 390 -33.82 4.11 6.45
C ALA C 390 -34.56 4.31 7.78
N PHE C 391 -34.21 5.33 8.55
CA PHE C 391 -34.83 5.56 9.88
C PHE C 391 -35.58 6.90 9.87
N ASN C 392 -36.77 6.94 10.45
CA ASN C 392 -37.56 8.20 10.41
C ASN C 392 -38.28 8.52 11.72
N THR C 393 -38.50 9.80 11.96
CA THR C 393 -39.20 10.28 13.17
C THR C 393 -40.63 10.66 12.80
N ASP C 394 -41.11 10.24 11.63
CA ASP C 394 -42.49 10.53 11.17
C ASP C 394 -43.51 9.71 11.97
N MET C 395 -43.08 8.62 12.56
CA MET C 395 -43.95 7.74 13.38
C MET C 395 -43.08 7.15 14.47
N ILE C 396 -43.32 7.54 15.71
CA ILE C 396 -42.52 7.03 16.84
C ILE C 396 -43.43 6.41 17.90
N ALA C 397 -43.37 5.10 18.07
CA ALA C 397 -44.12 4.42 19.13
C ALA C 397 -43.30 4.37 20.42
N TYR C 398 -43.91 4.76 21.53
CA TYR C 398 -43.24 4.75 22.84
C TYR C 398 -43.95 3.75 23.75
N SER C 399 -43.19 2.93 24.50
CA SER C 399 -43.75 1.81 25.31
C SER C 399 -44.31 2.21 26.66
N LYS C 400 -45.20 1.37 27.20
CA LYS C 400 -45.71 1.53 28.57
C LYS C 400 -44.57 1.33 29.55
N ASP C 401 -43.53 0.57 29.19
CA ASP C 401 -42.31 0.45 30.02
C ASP C 401 -41.61 1.79 29.98
N LYS C 402 -41.80 2.61 31.01
CA LYS C 402 -41.28 3.99 31.02
C LYS C 402 -39.83 4.02 31.46
N GLU C 403 -39.35 3.00 32.17
CA GLU C 403 -37.92 2.93 32.59
C GLU C 403 -37.03 2.60 31.38
N ALA C 404 -37.48 1.67 30.55
CA ALA C 404 -36.71 1.31 29.35
C ALA C 404 -36.82 2.43 28.32
N ARG C 405 -37.98 3.08 28.25
CA ARG C 405 -38.20 4.16 27.29
C ARG C 405 -37.40 5.35 27.75
N ARG C 406 -37.32 5.55 29.06
CA ARG C 406 -36.59 6.72 29.60
C ARG C 406 -35.14 6.62 29.15
N GLN C 407 -34.58 5.41 29.15
CA GLN C 407 -33.18 5.31 28.77
C GLN C 407 -32.96 5.72 27.32
N ILE C 408 -33.88 5.34 26.44
CA ILE C 408 -33.73 5.64 25.02
C ILE C 408 -33.97 7.12 24.75
N ILE C 409 -35.06 7.68 25.30
CA ILE C 409 -35.39 9.06 24.94
C ILE C 409 -34.41 10.04 25.56
N GLU C 410 -33.84 9.70 26.72
CA GLU C 410 -32.82 10.56 27.31
C GLU C 410 -31.52 10.45 26.54
N GLY C 411 -31.18 9.25 26.06
CA GLY C 411 -30.01 9.10 25.22
C GLY C 411 -30.12 9.90 23.93
N VAL C 412 -31.24 9.76 23.23
CA VAL C 412 -31.50 10.59 22.05
C VAL C 412 -31.43 12.07 22.41
N ALA C 413 -32.01 12.44 23.56
CA ALA C 413 -32.10 13.85 23.92
C ALA C 413 -30.72 14.43 24.21
N LYS C 414 -29.94 13.77 25.07
CA LYS C 414 -28.59 14.23 25.39
C LYS C 414 -27.78 14.50 24.12
N LYS C 415 -27.91 13.63 23.12
CA LYS C 415 -27.13 13.80 21.90
C LYS C 415 -27.63 14.97 21.07
N ILE C 416 -28.95 15.15 20.95
CA ILE C 416 -29.47 16.34 20.30
C ILE C 416 -28.98 17.60 21.00
N ILE C 417 -29.02 17.60 22.34
CA ILE C 417 -28.55 18.75 23.10
C ILE C 417 -27.07 18.97 22.86
N ALA C 418 -26.30 17.88 22.75
CA ALA C 418 -24.88 17.99 22.42
C ALA C 418 -24.67 18.79 21.13
N ARG C 419 -25.52 18.55 20.12
CA ARG C 419 -25.35 19.25 18.85
C ARG C 419 -25.77 20.71 18.94
N TYR C 420 -26.81 21.00 19.73
CA TYR C 420 -27.21 22.38 19.94
C TYR C 420 -26.13 23.15 20.69
N GLU C 421 -25.40 22.48 21.59
CA GLU C 421 -24.39 23.13 22.42
C GLU C 421 -23.02 23.21 21.77
N ASN C 422 -22.79 22.54 20.64
CA ASN C 422 -21.51 22.56 19.96
C ASN C 422 -21.71 22.57 18.44
N CYS C 423 -22.49 23.54 17.96
CA CYS C 423 -22.82 23.64 16.54
C CYS C 423 -21.58 23.61 15.66
N ALA C 424 -20.63 24.52 15.92
CA ALA C 424 -19.43 24.61 15.10
C ALA C 424 -18.73 23.26 14.97
N LYS C 425 -18.60 22.54 16.10
CA LYS C 425 -17.94 21.24 16.07
C LYS C 425 -18.68 20.25 15.18
N TYR C 426 -20.00 20.16 15.33
CA TYR C 426 -20.75 19.16 14.58
C TYR C 426 -20.80 19.47 13.10
N ILE C 427 -20.77 20.76 12.73
CA ILE C 427 -20.74 21.11 11.32
C ILE C 427 -19.39 20.75 10.70
N GLU C 428 -18.31 20.94 11.47
CA GLU C 428 -17.00 20.50 11.01
C GLU C 428 -16.97 18.99 10.76
N GLU C 429 -17.66 18.21 11.60
CA GLU C 429 -17.54 16.75 11.58
C GLU C 429 -18.63 16.06 10.76
N SER C 430 -19.66 16.79 10.35
CA SER C 430 -20.78 16.17 9.63
C SER C 430 -20.33 15.65 8.27
N LYS C 431 -20.97 14.57 7.82
CA LYS C 431 -20.77 14.03 6.49
C LYS C 431 -21.84 14.48 5.50
N ASN C 432 -22.80 15.29 5.97
CA ASN C 432 -23.82 15.87 5.10
C ASN C 432 -23.16 16.80 4.08
N GLU C 433 -23.31 16.46 2.80
CA GLU C 433 -22.54 17.14 1.75
C GLU C 433 -22.81 18.64 1.75
N GLU C 434 -24.08 19.02 1.88
CA GLU C 434 -24.41 20.43 1.87
C GLU C 434 -23.83 21.17 3.07
N LEU C 435 -23.68 20.48 4.20
CA LEU C 435 -23.07 21.10 5.37
C LEU C 435 -21.57 21.27 5.20
N VAL C 436 -20.91 20.42 4.40
CA VAL C 436 -19.50 20.65 4.11
C VAL C 436 -19.36 21.80 3.13
N ARG C 437 -20.26 21.89 2.14
CA ARG C 437 -20.33 23.09 1.30
C ARG C 437 -20.51 24.34 2.16
N LEU C 438 -21.44 24.29 3.11
CA LEU C 438 -21.64 25.43 4.00
C LEU C 438 -20.38 25.72 4.80
N LYS C 439 -19.75 24.66 5.34
CA LYS C 439 -18.55 24.82 6.16
C LYS C 439 -17.45 25.56 5.40
N ASN C 440 -17.40 25.44 4.07
CA ASN C 440 -16.34 26.01 3.28
C ASN C 440 -16.70 27.35 2.65
N SER C 441 -17.93 27.81 2.83
CA SER C 441 -18.32 29.10 2.28
C SER C 441 -17.54 30.23 2.95
N PRO C 442 -17.15 31.27 2.22
CA PRO C 442 -16.56 32.45 2.87
C PRO C 442 -17.44 33.03 3.94
N GLY C 443 -18.77 33.03 3.74
CA GLY C 443 -19.67 33.58 4.73
C GLY C 443 -19.61 32.87 6.07
N TYR C 444 -19.61 31.54 6.03
CA TYR C 444 -19.51 30.77 7.27
C TYR C 444 -18.20 31.07 8.00
N LYS C 445 -17.09 31.10 7.26
CA LYS C 445 -15.80 31.33 7.89
C LYS C 445 -15.75 32.71 8.53
N LEU C 446 -16.32 33.72 7.85
CA LEU C 446 -16.38 35.06 8.43
C LEU C 446 -17.35 35.09 9.61
N PHE C 447 -18.43 34.32 9.51
CA PHE C 447 -19.38 34.19 10.63
C PHE C 447 -18.71 33.54 11.84
N VAL C 448 -17.93 32.47 11.59
CA VAL C 448 -17.23 31.79 12.67
C VAL C 448 -16.11 32.64 13.23
N GLU C 449 -15.51 33.49 12.39
CA GLU C 449 -14.46 34.40 12.85
C GLU C 449 -15.03 35.54 13.71
N LYS C 450 -16.26 35.99 13.44
CA LYS C 450 -16.83 37.10 14.20
C LYS C 450 -17.34 36.63 15.55
N THR C 451 -18.10 35.54 15.57
CA THR C 451 -18.22 34.81 16.80
C THR C 451 -16.86 34.14 17.04
N ASP C 452 -16.72 33.43 18.15
CA ASP C 452 -15.49 32.69 18.44
C ASP C 452 -15.67 31.22 18.13
N GLY C 453 -16.42 30.93 17.07
CA GLY C 453 -16.91 29.56 16.90
C GLY C 453 -18.01 29.19 17.88
N LYS C 454 -18.52 30.17 18.62
CA LYS C 454 -19.49 29.98 19.69
C LYS C 454 -20.79 30.69 19.29
N PHE C 455 -21.79 29.92 18.87
CA PHE C 455 -23.06 30.49 18.43
C PHE C 455 -24.20 29.49 18.63
N ASP C 456 -25.40 30.02 18.86
CA ASP C 456 -26.61 29.22 18.72
C ASP C 456 -26.77 28.74 17.28
N LEU C 457 -27.39 27.58 17.12
CA LEU C 457 -27.87 27.16 15.80
C LEU C 457 -28.78 28.21 15.18
N CYS C 458 -29.57 28.91 16.00
CA CYS C 458 -30.50 29.91 15.47
C CYS C 458 -29.78 31.09 14.85
N THR C 459 -28.72 31.59 15.52
CA THR C 459 -27.90 32.64 14.92
C THR C 459 -27.39 32.22 13.55
N LEU C 460 -26.94 30.97 13.43
CA LEU C 460 -26.43 30.48 12.15
C LEU C 460 -27.53 30.45 11.10
N ARG C 461 -28.67 29.83 11.42
CA ARG C 461 -29.81 29.83 10.50
C ARG C 461 -30.14 31.25 10.04
N ALA C 462 -30.22 32.19 10.99
CA ALA C 462 -30.50 33.58 10.65
C ALA C 462 -29.49 34.12 9.66
N ALA C 463 -28.21 33.84 9.88
CA ALA C 463 -27.17 34.29 8.94
C ALA C 463 -27.35 33.65 7.57
N VAL C 464 -27.63 32.34 7.55
CA VAL C 464 -27.88 31.65 6.30
C VAL C 464 -29.13 32.20 5.62
N SER C 465 -30.09 32.67 6.42
CA SER C 465 -31.28 33.31 5.85
C SER C 465 -30.95 34.68 5.25
N GLU C 466 -30.13 35.48 5.93
CA GLU C 466 -29.81 36.81 5.41
C GLU C 466 -29.03 36.73 4.10
N ALA C 467 -28.27 35.65 3.91
CA ALA C 467 -27.51 35.45 2.67
C ALA C 467 -28.43 35.38 1.46
N HIS C 468 -29.65 34.87 1.61
CA HIS C 468 -30.54 34.66 0.49
C HIS C 468 -31.47 35.84 0.24
N GLN C 469 -31.15 37.01 0.77
CA GLN C 469 -32.00 38.19 0.65
C GLN C 469 -31.75 38.99 -0.63
N ASP C 470 -30.49 39.19 -1.01
CA ASP C 470 -30.18 39.88 -2.25
C ASP C 470 -28.92 39.27 -2.85
N ALA C 471 -28.65 39.65 -4.10
CA ALA C 471 -27.55 39.06 -4.85
C ALA C 471 -26.21 39.31 -4.17
N LEU C 472 -25.96 40.53 -3.70
CA LEU C 472 -24.69 40.85 -3.07
C LEU C 472 -24.47 39.98 -1.84
N SER C 473 -25.50 39.85 -1.00
CA SER C 473 -25.46 38.92 0.12
C SER C 473 -25.10 37.52 -0.34
N PHE C 474 -25.88 36.99 -1.30
CA PHE C 474 -25.66 35.63 -1.78
C PHE C 474 -24.26 35.45 -2.35
N ALA C 475 -23.79 36.43 -3.11
CA ALA C 475 -22.45 36.35 -3.69
C ALA C 475 -21.38 36.38 -2.62
N THR C 476 -21.49 37.30 -1.65
CA THR C 476 -20.46 37.44 -0.62
C THR C 476 -20.42 36.24 0.32
N PHE C 477 -21.57 35.64 0.60
CA PHE C 477 -21.62 34.55 1.58
C PHE C 477 -21.11 33.23 0.99
N PHE C 478 -21.59 32.86 -0.19
CA PHE C 478 -21.26 31.56 -0.78
C PHE C 478 -20.10 31.60 -1.77
N GLY C 479 -19.53 32.77 -2.04
CA GLY C 479 -18.32 32.84 -2.84
C GLY C 479 -18.59 33.28 -4.28
N ALA C 480 -17.54 33.83 -4.89
CA ALA C 480 -17.60 34.21 -6.29
C ALA C 480 -17.69 32.98 -7.20
N GLU C 481 -16.97 31.92 -6.86
CA GLU C 481 -16.96 30.71 -7.66
C GLU C 481 -18.39 30.15 -7.82
N TYR C 482 -19.11 30.05 -6.70
CA TYR C 482 -20.47 29.50 -6.73
C TYR C 482 -21.42 30.39 -7.51
N PHE C 483 -21.39 31.70 -7.24
CA PHE C 483 -22.26 32.64 -7.95
C PHE C 483 -22.10 32.49 -9.45
N ALA C 484 -20.86 32.55 -9.94
CA ALA C 484 -20.59 32.38 -11.37
C ALA C 484 -21.15 31.06 -11.89
N LYS C 485 -20.95 29.97 -11.14
CA LYS C 485 -21.38 28.67 -11.64
C LYS C 485 -22.90 28.54 -11.66
N THR C 486 -23.58 29.19 -10.72
CA THR C 486 -25.02 29.06 -10.61
C THR C 486 -25.77 29.93 -11.60
N PHE C 487 -25.23 31.11 -11.93
CA PHE C 487 -25.94 32.09 -12.72
C PHE C 487 -25.26 32.39 -14.05
N ALA C 488 -24.03 31.95 -14.26
CA ALA C 488 -23.34 32.20 -15.52
C ALA C 488 -22.39 31.04 -15.82
N THR C 489 -21.11 31.35 -16.06
CA THR C 489 -20.07 30.36 -16.21
C THR C 489 -18.91 30.72 -15.30
N GLN C 490 -17.99 29.76 -15.12
CA GLN C 490 -16.80 30.02 -14.34
C GLN C 490 -16.04 31.26 -14.83
N GLU C 491 -16.06 31.52 -16.14
CA GLU C 491 -15.25 32.62 -16.68
C GLU C 491 -15.67 33.98 -16.14
N LEU C 492 -16.86 34.10 -15.55
CA LEU C 492 -17.28 35.38 -14.99
C LEU C 492 -16.72 35.62 -13.60
N ILE C 493 -16.12 34.60 -12.98
CA ILE C 493 -15.59 34.67 -11.62
C ILE C 493 -14.77 35.94 -11.40
N PRO C 494 -13.85 36.34 -12.30
CA PRO C 494 -13.13 37.60 -12.07
C PRO C 494 -14.04 38.81 -11.84
N VAL C 495 -15.19 38.83 -12.52
CA VAL C 495 -16.09 39.97 -12.40
C VAL C 495 -16.91 39.89 -11.12
N ILE C 496 -17.26 38.66 -10.70
CA ILE C 496 -17.97 38.54 -9.43
C ILE C 496 -17.06 38.96 -8.27
N LYS C 497 -15.75 38.77 -8.41
CA LYS C 497 -14.83 39.12 -7.33
C LYS C 497 -14.75 40.63 -7.10
N GLU C 498 -14.57 41.43 -8.16
CA GLU C 498 -14.55 42.87 -7.90
C GLU C 498 -15.94 43.39 -7.56
N ALA C 499 -16.99 42.63 -7.89
CA ALA C 499 -18.32 43.09 -7.55
C ALA C 499 -18.62 42.87 -6.08
N ILE C 500 -18.17 41.74 -5.53
CA ILE C 500 -18.25 41.54 -4.08
C ILE C 500 -17.40 42.57 -3.35
N GLN C 501 -16.19 42.82 -3.84
CA GLN C 501 -15.26 43.72 -3.15
C GLN C 501 -15.64 45.18 -3.26
N HIS C 502 -16.42 45.55 -4.28
CA HIS C 502 -16.89 46.91 -4.45
C HIS C 502 -18.36 47.05 -4.08
N GLN C 503 -18.95 46.01 -3.49
CA GLN C 503 -20.36 46.00 -3.12
C GLN C 503 -21.24 46.44 -4.29
N ASN C 504 -20.87 45.98 -5.49
CA ASN C 504 -21.64 46.26 -6.70
C ASN C 504 -22.89 45.40 -6.70
N GLN C 505 -23.88 45.85 -5.90
CA GLN C 505 -25.16 45.17 -5.84
C GLN C 505 -25.83 45.10 -7.20
N ASP C 506 -25.76 46.18 -7.99
CA ASP C 506 -26.49 46.25 -9.25
C ASP C 506 -25.95 45.26 -10.27
N LEU C 507 -24.63 45.17 -10.41
CA LEU C 507 -24.03 44.20 -11.32
C LEU C 507 -24.50 42.79 -10.99
N LEU C 508 -24.52 42.44 -9.70
CA LEU C 508 -24.84 41.07 -9.31
C LEU C 508 -26.32 40.78 -9.52
N THR C 509 -27.18 41.76 -9.29
CA THR C 509 -28.59 41.62 -9.62
C THR C 509 -28.78 41.45 -11.12
N SER C 510 -28.09 42.29 -11.90
CA SER C 510 -28.13 42.17 -13.35
C SER C 510 -27.68 40.78 -13.81
N VAL C 511 -26.66 40.22 -13.16
CA VAL C 511 -26.13 38.92 -13.58
C VAL C 511 -27.19 37.84 -13.38
N ILE C 512 -27.96 37.91 -12.30
CA ILE C 512 -28.99 36.91 -12.05
C ILE C 512 -30.15 37.11 -13.01
N GLU C 513 -30.61 38.35 -13.16
CA GLU C 513 -31.58 38.68 -14.20
C GLU C 513 -31.15 38.13 -15.55
N ASN C 514 -29.88 38.33 -15.90
CA ASN C 514 -29.34 37.80 -17.14
C ASN C 514 -29.49 36.28 -17.21
N HIS C 515 -29.37 35.60 -16.07
CA HIS C 515 -29.56 34.15 -16.03
C HIS C 515 -31.02 33.79 -16.22
N ILE C 516 -31.93 34.51 -15.54
CA ILE C 516 -33.36 34.23 -15.61
C ILE C 516 -33.85 34.15 -17.06
N GLU C 517 -33.42 35.09 -17.90
CA GLU C 517 -33.92 35.10 -19.28
C GLU C 517 -33.10 34.17 -20.16
N LYS C 518 -31.84 33.96 -19.83
CA LYS C 518 -31.14 32.93 -20.58
C LYS C 518 -31.63 31.52 -20.29
N GLN C 519 -32.33 31.33 -19.17
CA GLN C 519 -32.85 30.00 -18.81
C GLN C 519 -34.37 30.04 -18.75
N HIS C 520 -35.03 31.06 -19.33
CA HIS C 520 -36.52 31.13 -19.45
C HIS C 520 -37.23 30.82 -18.14
N LEU C 521 -36.65 31.17 -16.99
CA LEU C 521 -37.33 30.99 -15.69
C LEU C 521 -38.29 32.16 -15.56
N ASN C 522 -39.45 32.08 -16.22
CA ASN C 522 -40.40 33.21 -16.24
C ASN C 522 -41.30 33.15 -15.01
N ASP C 523 -41.08 32.15 -14.15
CA ASP C 523 -41.82 32.09 -12.87
C ASP C 523 -41.06 32.96 -11.88
N TYR C 524 -39.91 33.48 -12.29
CA TYR C 524 -39.11 34.37 -11.44
C TYR C 524 -38.95 35.72 -12.14
N PRO C 525 -39.61 36.83 -11.71
CA PRO C 525 -39.52 38.11 -12.40
C PRO C 525 -38.15 38.80 -12.32
N LYS C 526 -37.78 39.55 -13.36
CA LYS C 526 -36.44 40.21 -13.36
C LYS C 526 -36.55 41.48 -12.51
N THR C 527 -37.46 41.46 -11.53
CA THR C 527 -37.57 42.57 -10.59
C THR C 527 -36.57 42.27 -9.48
N PRO C 528 -35.90 43.24 -8.85
CA PRO C 528 -35.08 42.95 -7.70
C PRO C 528 -35.76 42.05 -6.65
N ASP C 529 -37.07 42.18 -6.47
CA ASP C 529 -37.80 41.30 -5.53
C ASP C 529 -37.91 39.89 -6.11
N GLY C 530 -38.00 39.77 -7.43
CA GLY C 530 -38.08 38.45 -8.07
C GLY C 530 -36.80 37.68 -7.91
N ILE C 531 -35.69 38.38 -7.67
CA ILE C 531 -34.41 37.69 -7.38
C ILE C 531 -34.53 37.16 -5.96
N LYS C 532 -35.06 37.98 -5.03
CA LYS C 532 -35.30 37.49 -3.67
C LYS C 532 -36.14 36.22 -3.68
N LYS C 533 -37.16 36.17 -4.55
CA LYS C 533 -37.93 34.94 -4.71
C LYS C 533 -37.04 33.78 -5.15
N LEU C 534 -36.22 34.02 -6.18
CA LEU C 534 -35.37 32.96 -6.73
C LEU C 534 -34.32 32.52 -5.71
N LEU C 535 -33.68 33.47 -5.03
CA LEU C 535 -32.73 33.14 -3.98
C LEU C 535 -33.40 32.34 -2.86
N LYS C 536 -34.61 32.73 -2.47
CA LYS C 536 -35.31 32.03 -1.40
C LYS C 536 -35.59 30.58 -1.75
N SER C 537 -35.72 30.26 -3.04
CA SER C 537 -35.92 28.87 -3.44
C SER C 537 -34.63 28.05 -3.30
N PHE C 538 -33.46 28.69 -3.44
CA PHE C 538 -32.22 27.97 -3.24
C PHE C 538 -31.97 27.74 -1.76
N GLN C 539 -32.40 28.67 -0.93
CA GLN C 539 -32.43 28.45 0.50
C GLN C 539 -33.34 27.27 0.79
N GLY C 540 -32.82 26.28 1.47
CA GLY C 540 -33.57 25.06 1.68
C GLY C 540 -32.66 23.85 1.54
N ILE C 541 -31.79 23.87 0.52
CA ILE C 541 -30.82 22.79 0.42
C ILE C 541 -29.65 23.04 1.37
N VAL C 542 -29.41 24.30 1.73
CA VAL C 542 -28.42 24.63 2.75
C VAL C 542 -29.08 24.95 4.09
N TYR C 543 -30.40 25.14 4.12
CA TYR C 543 -31.12 25.43 5.35
C TYR C 543 -31.66 24.18 6.02
N LYS C 544 -32.25 23.26 5.25
CA LYS C 544 -32.84 22.06 5.83
C LYS C 544 -31.87 21.25 6.69
N PRO C 545 -30.62 21.00 6.28
CA PRO C 545 -29.70 20.28 7.19
C PRO C 545 -29.46 20.98 8.50
N LEU C 546 -29.66 22.31 8.59
CA LEU C 546 -29.57 23.01 9.86
C LEU C 546 -30.78 22.76 10.75
N VAL C 547 -31.72 21.94 10.30
CA VAL C 547 -32.74 21.36 11.15
C VAL C 547 -32.59 19.85 11.26
N MET C 548 -32.34 19.18 10.13
CA MET C 548 -32.33 17.73 10.08
C MET C 548 -31.12 17.14 10.80
N GLU C 549 -29.94 17.77 10.64
CA GLU C 549 -28.73 17.19 11.20
C GLU C 549 -28.55 17.48 12.68
N PHE C 550 -29.40 18.31 13.27
CA PHE C 550 -29.34 18.64 14.69
C PHE C 550 -30.48 18.03 15.48
N SER C 551 -31.72 18.23 15.04
CA SER C 551 -32.88 17.79 15.79
C SER C 551 -33.76 16.80 15.03
N GLY C 552 -33.53 16.62 13.73
CA GLY C 552 -34.39 15.80 12.91
C GLY C 552 -33.92 14.38 12.78
N PRO C 553 -34.52 13.63 11.85
CA PRO C 553 -34.24 12.19 11.73
C PRO C 553 -32.77 11.83 11.60
N SER C 554 -31.98 12.56 10.79
CA SER C 554 -30.58 12.19 10.60
C SER C 554 -29.83 12.22 11.93
N ALA C 555 -29.98 13.30 12.70
CA ALA C 555 -29.35 13.37 14.01
C ALA C 555 -29.82 12.26 14.93
N VAL C 556 -31.14 12.07 15.00
CA VAL C 556 -31.71 11.06 15.89
C VAL C 556 -31.23 9.67 15.50
N SER C 557 -31.29 9.35 14.21
CA SER C 557 -30.99 7.99 13.75
C SER C 557 -29.54 7.59 13.98
N SER C 558 -28.65 8.55 14.26
CA SER C 558 -27.25 8.27 14.53
C SER C 558 -27.09 7.09 15.50
N SER C 559 -27.76 7.16 16.66
CA SER C 559 -27.69 6.06 17.63
C SER C 559 -28.06 4.72 17.00
N TRP C 560 -29.04 4.71 16.10
CA TRP C 560 -29.43 3.46 15.45
C TRP C 560 -28.39 3.04 14.44
N VAL C 561 -27.90 3.98 13.64
CA VAL C 561 -26.89 3.66 12.63
C VAL C 561 -25.62 3.15 13.30
N GLU C 562 -25.22 3.78 14.40
CA GLU C 562 -24.05 3.33 15.14
C GLU C 562 -24.23 1.90 15.63
N ALA C 563 -25.45 1.56 16.04
CA ALA C 563 -25.72 0.25 16.63
C ALA C 563 -25.51 -0.89 15.64
N ILE C 564 -25.64 -0.62 14.34
CA ILE C 564 -25.47 -1.66 13.34
C ILE C 564 -24.26 -1.36 12.47
N SER C 565 -23.29 -0.64 13.03
CA SER C 565 -22.09 -0.24 12.31
C SER C 565 -20.92 -1.14 12.72
N GLY C 566 -19.76 -0.91 12.10
CA GLY C 566 -18.61 -1.75 12.34
C GLY C 566 -18.83 -3.15 11.82
N ARG C 567 -19.49 -3.27 10.67
CA ARG C 567 -19.87 -4.53 10.06
C ARG C 567 -19.64 -4.46 8.56
N SER C 568 -19.87 -5.57 7.87
CA SER C 568 -19.92 -5.57 6.43
C SER C 568 -21.24 -4.97 5.95
N ILE C 569 -21.20 -4.30 4.80
CA ILE C 569 -22.38 -3.70 4.18
C ILE C 569 -23.55 -4.66 4.27
N PRO C 570 -24.72 -4.23 4.76
CA PRO C 570 -25.85 -5.16 4.89
C PRO C 570 -26.25 -5.71 3.53
N ARG C 571 -26.72 -6.95 3.52
CA ARG C 571 -27.29 -7.55 2.33
C ARG C 571 -28.62 -8.22 2.69
N ASN C 572 -29.50 -8.29 1.70
CA ASN C 572 -30.81 -8.95 1.84
C ASN C 572 -30.68 -10.40 1.38
N PHE C 573 -30.41 -11.29 2.33
CA PHE C 573 -30.23 -12.72 2.05
C PHE C 573 -31.60 -13.41 2.12
N GLU C 574 -32.18 -13.67 0.94
CA GLU C 574 -33.56 -14.16 0.86
C GLU C 574 -33.75 -15.52 1.55
N TYR C 575 -32.79 -16.43 1.40
CA TYR C 575 -33.03 -17.85 1.70
C TYR C 575 -32.18 -18.35 2.86
N LEU C 576 -31.94 -17.50 3.85
CA LEU C 576 -31.20 -17.94 5.04
C LEU C 576 -32.06 -18.84 5.92
N ALA C 577 -31.44 -19.89 6.45
CA ALA C 577 -32.12 -20.71 7.45
C ALA C 577 -32.46 -19.89 8.69
N GLU C 578 -31.59 -18.96 9.07
CA GLU C 578 -31.74 -18.16 10.29
C GLU C 578 -31.70 -16.68 9.91
N PRO C 579 -32.81 -16.13 9.39
CA PRO C 579 -32.87 -14.70 9.12
C PRO C 579 -32.44 -13.82 10.30
N MET C 580 -32.77 -14.22 11.52
CA MET C 580 -32.54 -13.38 12.70
C MET C 580 -31.06 -13.26 13.09
N SER C 581 -30.17 -13.76 12.25
CA SER C 581 -28.74 -13.50 12.35
C SER C 581 -28.35 -12.20 11.68
N GLN C 582 -29.24 -11.63 10.86
CA GLN C 582 -28.97 -10.38 10.18
C GLN C 582 -29.55 -9.23 10.99
N PRO C 583 -28.74 -8.27 11.43
CA PRO C 583 -29.28 -7.18 12.27
C PRO C 583 -30.51 -6.49 11.70
N LEU C 584 -30.48 -6.13 10.41
CA LEU C 584 -31.63 -5.45 9.81
C LEU C 584 -32.91 -6.25 9.97
N ARG C 585 -32.82 -7.59 9.92
CA ARG C 585 -34.02 -8.40 10.10
C ARG C 585 -34.49 -8.36 11.55
N VAL C 586 -33.56 -8.22 12.50
CA VAL C 586 -33.94 -8.02 13.90
C VAL C 586 -34.66 -6.69 14.05
N LEU C 587 -34.08 -5.62 13.47
CA LEU C 587 -34.74 -4.32 13.50
C LEU C 587 -36.14 -4.38 12.91
N GLN C 588 -36.30 -5.07 11.77
CA GLN C 588 -37.59 -5.07 11.09
C GLN C 588 -38.68 -5.75 11.93
N HIS C 589 -38.32 -6.78 12.70
CA HIS C 589 -39.30 -7.57 13.41
C HIS C 589 -39.51 -7.15 14.86
N TYR C 590 -38.55 -6.45 15.46
CA TYR C 590 -38.58 -6.21 16.89
C TYR C 590 -38.30 -4.77 17.30
N ALA C 591 -37.94 -3.88 16.37
CA ALA C 591 -37.49 -2.56 16.79
C ALA C 591 -38.09 -1.42 15.96
N CYS C 592 -39.19 -1.64 15.24
CA CYS C 592 -39.73 -0.59 14.39
C CYS C 592 -41.25 -0.69 14.35
N VAL C 593 -41.89 0.37 13.86
CA VAL C 593 -43.34 0.49 13.95
C VAL C 593 -44.05 -0.43 12.97
N SER C 594 -43.36 -0.93 11.96
CA SER C 594 -43.94 -1.85 11.00
C SER C 594 -44.70 -2.97 11.70
N GLY C 595 -46.01 -3.01 11.48
CA GLY C 595 -46.87 -3.97 12.14
C GLY C 595 -47.36 -3.58 13.52
N LYS C 596 -46.95 -2.41 14.03
CA LYS C 596 -47.20 -2.06 15.44
C LYS C 596 -47.89 -0.71 15.58
N ALA C 597 -48.49 -0.20 14.51
CA ALA C 597 -49.11 1.12 14.51
C ALA C 597 -50.15 1.13 13.40
N ASN C 598 -51.12 2.04 13.54
CA ASN C 598 -52.25 2.12 12.64
C ASN C 598 -52.06 3.15 11.53
N PHE C 599 -50.82 3.42 11.14
CA PHE C 599 -50.52 4.49 10.20
C PHE C 599 -49.36 4.06 9.31
N SER C 600 -49.23 4.75 8.17
CA SER C 600 -48.18 4.47 7.21
C SER C 600 -47.64 5.77 6.64
N SER C 601 -46.58 5.66 5.84
CA SER C 601 -45.91 6.84 5.30
C SER C 601 -45.14 6.46 4.05
N ASP C 602 -45.06 7.40 3.11
CA ASP C 602 -44.21 7.30 1.92
C ASP C 602 -42.86 7.99 2.11
N ASN C 603 -42.63 8.63 3.26
CA ASN C 603 -41.44 9.46 3.45
C ASN C 603 -40.16 8.65 3.31
N ILE C 604 -40.22 7.35 3.58
CA ILE C 604 -39.06 6.47 3.48
C ILE C 604 -39.49 5.19 2.78
N PRO C 605 -38.54 4.45 2.20
CA PRO C 605 -38.91 3.21 1.53
C PRO C 605 -39.53 2.23 2.51
N LYS C 606 -40.30 1.29 1.96
CA LYS C 606 -40.73 0.14 2.75
C LYS C 606 -39.53 -0.76 3.06
N TRP C 607 -39.77 -1.82 3.82
CA TRP C 607 -38.69 -2.78 4.08
C TRP C 607 -38.35 -3.53 2.80
N CYS C 608 -37.05 -3.61 2.50
CA CYS C 608 -36.54 -4.41 1.38
C CYS C 608 -37.17 -3.96 0.06
N GLU C 609 -37.31 -2.65 -0.10
CA GLU C 609 -37.88 -2.07 -1.32
C GLU C 609 -36.82 -1.95 -2.40
N LEU C 610 -37.20 -2.31 -3.62
CA LEU C 610 -36.29 -2.30 -4.75
C LEU C 610 -36.32 -0.97 -5.50
N SER D 112 19.69 -52.43 13.34
CA SER D 112 20.76 -52.09 14.25
C SER D 112 20.53 -52.75 15.61
N PRO D 113 21.53 -53.49 16.10
CA PRO D 113 21.39 -54.16 17.41
C PRO D 113 20.85 -53.25 18.50
N VAL D 114 21.36 -52.02 18.61
CA VAL D 114 20.85 -51.09 19.61
C VAL D 114 19.38 -50.80 19.36
N ASN D 115 18.99 -50.65 18.08
CA ASN D 115 17.60 -50.41 17.74
C ASN D 115 16.70 -51.57 18.18
N LYS D 116 17.14 -52.80 17.91
CA LYS D 116 16.34 -53.96 18.28
C LYS D 116 16.13 -54.01 19.79
N THR D 117 17.18 -53.70 20.55
CA THR D 117 17.04 -53.66 22.00
C THR D 117 16.04 -52.60 22.42
N LEU D 118 16.16 -51.38 21.86
CA LEU D 118 15.23 -50.33 22.20
C LEU D 118 13.80 -50.70 21.80
N ASN D 119 13.64 -51.33 20.63
CA ASN D 119 12.31 -51.77 20.21
C ASN D 119 11.75 -52.84 21.14
N ARG D 120 12.59 -53.80 21.54
CA ARG D 120 12.10 -54.86 22.41
C ARG D 120 11.74 -54.32 23.80
N LEU D 121 12.56 -53.40 24.32
CA LEU D 121 12.22 -52.76 25.59
C LEU D 121 10.99 -51.88 25.46
N THR D 122 10.93 -51.06 24.40
CA THR D 122 9.76 -50.22 24.14
C THR D 122 8.46 -51.01 24.19
N ASN D 123 8.39 -52.09 23.40
CA ASN D 123 7.16 -52.86 23.32
C ASN D 123 6.87 -53.57 24.64
N ASP D 124 7.90 -54.05 25.33
CA ASP D 124 7.70 -54.59 26.67
C ASP D 124 7.05 -53.57 27.57
N LEU D 125 7.57 -52.34 27.57
CA LEU D 125 7.01 -51.29 28.41
C LEU D 125 5.60 -50.92 27.96
N LEU D 126 5.38 -50.91 26.65
CA LEU D 126 4.06 -50.55 26.14
C LEU D 126 2.97 -51.47 26.68
N LYS D 127 3.14 -52.79 26.52
CA LYS D 127 2.13 -53.72 27.03
C LYS D 127 1.94 -53.62 28.53
N GLU D 128 2.93 -53.08 29.25
CA GLU D 128 2.81 -53.00 30.71
C GLU D 128 1.97 -51.80 31.15
N VAL D 129 1.90 -50.75 30.32
CA VAL D 129 1.22 -49.49 30.72
C VAL D 129 -0.01 -49.19 29.87
N VAL D 130 -0.40 -50.11 29.01
CA VAL D 130 -1.52 -49.83 28.06
C VAL D 130 -2.74 -50.60 28.54
N GLU D 131 -3.94 -50.10 28.24
CA GLU D 131 -5.18 -50.83 28.58
C GLU D 131 -5.14 -52.18 27.88
N ARG D 132 -5.61 -53.23 28.55
CA ARG D 132 -5.58 -54.60 27.97
C ARG D 132 -6.30 -54.63 26.61
N GLY D 133 -5.65 -55.19 25.59
CA GLY D 133 -6.24 -55.30 24.25
C GLY D 133 -6.19 -54.00 23.46
N LYS D 134 -5.18 -53.17 23.64
CA LYS D 134 -5.19 -51.86 22.98
C LYS D 134 -3.76 -51.49 22.60
N THR D 135 -2.83 -52.44 22.73
CA THR D 135 -1.38 -52.17 22.49
C THR D 135 -1.11 -51.86 21.02
N GLN D 136 -1.75 -52.57 20.10
CA GLN D 136 -1.46 -52.36 18.66
C GLN D 136 -2.33 -51.24 18.09
N LYS D 137 -3.04 -50.52 18.95
CA LYS D 137 -3.80 -49.33 18.50
C LYS D 137 -3.19 -48.16 19.25
N ALA D 138 -2.02 -48.39 19.85
CA ALA D 138 -1.36 -47.35 20.62
C ALA D 138 0.02 -47.05 20.04
N GLN D 139 0.11 -47.01 18.71
CA GLN D 139 1.37 -46.75 18.02
C GLN D 139 2.00 -45.42 18.42
N LYS D 140 1.20 -44.44 18.83
CA LYS D 140 1.76 -43.14 19.21
C LYS D 140 2.51 -43.24 20.54
N LEU D 141 1.92 -43.91 21.53
CA LEU D 141 2.66 -44.16 22.77
C LEU D 141 3.92 -44.98 22.49
N ARG D 142 3.82 -45.92 21.54
CA ARG D 142 4.98 -46.71 21.13
C ARG D 142 6.09 -45.80 20.60
N ALA D 143 5.73 -44.84 19.75
CA ALA D 143 6.72 -43.90 19.22
C ALA D 143 7.28 -43.02 20.33
N TYR D 144 6.43 -42.64 21.29
CA TYR D 144 6.87 -41.78 22.37
C TYR D 144 7.82 -42.52 23.32
N ILE D 145 7.52 -43.78 23.63
CA ILE D 145 8.38 -44.56 24.51
C ILE D 145 9.74 -44.78 23.87
N PHE D 146 9.76 -45.19 22.60
CA PHE D 146 11.02 -45.38 21.90
C PHE D 146 11.85 -44.10 21.91
N ASP D 147 11.24 -42.99 21.52
CA ASP D 147 11.95 -41.72 21.48
C ASP D 147 12.48 -41.33 22.85
N GLN D 148 11.68 -41.52 23.90
CA GLN D 148 12.12 -41.13 25.24
C GLN D 148 13.25 -42.02 25.74
N LEU D 149 13.13 -43.33 25.54
CA LEU D 149 14.18 -44.25 25.98
C LEU D 149 15.53 -43.85 25.41
N ALA D 150 15.56 -43.46 24.12
CA ALA D 150 16.81 -43.07 23.49
C ALA D 150 17.35 -41.77 24.06
N ARG D 151 16.50 -40.74 24.19
CA ARG D 151 16.99 -39.45 24.67
C ARG D 151 17.41 -39.54 26.13
N ARG D 152 16.58 -40.17 26.97
CA ARG D 152 16.89 -40.23 28.39
C ARG D 152 18.15 -41.05 28.65
N LEU D 153 18.41 -42.06 27.82
CA LEU D 153 19.64 -42.84 27.96
C LEU D 153 20.87 -41.97 27.66
N GLU D 154 20.92 -41.36 26.47
CA GLU D 154 22.04 -40.51 26.12
C GLU D 154 22.26 -39.42 27.16
N ALA D 155 21.17 -38.84 27.67
CA ALA D 155 21.27 -37.77 28.66
C ALA D 155 21.80 -38.25 30.00
N SER D 156 21.86 -39.56 30.22
CA SER D 156 22.32 -40.11 31.49
C SER D 156 23.74 -40.67 31.43
N LEU D 157 24.34 -40.73 30.25
CA LEU D 157 25.65 -41.34 30.08
C LEU D 157 26.75 -40.28 30.20
N SER D 158 27.87 -40.68 30.82
CA SER D 158 29.10 -39.91 30.72
C SER D 158 29.50 -39.68 29.27
N GLN D 159 30.33 -38.66 29.03
CA GLN D 159 30.90 -38.46 27.70
C GLN D 159 31.66 -39.70 27.23
N GLU D 160 32.40 -40.34 28.13
CA GLU D 160 33.14 -41.55 27.77
C GLU D 160 32.19 -42.66 27.34
N GLN D 161 31.07 -42.81 28.06
CA GLN D 161 30.09 -43.84 27.70
C GLN D 161 29.42 -43.53 26.37
N ILE D 162 29.06 -42.26 26.13
CA ILE D 162 28.45 -41.88 24.86
C ILE D 162 29.37 -42.21 23.69
N ASN D 163 30.66 -41.87 23.84
CA ASN D 163 31.62 -42.17 22.76
C ASN D 163 31.72 -43.67 22.51
N ASP D 164 31.55 -44.48 23.55
CA ASP D 164 31.58 -45.93 23.35
C ASP D 164 30.30 -46.42 22.68
N LEU D 165 29.15 -45.90 23.10
CA LEU D 165 27.89 -46.16 22.40
C LEU D 165 27.99 -45.82 20.92
N TYR D 166 28.48 -44.62 20.59
CA TYR D 166 28.62 -44.23 19.19
C TYR D 166 29.48 -45.22 18.43
N ASN D 167 30.56 -45.71 19.07
CA ASN D 167 31.39 -46.73 18.45
C ASN D 167 30.66 -48.05 18.31
N ARG D 168 29.83 -48.41 19.30
CA ARG D 168 29.04 -49.63 19.18
C ARG D 168 28.02 -49.53 18.05
N ILE D 169 27.37 -48.39 17.91
CA ILE D 169 26.40 -48.21 16.83
C ILE D 169 27.11 -48.19 15.48
N ARG D 170 28.22 -47.45 15.39
CA ARG D 170 28.98 -47.38 14.15
C ARG D 170 29.77 -48.66 13.87
N GLY D 171 30.07 -49.45 14.89
CA GLY D 171 30.90 -50.62 14.71
C GLY D 171 32.33 -50.25 14.43
N THR D 172 32.86 -49.30 15.19
CA THR D 172 34.19 -48.73 15.01
C THR D 172 34.93 -48.82 16.34
N GLY D 173 36.18 -48.39 16.33
CA GLY D 173 36.99 -48.41 17.56
C GLY D 173 37.23 -49.82 18.05
N ASP D 174 36.74 -50.12 19.26
CA ASP D 174 36.92 -51.45 19.84
C ASP D 174 36.14 -52.52 19.10
N TYR D 175 35.14 -52.14 18.33
CA TYR D 175 34.22 -53.09 17.70
C TYR D 175 34.48 -53.17 16.20
N THR D 176 34.01 -54.27 15.62
CA THR D 176 34.22 -54.58 14.21
C THR D 176 32.90 -54.76 13.46
N LYS D 177 31.81 -54.95 14.19
CA LYS D 177 30.46 -54.86 13.65
C LYS D 177 29.64 -54.10 14.68
N SER D 178 28.52 -53.53 14.26
CA SER D 178 27.70 -52.78 15.19
C SER D 178 27.15 -53.70 16.26
N GLU D 179 27.36 -53.32 17.52
CA GLU D 179 26.96 -54.12 18.67
C GLU D 179 25.84 -53.42 19.41
N SER D 180 25.25 -54.14 20.36
CA SER D 180 24.24 -53.57 21.23
C SER D 180 24.94 -52.91 22.42
N PHE D 181 24.13 -52.51 23.39
CA PHE D 181 24.66 -51.70 24.51
C PHE D 181 25.67 -52.42 25.38
N SER D 182 26.51 -51.62 26.02
CA SER D 182 27.45 -52.17 27.00
C SER D 182 26.65 -52.60 28.22
N GLU D 183 27.24 -53.40 29.08
CA GLU D 183 26.44 -53.92 30.19
C GLU D 183 26.10 -52.74 31.11
N GLU D 184 27.03 -51.82 31.26
CA GLU D 184 26.76 -50.61 32.06
C GLU D 184 25.71 -49.76 31.36
N GLN D 185 25.71 -49.72 30.02
CA GLN D 185 24.65 -48.97 29.35
C GLN D 185 23.32 -49.65 29.54
N LEU D 186 23.31 -50.98 29.38
CA LEU D 186 22.08 -51.74 29.49
C LEU D 186 21.47 -51.63 30.89
N LYS D 187 22.33 -51.63 31.92
CA LYS D 187 21.83 -51.50 33.28
C LYS D 187 21.22 -50.12 33.52
N ILE D 188 21.83 -49.08 32.97
CA ILE D 188 21.32 -47.68 33.13
C ILE D 188 19.93 -47.59 32.49
N LEU D 189 19.75 -48.21 31.33
CA LEU D 189 18.45 -48.22 30.62
C LEU D 189 17.44 -49.03 31.43
N LYS D 190 17.80 -50.21 31.87
CA LYS D 190 16.82 -51.10 32.54
C LYS D 190 16.58 -50.75 34.01
N GLU D 191 17.51 -50.09 34.68
CA GLU D 191 17.35 -49.87 36.14
C GLU D 191 17.03 -48.42 36.46
N LYS D 192 17.40 -47.49 35.59
CA LYS D 192 17.05 -46.09 35.80
C LYS D 192 16.00 -45.60 34.80
N VAL D 193 16.29 -45.73 33.50
CA VAL D 193 15.47 -45.07 32.47
C VAL D 193 14.11 -45.73 32.37
N VAL D 194 14.07 -47.02 32.03
CA VAL D 194 12.79 -47.71 31.87
C VAL D 194 11.93 -47.62 33.11
N PRO D 195 12.44 -47.82 34.34
CA PRO D 195 11.56 -47.69 35.51
C PRO D 195 10.98 -46.30 35.69
N GLU D 196 11.74 -45.25 35.40
CA GLU D 196 11.17 -43.91 35.52
C GLU D 196 10.09 -43.68 34.47
N LEU D 197 10.35 -44.11 33.23
CA LEU D 197 9.33 -43.99 32.20
C LEU D 197 8.09 -44.79 32.58
N LYS D 198 8.28 -46.01 33.09
CA LYS D 198 7.16 -46.81 33.56
C LYS D 198 6.38 -46.08 34.64
N ARG D 199 7.08 -45.46 35.59
CA ARG D 199 6.38 -44.79 36.68
C ARG D 199 5.58 -43.60 36.16
N GLU D 200 6.10 -42.83 35.21
CA GLU D 200 5.32 -41.69 34.76
C GLU D 200 4.10 -42.11 33.96
N LEU D 201 4.07 -43.34 33.42
CA LEU D 201 2.97 -43.79 32.58
C LEU D 201 1.86 -44.30 33.51
N SER D 202 2.20 -44.97 34.61
CA SER D 202 1.37 -45.95 35.30
C SER D 202 1.24 -45.68 36.79
N ASP D 203 2.20 -44.97 37.38
CA ASP D 203 2.27 -44.85 38.84
C ASP D 203 1.32 -43.75 39.33
N LEU D 204 0.43 -44.12 40.25
CA LEU D 204 -0.44 -43.15 40.91
C LEU D 204 0.35 -42.01 41.54
N SER D 205 1.60 -42.26 41.93
CA SER D 205 2.42 -41.23 42.57
C SER D 205 2.72 -40.08 41.62
N ASN D 206 2.91 -40.37 40.33
CA ASN D 206 3.15 -39.28 39.39
C ASN D 206 1.89 -38.43 39.19
N GLY D 207 0.74 -38.93 39.57
CA GLY D 207 -0.45 -38.13 39.42
C GLY D 207 -0.74 -37.27 40.62
N ASN D 208 0.09 -37.39 41.65
CA ASN D 208 -0.07 -36.58 42.85
C ASN D 208 0.02 -35.10 42.49
N VAL D 209 -0.97 -34.34 42.95
CA VAL D 209 -1.00 -32.89 42.79
C VAL D 209 -1.19 -32.27 44.16
N ASN D 210 -0.29 -31.37 44.55
CA ASN D 210 -0.42 -30.61 45.79
C ASN D 210 -0.46 -29.13 45.43
N ILE D 211 -1.58 -28.47 45.72
CA ILE D 211 -1.76 -27.05 45.45
C ILE D 211 -1.79 -26.32 46.78
N LEU D 212 -0.95 -25.29 46.91
CA LEU D 212 -0.85 -24.44 48.09
C LEU D 212 -0.88 -25.27 49.38
N GLY D 213 -0.11 -26.36 49.39
CA GLY D 213 0.05 -27.18 50.57
C GLY D 213 -1.04 -28.19 50.83
N LEU D 214 -1.91 -28.46 49.86
CA LEU D 214 -3.03 -29.38 50.04
C LEU D 214 -3.08 -30.37 48.88
N ASP D 215 -3.31 -31.63 49.18
CA ASP D 215 -3.28 -32.66 48.12
C ASP D 215 -4.60 -32.68 47.39
N VAL D 216 -4.55 -32.96 46.10
CA VAL D 216 -5.80 -33.18 45.36
C VAL D 216 -6.09 -34.65 45.61
N SER D 217 -7.15 -34.92 46.36
CA SER D 217 -7.53 -36.30 46.71
C SER D 217 -8.24 -36.97 45.55
N ARG D 218 -7.97 -38.25 45.35
CA ARG D 218 -8.67 -39.02 44.31
C ARG D 218 -9.91 -39.62 44.95
N GLU D 219 -10.56 -38.86 45.82
CA GLU D 219 -11.72 -39.37 46.59
C GLU D 219 -12.76 -38.25 46.73
N ASP D 220 -14.01 -38.58 47.10
CA ASP D 220 -15.09 -37.59 47.34
C ASP D 220 -14.86 -37.00 48.73
N LYS D 221 -13.78 -36.25 48.90
CA LYS D 221 -13.36 -35.75 50.21
C LYS D 221 -14.10 -34.48 50.64
N TYR D 222 -14.46 -33.61 49.71
CA TYR D 222 -14.99 -32.29 50.04
C TYR D 222 -16.37 -32.10 49.44
N ALA D 223 -17.31 -31.60 50.25
CA ALA D 223 -18.68 -31.36 49.82
C ALA D 223 -18.84 -29.95 49.26
N PHE D 224 -19.83 -29.79 48.37
CA PHE D 224 -20.12 -28.51 47.73
C PHE D 224 -21.62 -28.32 47.66
N ASP D 225 -22.09 -27.13 48.05
CA ASP D 225 -23.47 -26.72 47.75
C ASP D 225 -23.51 -26.26 46.30
N THR D 226 -24.20 -27.04 45.46
CA THR D 226 -24.31 -26.73 44.04
C THR D 226 -25.35 -25.67 43.73
N THR D 227 -26.18 -25.29 44.71
CA THR D 227 -27.33 -24.42 44.48
C THR D 227 -27.11 -22.97 44.91
N ASN D 228 -26.13 -22.70 45.77
CA ASN D 228 -25.86 -21.33 46.22
C ASN D 228 -24.86 -20.68 45.26
N ILE D 229 -25.35 -19.70 44.51
CA ILE D 229 -24.54 -19.08 43.44
C ILE D 229 -24.27 -17.64 43.83
N PHE D 230 -23.09 -17.14 43.50
CA PHE D 230 -22.80 -15.71 43.72
C PHE D 230 -22.13 -15.12 42.48
N SER D 231 -22.39 -13.85 42.21
CA SER D 231 -21.75 -13.13 41.09
C SER D 231 -21.41 -11.74 41.60
N VAL D 232 -20.66 -10.96 40.84
CA VAL D 232 -20.21 -9.61 41.27
C VAL D 232 -20.47 -8.56 40.18
N TRP D 233 -21.20 -7.49 40.48
CA TRP D 233 -21.36 -6.36 39.54
C TRP D 233 -21.02 -5.04 40.22
N PHE D 234 -19.84 -4.49 39.95
CA PHE D 234 -19.43 -3.17 40.46
C PHE D 234 -19.61 -2.17 39.30
N SER D 235 -20.38 -1.11 39.51
CA SER D 235 -20.68 -0.17 38.40
C SER D 235 -19.69 0.97 38.29
N ASN D 236 -19.34 1.35 37.06
CA ASN D 236 -18.43 2.48 36.78
C ASN D 236 -19.26 3.75 36.59
N ASN D 237 -20.59 3.63 36.61
CA ASN D 237 -21.49 4.79 36.48
C ASN D 237 -22.36 4.85 37.73
N PRO D 238 -22.27 5.91 38.54
CA PRO D 238 -23.14 6.04 39.71
C PRO D 238 -24.64 6.03 39.44
N ALA D 239 -25.05 6.30 38.20
CA ALA D 239 -26.48 6.35 37.82
C ALA D 239 -27.02 4.95 37.47
N VAL D 240 -26.23 4.13 36.81
CA VAL D 240 -26.66 2.75 36.49
C VAL D 240 -26.08 1.79 37.54
N TYR D 241 -26.91 0.92 38.08
CA TYR D 241 -26.47 -0.02 39.12
C TYR D 241 -25.98 -1.29 38.42
N MET D 242 -26.67 -1.66 37.35
CA MET D 242 -26.29 -2.84 36.54
C MET D 242 -26.94 -2.69 35.18
N PRO D 243 -26.17 -2.72 34.07
CA PRO D 243 -26.74 -2.72 32.73
C PRO D 243 -27.89 -3.72 32.54
N GLN D 244 -28.89 -3.33 31.76
CA GLN D 244 -30.10 -4.15 31.54
C GLN D 244 -29.75 -5.52 30.95
N HIS D 245 -28.75 -5.59 30.08
CA HIS D 245 -28.33 -6.86 29.46
C HIS D 245 -27.90 -7.81 30.57
N VAL D 246 -27.09 -7.31 31.49
CA VAL D 246 -26.62 -8.12 32.64
C VAL D 246 -27.83 -8.46 33.52
N LYS D 247 -28.69 -7.50 33.81
CA LYS D 247 -29.87 -7.73 34.68
C LYS D 247 -30.74 -8.85 34.12
N THR D 248 -31.01 -8.84 32.82
CA THR D 248 -31.85 -9.89 32.19
C THR D 248 -31.19 -11.25 32.32
N GLN D 249 -29.86 -11.28 32.32
CA GLN D 249 -29.11 -12.53 32.49
C GLN D 249 -29.27 -13.02 33.92
N VAL D 250 -29.06 -12.14 34.90
CA VAL D 250 -29.21 -12.51 36.33
C VAL D 250 -30.66 -12.89 36.66
N GLU D 251 -31.64 -12.21 36.06
CA GLU D 251 -33.08 -12.55 36.28
C GLU D 251 -33.36 -13.98 35.81
N LYS D 252 -32.79 -14.36 34.66
CA LYS D 252 -32.98 -15.73 34.12
C LYS D 252 -32.22 -16.72 35.00
N THR D 253 -30.99 -16.40 35.40
CA THR D 253 -30.18 -17.29 36.27
C THR D 253 -30.91 -17.45 37.61
N ALA D 254 -31.48 -16.37 38.15
CA ALA D 254 -32.14 -16.48 39.44
C ALA D 254 -33.37 -17.37 39.37
N LYS D 255 -34.18 -17.22 38.32
CA LYS D 255 -35.39 -18.02 38.21
C LYS D 255 -35.05 -19.50 37.98
N LEU D 256 -34.04 -19.76 37.14
CA LEU D 256 -33.65 -21.15 36.88
C LEU D 256 -32.95 -21.79 38.06
N ASN D 257 -32.32 -20.98 38.93
CA ASN D 257 -31.59 -21.49 40.12
C ASN D 257 -32.52 -21.49 41.33
N GLN D 258 -33.70 -22.05 41.17
CA GLN D 258 -34.60 -22.16 42.32
C GLN D 258 -34.88 -23.65 42.48
N PRO D 259 -34.83 -24.20 43.71
CA PRO D 259 -35.06 -23.42 44.91
C PRO D 259 -33.84 -22.84 45.63
N GLY D 260 -32.67 -22.83 44.98
CA GLY D 260 -31.41 -22.34 45.58
C GLY D 260 -31.28 -20.85 45.72
N LYS D 261 -30.08 -20.37 46.05
CA LYS D 261 -29.86 -18.93 46.33
C LYS D 261 -28.96 -18.28 45.27
N THR D 262 -29.24 -17.03 44.91
CA THR D 262 -28.44 -16.26 43.97
C THR D 262 -28.10 -14.92 44.60
N ARG D 263 -26.80 -14.66 44.78
CA ARG D 263 -26.34 -13.43 45.40
C ARG D 263 -25.50 -12.64 44.41
N ILE D 264 -25.48 -11.31 44.58
CA ILE D 264 -24.68 -10.43 43.73
C ILE D 264 -23.92 -9.46 44.62
N VAL D 265 -22.60 -9.42 44.46
CA VAL D 265 -21.73 -8.55 45.22
C VAL D 265 -21.62 -7.21 44.49
N PHE D 266 -21.82 -6.11 45.23
CA PHE D 266 -21.73 -4.77 44.67
C PHE D 266 -21.10 -3.85 45.70
N SER D 267 -20.95 -2.58 45.34
CA SER D 267 -20.37 -1.56 46.20
C SER D 267 -21.28 -0.34 46.16
N SER D 268 -21.94 -0.06 47.29
CA SER D 268 -22.89 1.06 47.35
C SER D 268 -22.19 2.40 47.19
N LEU D 269 -20.92 2.51 47.61
CA LEU D 269 -20.18 3.76 47.42
C LEU D 269 -19.98 4.12 45.95
N CYS D 270 -20.25 3.19 45.03
CA CYS D 270 -20.14 3.44 43.60
C CYS D 270 -21.47 3.83 42.96
N LEU D 271 -22.54 3.99 43.75
CA LEU D 271 -23.87 4.28 43.24
C LEU D 271 -24.49 5.45 44.01
N ASN D 272 -25.27 6.28 43.30
CA ASN D 272 -26.23 7.17 43.95
C ASN D 272 -27.08 6.35 44.91
N GLU D 273 -27.69 6.98 45.93
CA GLU D 273 -28.72 6.19 46.62
C GLU D 273 -29.90 5.90 45.71
N THR D 274 -30.29 6.83 44.83
CA THR D 274 -31.39 6.53 43.91
C THR D 274 -31.08 5.24 43.16
N ALA D 275 -29.84 5.11 42.65
CA ALA D 275 -29.44 3.86 42.03
C ALA D 275 -29.42 2.73 43.06
N GLN D 276 -29.00 3.02 44.29
CA GLN D 276 -29.00 2.03 45.36
C GLN D 276 -30.41 1.51 45.62
N ILE D 277 -31.38 2.41 45.74
CA ILE D 277 -32.74 2.03 46.09
C ILE D 277 -33.35 1.15 45.01
N ASP D 278 -33.20 1.57 43.74
CA ASP D 278 -33.72 0.77 42.64
C ASP D 278 -33.00 -0.57 42.53
N PHE D 279 -31.71 -0.62 42.91
CA PHE D 279 -30.98 -1.89 42.93
C PHE D 279 -31.61 -2.87 43.91
N GLN D 280 -31.75 -2.46 45.18
CA GLN D 280 -32.40 -3.31 46.17
C GLN D 280 -33.81 -3.68 45.73
N GLN D 281 -34.55 -2.73 45.17
CA GLN D 281 -35.91 -3.00 44.70
C GLN D 281 -35.91 -4.05 43.60
N TRP D 282 -35.06 -3.87 42.58
CA TRP D 282 -34.93 -4.88 41.54
C TRP D 282 -34.59 -6.24 42.13
N ALA D 283 -33.72 -6.27 43.15
CA ALA D 283 -33.28 -7.53 43.73
C ALA D 283 -34.42 -8.25 44.45
N LYS D 284 -35.15 -7.53 45.32
CA LYS D 284 -36.26 -8.14 46.04
C LYS D 284 -37.28 -8.74 45.07
N GLU D 285 -37.54 -8.05 43.95
CA GLU D 285 -38.50 -8.57 42.99
C GLU D 285 -38.05 -9.86 42.34
N ASN D 286 -36.74 -10.13 42.33
CA ASN D 286 -36.21 -11.29 41.63
C ASN D 286 -35.58 -12.29 42.59
N ASN D 287 -35.85 -12.16 43.89
CA ASN D 287 -35.36 -13.10 44.90
C ASN D 287 -33.84 -13.21 44.84
N ILE D 288 -33.18 -12.06 44.82
CA ILE D 288 -31.74 -11.97 44.72
C ILE D 288 -31.23 -11.19 45.93
N GLU D 289 -30.28 -11.78 46.65
CA GLU D 289 -29.63 -11.13 47.76
C GLU D 289 -28.45 -10.29 47.26
N LEU D 290 -28.36 -9.05 47.73
CA LEU D 290 -27.23 -8.18 47.43
C LEU D 290 -26.23 -8.20 48.58
N VAL D 291 -24.95 -8.14 48.25
CA VAL D 291 -23.87 -8.09 49.24
C VAL D 291 -23.07 -6.82 48.99
N ASP D 292 -23.21 -5.85 49.89
CA ASP D 292 -22.52 -4.56 49.78
C ASP D 292 -21.19 -4.67 50.52
N ILE D 293 -20.09 -4.76 49.76
CA ILE D 293 -18.77 -4.83 50.36
C ILE D 293 -18.50 -3.62 51.24
N ASP D 294 -19.15 -2.50 50.97
CA ASP D 294 -19.00 -1.33 51.82
C ASP D 294 -19.81 -1.43 53.11
N SER D 295 -20.59 -2.50 53.30
CA SER D 295 -21.42 -2.67 54.47
C SER D 295 -20.94 -3.80 55.38
N ILE D 296 -19.72 -4.31 55.15
CA ILE D 296 -19.19 -5.44 55.92
C ILE D 296 -18.16 -4.90 56.90
N ASP D 297 -18.35 -5.21 58.19
CA ASP D 297 -17.40 -4.83 59.22
C ASP D 297 -16.04 -5.50 59.04
N LEU D 298 -15.03 -4.72 58.65
CA LEU D 298 -13.71 -5.26 58.36
C LEU D 298 -12.91 -5.65 59.60
N LYS D 299 -13.33 -5.24 60.80
CA LYS D 299 -12.70 -5.74 62.01
C LYS D 299 -13.26 -7.09 62.44
N SER D 300 -14.37 -7.52 61.84
CA SER D 300 -15.01 -8.80 62.13
C SER D 300 -14.49 -9.93 61.26
N VAL D 301 -13.66 -9.65 60.26
CA VAL D 301 -13.31 -10.61 59.24
C VAL D 301 -11.83 -10.93 59.39
N SER D 302 -11.40 -11.99 58.71
CA SER D 302 -10.00 -12.40 58.78
C SER D 302 -9.09 -11.30 58.26
N GLU D 303 -7.87 -11.26 58.79
CA GLU D 303 -6.87 -10.28 58.35
C GLU D 303 -6.78 -10.24 56.84
N THR D 304 -6.80 -11.41 56.19
CA THR D 304 -6.66 -11.47 54.74
C THR D 304 -7.94 -11.03 54.03
N ASP D 305 -9.11 -11.30 54.61
CA ASP D 305 -10.35 -10.78 54.05
C ASP D 305 -10.35 -9.26 54.05
N ALA D 306 -9.96 -8.65 55.17
CA ALA D 306 -9.83 -7.20 55.25
C ALA D 306 -8.90 -6.66 54.17
N GLN D 307 -7.78 -7.33 53.93
CA GLN D 307 -6.83 -6.85 52.92
C GLN D 307 -7.43 -6.85 51.53
N LEU D 308 -7.93 -8.01 51.09
CA LEU D 308 -8.57 -8.11 49.77
C LEU D 308 -9.69 -7.09 49.63
N LEU D 309 -10.60 -7.05 50.60
CA LEU D 309 -11.74 -6.14 50.55
C LEU D 309 -11.29 -4.68 50.46
N ASN D 310 -10.34 -4.29 51.31
CA ASN D 310 -9.81 -2.94 51.23
C ASN D 310 -9.19 -2.68 49.87
N LEU D 311 -8.35 -3.61 49.41
CA LEU D 311 -7.74 -3.49 48.07
C LEU D 311 -8.81 -3.29 47.01
N ALA D 312 -9.92 -4.02 47.11
CA ALA D 312 -11.01 -3.85 46.16
C ALA D 312 -11.63 -2.46 46.25
N LYS D 313 -11.82 -1.97 47.48
CA LYS D 313 -12.33 -0.62 47.67
C LYS D 313 -11.37 0.42 47.10
N ASP D 314 -10.06 0.23 47.31
CA ASP D 314 -9.09 1.19 46.78
C ASP D 314 -9.14 1.22 45.25
N GLU D 315 -9.28 0.05 44.62
CA GLU D 315 -9.48 -0.01 43.18
C GLU D 315 -10.73 0.77 42.78
N LEU D 316 -11.86 0.49 43.42
CA LEU D 316 -13.09 1.18 43.07
C LEU D 316 -13.00 2.68 43.35
N GLY D 317 -12.28 3.07 44.40
CA GLY D 317 -12.08 4.49 44.66
C GLY D 317 -11.22 5.16 43.60
N ALA D 318 -10.14 4.49 43.19
CA ALA D 318 -9.31 5.05 42.13
C ALA D 318 -10.06 5.09 40.79
N MET D 319 -10.95 4.13 40.55
CA MET D 319 -11.79 4.17 39.36
C MET D 319 -12.67 5.42 39.36
N ARG D 320 -13.36 5.67 40.48
CA ARG D 320 -14.26 6.83 40.56
C ARG D 320 -13.50 8.13 40.32
N LYS D 321 -12.32 8.27 40.89
CA LYS D 321 -11.51 9.48 40.72
C LYS D 321 -10.72 9.49 39.42
N GLY D 322 -10.96 8.54 38.53
CA GLY D 322 -10.14 8.33 37.35
C GLY D 322 -8.65 8.39 37.60
N LYS D 323 -8.16 7.56 38.51
CA LYS D 323 -6.75 7.50 38.85
C LYS D 323 -6.24 6.08 38.78
N GLY D 324 -6.71 5.31 37.79
CA GLY D 324 -6.18 4.00 37.50
C GLY D 324 -6.95 2.81 38.03
N GLY D 325 -7.93 3.03 38.91
CA GLY D 325 -8.71 1.93 39.43
C GLY D 325 -9.48 1.20 38.35
N ASN D 326 -9.87 -0.05 38.67
CA ASN D 326 -10.55 -0.88 37.68
C ASN D 326 -11.56 -1.82 38.33
N PRO D 327 -12.82 -1.81 37.88
CA PRO D 327 -13.83 -2.67 38.50
C PRO D 327 -13.61 -4.16 38.26
N ALA D 328 -13.06 -4.54 37.10
CA ALA D 328 -12.74 -5.95 36.87
C ALA D 328 -11.71 -6.46 37.87
N ALA D 329 -10.75 -5.60 38.24
CA ALA D 329 -9.78 -5.97 39.26
C ALA D 329 -10.46 -6.19 40.61
N ALA D 330 -11.37 -5.29 40.98
CA ALA D 330 -12.08 -5.45 42.25
C ALA D 330 -12.95 -6.70 42.24
N SER D 331 -13.58 -6.99 41.10
CA SER D 331 -14.31 -8.26 40.97
C SER D 331 -13.38 -9.45 41.16
N ASP D 332 -12.16 -9.37 40.63
CA ASP D 332 -11.18 -10.44 40.85
C ASP D 332 -10.91 -10.63 42.33
N LEU D 333 -10.84 -9.53 43.08
CA LEU D 333 -10.43 -9.60 44.49
C LEU D 333 -11.52 -10.22 45.36
N VAL D 334 -12.76 -9.76 45.20
CA VAL D 334 -13.80 -10.10 46.16
C VAL D 334 -14.22 -11.57 46.08
N ARG D 335 -13.94 -12.26 44.97
CA ARG D 335 -14.32 -13.66 44.85
C ARG D 335 -13.62 -14.55 45.86
N TRP D 336 -12.46 -14.13 46.36
CA TRP D 336 -11.67 -14.94 47.27
C TRP D 336 -11.93 -14.62 48.73
N VAL D 337 -12.88 -13.74 49.00
CA VAL D 337 -13.14 -13.28 50.36
C VAL D 337 -13.98 -14.32 51.09
N ASP D 338 -13.50 -14.75 52.26
CA ASP D 338 -14.16 -15.81 53.01
C ASP D 338 -15.58 -15.41 53.39
N VAL D 339 -15.76 -14.20 53.92
CA VAL D 339 -17.08 -13.79 54.42
C VAL D 339 -18.08 -13.68 53.28
N ILE D 340 -17.63 -13.39 52.06
CA ILE D 340 -18.56 -13.27 50.94
C ILE D 340 -18.94 -14.65 50.42
N ILE D 341 -17.97 -15.56 50.36
CA ILE D 341 -18.26 -16.95 49.96
C ILE D 341 -19.28 -17.57 50.90
N GLY D 342 -19.11 -17.39 52.20
CA GLY D 342 -20.01 -17.97 53.17
C GLY D 342 -19.79 -19.47 53.33
N GLU D 343 -20.89 -20.17 53.62
CA GLU D 343 -20.77 -21.57 54.02
C GLU D 343 -20.34 -22.46 52.85
N SER D 344 -20.90 -22.24 51.67
CA SER D 344 -20.52 -22.96 50.46
C SER D 344 -21.23 -22.39 49.25
N SER D 345 -20.47 -22.03 48.22
CA SER D 345 -20.99 -21.22 47.14
C SER D 345 -20.16 -21.48 45.89
N THR D 346 -20.71 -21.10 44.74
CA THR D 346 -19.98 -21.11 43.49
C THR D 346 -20.03 -19.71 42.89
N TYR D 347 -18.87 -19.10 42.72
CA TYR D 347 -18.80 -17.88 41.93
C TYR D 347 -18.97 -18.23 40.46
N ILE D 348 -19.80 -17.46 39.76
CA ILE D 348 -19.92 -17.54 38.31
C ILE D 348 -19.78 -16.13 37.74
N ASP D 349 -19.21 -16.04 36.55
CA ASP D 349 -19.36 -14.84 35.75
C ASP D 349 -20.83 -14.61 35.43
N ILE D 350 -21.22 -13.33 35.46
CA ILE D 350 -22.61 -12.92 35.36
C ILE D 350 -23.26 -13.36 34.05
N ASP D 351 -22.48 -13.78 33.06
CA ASP D 351 -22.99 -14.13 31.74
C ASP D 351 -22.87 -15.62 31.41
N LEU D 352 -22.78 -16.47 32.42
CA LEU D 352 -22.65 -17.90 32.09
C LEU D 352 -24.03 -18.52 31.89
N PRO D 353 -24.22 -19.31 30.84
CA PRO D 353 -25.51 -19.98 30.66
C PRO D 353 -25.73 -21.09 31.68
N MET D 354 -26.97 -21.19 32.15
CA MET D 354 -27.36 -22.31 32.99
C MET D 354 -27.58 -23.55 32.15
N ASN D 355 -27.27 -24.71 32.72
CA ASN D 355 -27.44 -25.94 31.98
C ASN D 355 -28.89 -26.37 31.97
N ASP D 356 -29.25 -27.21 30.99
CA ASP D 356 -30.56 -27.81 30.97
C ASP D 356 -30.77 -28.72 32.18
N LYS D 357 -29.89 -29.70 32.35
CA LYS D 357 -29.98 -30.64 33.46
C LYS D 357 -29.12 -30.17 34.62
N LYS D 358 -29.72 -30.07 35.80
CA LYS D 358 -29.02 -29.68 37.03
C LYS D 358 -28.32 -30.89 37.65
N VAL D 359 -27.26 -30.61 38.41
CA VAL D 359 -26.58 -31.66 39.16
C VAL D 359 -27.18 -31.74 40.56
N THR D 360 -26.87 -32.82 41.28
CA THR D 360 -27.34 -33.00 42.64
C THR D 360 -26.97 -31.79 43.50
N VAL D 361 -27.86 -31.46 44.44
CA VAL D 361 -27.70 -30.23 45.22
C VAL D 361 -26.40 -30.26 46.01
N GLU D 362 -25.95 -31.43 46.42
CA GLU D 362 -24.62 -31.65 46.98
C GLU D 362 -23.81 -32.50 46.01
N VAL D 363 -22.58 -32.07 45.73
CA VAL D 363 -21.61 -32.89 45.01
C VAL D 363 -20.32 -32.94 45.82
N HIS D 364 -19.43 -33.84 45.43
CA HIS D 364 -18.15 -34.02 46.10
C HIS D 364 -17.03 -34.03 45.08
N SER D 365 -15.87 -33.52 45.48
CA SER D 365 -14.66 -33.66 44.69
C SER D 365 -13.47 -33.80 45.62
N GLY D 366 -12.26 -33.78 45.04
CA GLY D 366 -11.05 -34.00 45.81
C GLY D 366 -10.22 -32.77 46.08
N PHE D 367 -10.81 -31.57 45.95
CA PHE D 367 -10.13 -30.34 46.31
C PHE D 367 -11.18 -29.33 46.74
N PRO D 368 -10.90 -28.52 47.77
CA PRO D 368 -11.93 -27.63 48.32
C PRO D 368 -12.20 -26.38 47.50
N VAL D 369 -11.43 -26.12 46.44
CA VAL D 369 -11.65 -24.94 45.61
C VAL D 369 -11.50 -25.40 44.16
N LEU D 370 -12.59 -25.32 43.40
CA LEU D 370 -12.63 -25.84 42.03
C LEU D 370 -12.62 -24.66 41.08
N LEU D 371 -11.50 -24.44 40.41
CA LEU D 371 -11.46 -23.50 39.32
C LEU D 371 -12.05 -24.13 38.07
N ASN D 372 -12.37 -23.29 37.09
CA ASN D 372 -12.73 -23.79 35.77
C ASN D 372 -11.44 -24.18 35.04
N MET D 373 -11.44 -25.39 34.47
CA MET D 373 -10.20 -25.89 33.89
C MET D 373 -10.51 -26.62 32.58
N GLY D 374 -9.55 -26.58 31.68
CA GLY D 374 -9.57 -27.43 30.50
C GLY D 374 -8.18 -27.55 29.92
N SER D 375 -8.13 -28.01 28.66
CA SER D 375 -6.85 -28.22 28.01
C SER D 375 -7.02 -28.11 26.50
N ALA D 376 -5.97 -27.60 25.84
CA ALA D 376 -5.87 -27.58 24.40
C ALA D 376 -4.84 -28.60 23.93
N LEU D 377 -5.18 -29.36 22.89
CA LEU D 377 -4.28 -30.37 22.34
C LEU D 377 -3.69 -29.87 21.01
N THR D 378 -2.37 -29.91 20.90
CA THR D 378 -1.69 -29.77 19.61
C THR D 378 -1.15 -31.14 19.21
N LYS D 379 -1.60 -31.65 18.07
CA LYS D 379 -1.10 -32.90 17.55
C LYS D 379 0.42 -32.87 17.39
N ASP D 380 1.07 -33.98 17.71
CA ASP D 380 2.51 -34.13 17.54
C ASP D 380 2.83 -35.29 16.59
N GLY D 381 2.03 -35.46 15.55
CA GLY D 381 2.35 -36.36 14.47
C GLY D 381 2.37 -37.82 14.86
N GLN D 382 3.57 -38.42 14.84
CA GLN D 382 3.72 -39.84 15.17
C GLN D 382 3.59 -40.10 16.66
N GLN D 383 3.57 -39.06 17.49
CA GLN D 383 3.57 -39.16 18.93
C GLN D 383 2.30 -38.54 19.50
N PRO D 384 1.91 -38.91 20.72
CA PRO D 384 0.62 -38.43 21.24
C PRO D 384 0.65 -36.93 21.51
N ALA D 385 -0.54 -36.34 21.49
CA ALA D 385 -0.69 -34.89 21.42
C ALA D 385 -0.23 -34.22 22.71
N MET D 386 0.41 -33.06 22.55
CA MET D 386 0.69 -32.20 23.69
C MET D 386 -0.62 -31.67 24.25
N GLU D 387 -0.66 -31.51 25.58
CA GLU D 387 -1.86 -31.06 26.27
C GLU D 387 -1.50 -29.87 27.13
N ASN D 388 -2.15 -28.73 26.89
CA ASN D 388 -1.84 -27.51 27.62
C ASN D 388 -3.03 -27.13 28.49
N PRO D 389 -2.88 -27.15 29.82
CA PRO D 389 -4.03 -26.87 30.68
C PRO D 389 -4.40 -25.41 30.65
N ALA D 390 -5.71 -25.16 30.72
CA ALA D 390 -6.24 -23.81 30.87
C ALA D 390 -6.91 -23.68 32.22
N PHE D 391 -6.61 -22.60 32.93
CA PHE D 391 -7.21 -22.31 34.22
C PHE D 391 -7.99 -21.00 34.10
N ASN D 392 -9.14 -20.94 34.75
CA ASN D 392 -9.95 -19.73 34.69
C ASN D 392 -10.70 -19.55 36.01
N THR D 393 -11.04 -18.29 36.28
CA THR D 393 -11.81 -17.93 37.47
C THR D 393 -13.21 -17.44 37.12
N ASP D 394 -13.67 -17.65 35.89
CA ASP D 394 -15.06 -17.33 35.57
C ASP D 394 -16.03 -18.25 36.29
N MET D 395 -15.54 -19.34 36.87
CA MET D 395 -16.35 -20.31 37.60
C MET D 395 -15.49 -20.87 38.71
N ILE D 396 -15.84 -20.58 39.96
CA ILE D 396 -15.10 -21.07 41.11
C ILE D 396 -16.08 -21.68 42.10
N ALA D 397 -15.89 -22.96 42.42
CA ALA D 397 -16.71 -23.65 43.41
C ALA D 397 -15.93 -23.75 44.71
N TYR D 398 -16.59 -23.40 45.82
CA TYR D 398 -15.96 -23.37 47.13
C TYR D 398 -16.61 -24.40 48.05
N SER D 399 -15.78 -25.18 48.74
CA SER D 399 -16.24 -26.30 49.55
C SER D 399 -16.91 -25.87 50.86
N LYS D 400 -17.72 -26.75 51.44
CA LYS D 400 -18.36 -26.46 52.76
C LYS D 400 -17.36 -26.71 53.90
N ASP D 401 -16.25 -27.39 53.63
CA ASP D 401 -15.19 -27.68 54.62
C ASP D 401 -14.77 -26.43 55.37
N LYS D 402 -14.60 -25.31 54.68
CA LYS D 402 -14.26 -24.03 55.35
C LYS D 402 -12.81 -24.00 55.86
N GLU D 403 -12.33 -25.05 56.52
CA GLU D 403 -10.95 -25.01 57.09
C GLU D 403 -9.92 -25.35 56.02
N ALA D 404 -10.22 -26.32 55.17
CA ALA D 404 -9.35 -26.65 54.02
C ALA D 404 -9.44 -25.56 52.96
N ARG D 405 -10.64 -25.02 52.76
CA ARG D 405 -10.86 -23.98 51.73
C ARG D 405 -10.11 -22.71 52.14
N ARG D 406 -10.04 -22.41 53.43
CA ARG D 406 -9.35 -21.19 53.94
C ARG D 406 -7.86 -21.26 53.63
N GLN D 407 -7.29 -22.45 53.59
CA GLN D 407 -5.86 -22.61 53.27
C GLN D 407 -5.62 -22.17 51.83
N ILE D 408 -6.53 -22.56 50.94
CA ILE D 408 -6.34 -22.24 49.50
C ILE D 408 -6.66 -20.77 49.23
N ILE D 409 -7.73 -20.24 49.81
CA ILE D 409 -8.18 -18.87 49.48
C ILE D 409 -7.24 -17.83 50.09
N GLU D 410 -6.51 -18.19 51.14
CA GLU D 410 -5.61 -17.25 51.83
C GLU D 410 -4.28 -17.33 51.13
N GLY D 411 -3.96 -18.49 50.59
CA GLY D 411 -2.73 -18.63 49.81
C GLY D 411 -2.83 -17.84 48.55
N VAL D 412 -3.98 -17.93 47.88
CA VAL D 412 -4.21 -17.17 46.64
C VAL D 412 -4.17 -15.68 47.01
N ALA D 413 -4.83 -15.31 48.10
CA ALA D 413 -4.91 -13.89 48.51
C ALA D 413 -3.55 -13.31 48.80
N LYS D 414 -2.77 -13.96 49.66
CA LYS D 414 -1.44 -13.46 50.02
C LYS D 414 -0.58 -13.33 48.78
N LYS D 415 -0.71 -14.25 47.83
CA LYS D 415 0.03 -14.18 46.55
C LYS D 415 -0.43 -12.99 45.69
N ILE D 416 -1.72 -12.67 45.63
CA ILE D 416 -2.24 -11.49 44.89
C ILE D 416 -1.82 -10.21 45.62
N ILE D 417 -1.91 -10.20 46.95
CA ILE D 417 -1.48 -9.02 47.71
C ILE D 417 0.00 -8.78 47.50
N ALA D 418 0.79 -9.86 47.47
CA ALA D 418 2.22 -9.75 47.19
C ALA D 418 2.47 -8.99 45.89
N ARG D 419 1.66 -9.25 44.86
CA ARG D 419 1.87 -8.60 43.57
C ARG D 419 1.44 -7.13 43.62
N TYR D 420 0.39 -6.82 44.36
CA TYR D 420 -0.02 -5.43 44.51
C TYR D 420 1.05 -4.63 45.26
N GLU D 421 1.74 -5.26 46.21
CA GLU D 421 2.72 -4.59 47.05
C GLU D 421 4.10 -4.51 46.43
N ASN D 422 4.35 -5.21 45.32
CA ASN D 422 5.66 -5.20 44.65
C ASN D 422 5.43 -5.21 43.13
N CYS D 423 4.67 -4.22 42.65
CA CYS D 423 4.32 -4.13 41.23
C CYS D 423 5.54 -4.18 40.32
N ALA D 424 6.51 -3.30 40.58
CA ALA D 424 7.71 -3.24 39.74
C ALA D 424 8.36 -4.61 39.62
N LYS D 425 8.47 -5.33 40.73
CA LYS D 425 9.10 -6.65 40.73
C LYS D 425 8.35 -7.63 39.83
N TYR D 426 7.03 -7.71 39.98
CA TYR D 426 6.27 -8.70 39.22
C TYR D 426 6.21 -8.36 37.74
N ILE D 427 6.27 -7.08 37.38
CA ILE D 427 6.33 -6.72 35.98
C ILE D 427 7.71 -7.06 35.41
N GLU D 428 8.76 -6.85 36.20
CA GLU D 428 10.10 -7.27 35.79
C GLU D 428 10.17 -8.77 35.53
N GLU D 429 9.49 -9.56 36.35
CA GLU D 429 9.64 -11.01 36.32
C GLU D 429 8.59 -11.71 35.48
N SER D 430 7.56 -11.00 35.02
CA SER D 430 6.52 -11.64 34.25
C SER D 430 6.89 -12.05 32.83
N LYS D 431 6.53 -13.26 32.48
CA LYS D 431 6.83 -13.78 31.15
C LYS D 431 5.75 -13.34 30.17
N ASN D 432 4.75 -12.62 30.65
CA ASN D 432 3.77 -12.03 29.76
C ASN D 432 4.46 -11.03 28.85
N GLU D 433 4.37 -11.34 27.57
CA GLU D 433 5.15 -10.73 26.51
C GLU D 433 4.89 -9.23 26.47
N GLU D 434 3.59 -8.88 26.54
CA GLU D 434 3.14 -7.51 26.52
C GLU D 434 3.61 -6.76 27.75
N LEU D 435 3.78 -7.46 28.88
CA LEU D 435 4.39 -6.86 30.04
C LEU D 435 5.89 -6.67 29.83
N VAL D 436 6.51 -7.51 28.98
CA VAL D 436 7.91 -7.31 28.64
C VAL D 436 8.05 -6.13 27.69
N ARG D 437 7.12 -6.00 26.73
CA ARG D 437 7.04 -4.79 25.91
C ARG D 437 6.91 -3.55 26.77
N LEU D 438 6.01 -3.59 27.75
CA LEU D 438 5.83 -2.45 28.64
C LEU D 438 7.10 -2.19 29.44
N LYS D 439 7.70 -3.26 29.98
CA LYS D 439 8.88 -3.12 30.82
C LYS D 439 10.01 -2.38 30.13
N ASN D 440 10.11 -2.50 28.81
CA ASN D 440 11.21 -1.91 28.05
C ASN D 440 10.84 -0.59 27.39
N SER D 441 9.61 -0.14 27.53
CA SER D 441 9.21 1.16 26.97
C SER D 441 9.94 2.30 27.68
N PRO D 442 10.32 3.35 26.96
CA PRO D 442 10.89 4.54 27.63
C PRO D 442 9.97 5.10 28.70
N GLY D 443 8.66 5.10 28.45
CA GLY D 443 7.72 5.63 29.42
C GLY D 443 7.77 4.89 30.75
N TYR D 444 7.80 3.57 30.71
CA TYR D 444 7.90 2.80 31.94
C TYR D 444 9.20 3.09 32.68
N LYS D 445 10.33 3.10 31.95
CA LYS D 445 11.62 3.33 32.61
C LYS D 445 11.67 4.71 33.26
N LEU D 446 11.13 5.72 32.58
CA LEU D 446 11.06 7.05 33.17
C LEU D 446 10.07 7.08 34.33
N PHE D 447 8.98 6.31 34.21
CA PHE D 447 7.98 6.22 35.28
C PHE D 447 8.59 5.64 36.56
N VAL D 448 9.45 4.63 36.41
CA VAL D 448 10.06 3.96 37.60
C VAL D 448 11.18 4.80 38.20
N GLU D 449 11.55 5.88 37.54
CA GLU D 449 12.61 6.77 38.06
C GLU D 449 11.95 7.98 38.71
N LYS D 450 10.73 8.33 38.32
CA LYS D 450 9.98 9.42 39.00
C LYS D 450 9.61 8.82 40.35
N THR D 451 8.92 7.68 40.37
CA THR D 451 8.80 6.93 41.61
C THR D 451 10.16 6.32 41.91
N ASP D 452 10.29 5.61 43.01
CA ASP D 452 11.57 4.96 43.30
C ASP D 452 11.48 3.47 43.04
N GLY D 453 10.77 3.09 41.97
CA GLY D 453 10.33 1.73 41.80
C GLY D 453 9.19 1.37 42.73
N LYS D 454 8.65 2.35 43.45
CA LYS D 454 7.63 2.15 44.48
C LYS D 454 6.36 2.82 43.97
N PHE D 455 5.41 2.02 43.50
CA PHE D 455 4.17 2.60 42.99
C PHE D 455 3.02 1.62 43.16
N ASP D 456 1.83 2.16 43.39
CA ASP D 456 0.60 1.39 43.27
C ASP D 456 0.38 0.93 41.83
N LEU D 457 -0.26 -0.23 41.69
CA LEU D 457 -0.75 -0.68 40.40
C LEU D 457 -1.67 0.36 39.74
N CYS D 458 -2.44 1.10 40.54
CA CYS D 458 -3.36 2.07 39.97
C CYS D 458 -2.62 3.24 39.35
N THR D 459 -1.59 3.76 40.04
CA THR D 459 -0.76 4.81 39.46
C THR D 459 -0.21 4.36 38.10
N LEU D 460 0.24 3.11 38.01
CA LEU D 460 0.76 2.59 36.76
C LEU D 460 -0.31 2.54 35.67
N ARG D 461 -1.46 1.94 35.98
CA ARG D 461 -2.57 1.91 35.04
C ARG D 461 -2.89 3.31 34.52
N ALA D 462 -3.00 4.28 35.43
CA ALA D 462 -3.26 5.64 35.01
C ALA D 462 -2.19 6.13 34.02
N ALA D 463 -0.91 5.84 34.30
CA ALA D 463 0.16 6.27 33.41
C ALA D 463 0.03 5.63 32.03
N VAL D 464 -0.24 4.33 32.00
CA VAL D 464 -0.45 3.67 30.72
C VAL D 464 -1.70 4.23 30.03
N SER D 465 -2.67 4.71 30.81
CA SER D 465 -3.84 5.35 30.23
C SER D 465 -3.48 6.67 29.58
N GLU D 466 -2.61 7.45 30.23
CA GLU D 466 -2.18 8.73 29.68
C GLU D 466 -1.41 8.58 28.38
N ALA D 467 -0.78 7.44 28.19
CA ALA D 467 0.05 7.28 26.99
C ALA D 467 -0.86 7.30 25.76
N HIS D 468 -2.10 6.83 25.87
CA HIS D 468 -2.99 6.70 24.69
C HIS D 468 -3.97 7.86 24.57
N GLN D 469 -3.66 8.99 25.19
CA GLN D 469 -4.53 10.16 25.03
C GLN D 469 -4.22 10.80 23.69
N ASP D 470 -3.03 11.36 23.53
CA ASP D 470 -2.67 12.08 22.28
C ASP D 470 -1.44 11.44 21.64
N ALA D 471 -1.13 11.83 20.39
CA ALA D 471 0.01 11.26 19.67
C ALA D 471 1.33 11.53 20.39
N LEU D 472 1.53 12.75 20.90
CA LEU D 472 2.78 13.07 21.59
C LEU D 472 2.99 12.18 22.80
N SER D 473 1.94 12.01 23.62
CA SER D 473 1.99 11.06 24.72
C SER D 473 2.40 9.67 24.22
N PHE D 474 1.67 9.16 23.23
CA PHE D 474 1.94 7.81 22.73
C PHE D 474 3.36 7.68 22.20
N ALA D 475 3.84 8.70 21.48
CA ALA D 475 5.19 8.66 20.95
C ALA D 475 6.23 8.65 22.07
N THR D 476 6.07 9.53 23.06
CA THR D 476 7.07 9.64 24.13
C THR D 476 7.09 8.43 25.04
N PHE D 477 5.92 7.82 25.30
CA PHE D 477 5.85 6.72 26.26
C PHE D 477 6.37 5.41 25.66
N PHE D 478 5.90 5.05 24.46
CA PHE D 478 6.26 3.78 23.86
C PHE D 478 7.44 3.86 22.89
N GLY D 479 8.01 5.04 22.68
CA GLY D 479 9.23 5.17 21.91
C GLY D 479 8.99 5.65 20.49
N ALA D 480 10.03 6.28 19.93
CA ALA D 480 9.99 6.72 18.54
C ALA D 480 10.00 5.54 17.57
N GLU D 481 10.81 4.51 17.86
CA GLU D 481 10.91 3.36 16.98
C GLU D 481 9.54 2.72 16.75
N TYR D 482 8.80 2.50 17.84
CA TYR D 482 7.48 1.89 17.75
C TYR D 482 6.51 2.77 16.98
N PHE D 483 6.49 4.07 17.28
CA PHE D 483 5.62 5.01 16.59
C PHE D 483 5.79 4.92 15.07
N ALA D 484 7.03 5.04 14.59
CA ALA D 484 7.29 4.91 13.17
C ALA D 484 6.81 3.57 12.62
N LYS D 485 7.07 2.48 13.34
CA LYS D 485 6.74 1.16 12.81
C LYS D 485 5.23 0.92 12.77
N THR D 486 4.47 1.54 13.68
CA THR D 486 3.01 1.48 13.64
C THR D 486 2.36 2.45 12.67
N PHE D 487 2.91 3.64 12.48
CA PHE D 487 2.20 4.64 11.72
C PHE D 487 2.90 5.05 10.43
N ALA D 488 4.16 4.66 10.23
CA ALA D 488 4.84 4.97 8.99
C ALA D 488 5.84 3.87 8.66
N THR D 489 7.10 4.24 8.43
CA THR D 489 8.16 3.28 8.23
C THR D 489 9.37 3.65 9.10
N GLN D 490 10.34 2.72 9.16
CA GLN D 490 11.57 2.95 9.92
C GLN D 490 12.22 4.29 9.57
N GLU D 491 12.12 4.71 8.31
CA GLU D 491 12.81 5.92 7.86
C GLU D 491 12.37 7.19 8.59
N LEU D 492 11.23 7.16 9.27
CA LEU D 492 10.74 8.33 9.98
C LEU D 492 11.37 8.50 11.36
N ILE D 493 12.14 7.50 11.83
CA ILE D 493 12.72 7.56 13.18
C ILE D 493 13.36 8.91 13.48
N PRO D 494 14.27 9.46 12.66
CA PRO D 494 14.85 10.77 12.98
C PRO D 494 13.82 11.87 13.17
N VAL D 495 12.70 11.79 12.45
CA VAL D 495 11.69 12.84 12.53
C VAL D 495 10.81 12.67 13.76
N ILE D 496 10.49 11.42 14.12
CA ILE D 496 9.71 11.18 15.33
C ILE D 496 10.53 11.52 16.57
N LYS D 497 11.84 11.28 16.52
CA LYS D 497 12.70 11.59 17.66
C LYS D 497 12.77 13.09 17.93
N GLU D 498 12.94 13.89 16.87
CA GLU D 498 12.98 15.33 17.06
C GLU D 498 11.61 15.91 17.37
N ALA D 499 10.54 15.19 17.05
CA ALA D 499 9.20 15.67 17.36
C ALA D 499 8.86 15.43 18.82
N ILE D 500 9.31 14.29 19.38
CA ILE D 500 9.17 14.06 20.81
C ILE D 500 9.94 15.11 21.60
N GLN D 501 11.17 15.42 21.17
CA GLN D 501 11.93 16.45 21.88
C GLN D 501 11.50 17.88 21.68
N HIS D 502 10.78 18.19 20.62
CA HIS D 502 10.31 19.55 20.49
C HIS D 502 8.85 19.69 20.87
N GLN D 503 8.25 18.65 21.47
CA GLN D 503 6.83 18.63 21.81
C GLN D 503 5.99 18.97 20.59
N ASN D 504 6.41 18.47 19.44
CA ASN D 504 5.68 18.69 18.17
C ASN D 504 4.46 17.78 18.14
N GLN D 505 3.42 18.20 18.87
CA GLN D 505 2.14 17.49 18.84
C GLN D 505 1.57 17.44 17.42
N ASP D 506 1.67 18.56 16.68
CA ASP D 506 1.01 18.65 15.38
C ASP D 506 1.65 17.71 14.37
N LEU D 507 2.98 17.65 14.32
CA LEU D 507 3.65 16.69 13.43
C LEU D 507 3.21 15.27 13.72
N LEU D 508 3.14 14.89 14.99
CA LEU D 508 2.86 13.50 15.34
C LEU D 508 1.39 13.16 15.08
N THR D 509 0.49 14.10 15.31
CA THR D 509 -0.90 13.91 14.90
C THR D 509 -1.00 13.78 13.39
N SER D 510 -0.30 14.65 12.66
CA SER D 510 -0.29 14.60 11.20
C SER D 510 0.21 13.25 10.69
N VAL D 511 1.25 12.70 11.32
CA VAL D 511 1.79 11.43 10.82
C VAL D 511 0.77 10.31 10.99
N ILE D 512 0.00 10.34 12.08
CA ILE D 512 -1.02 9.30 12.28
C ILE D 512 -2.17 9.50 11.31
N GLU D 513 -2.65 10.74 11.19
CA GLU D 513 -3.60 11.08 10.15
C GLU D 513 -3.12 10.59 8.79
N ASN D 514 -1.84 10.82 8.48
CA ASN D 514 -1.27 10.29 7.24
C ASN D 514 -1.38 8.77 7.19
N HIS D 515 -1.26 8.10 8.33
CA HIS D 515 -1.41 6.65 8.37
C HIS D 515 -2.84 6.22 8.13
N ILE D 516 -3.80 6.92 8.76
CA ILE D 516 -5.22 6.55 8.67
C ILE D 516 -5.67 6.36 7.23
N GLU D 517 -5.33 7.30 6.35
CA GLU D 517 -5.79 7.21 4.96
C GLU D 517 -4.83 6.39 4.10
N LYS D 518 -3.53 6.40 4.40
CA LYS D 518 -2.59 5.61 3.61
C LYS D 518 -2.86 4.13 3.77
N GLN D 519 -3.49 3.72 4.88
CA GLN D 519 -3.90 2.35 5.08
C GLN D 519 -5.42 2.24 5.12
N HIS D 520 -6.12 3.32 4.78
CA HIS D 520 -7.56 3.34 4.50
C HIS D 520 -8.38 2.79 5.66
N LEU D 521 -8.10 3.29 6.86
CA LEU D 521 -8.82 2.85 8.06
C LEU D 521 -9.96 3.83 8.29
N ASN D 522 -11.08 3.63 7.58
CA ASN D 522 -12.08 4.69 7.67
C ASN D 522 -13.09 4.50 8.80
N ASP D 523 -12.82 3.58 9.74
CA ASP D 523 -13.54 3.61 11.00
C ASP D 523 -12.92 4.59 11.99
N TYR D 524 -11.89 5.33 11.59
CA TYR D 524 -11.17 6.25 12.46
C TYR D 524 -11.04 7.61 11.76
N PRO D 525 -11.79 8.63 12.19
CA PRO D 525 -11.70 9.93 11.52
C PRO D 525 -10.35 10.60 11.72
N LYS D 526 -10.00 11.46 10.78
CA LYS D 526 -8.74 12.21 10.84
C LYS D 526 -8.79 13.40 11.78
N THR D 527 -9.84 13.52 12.60
CA THR D 527 -9.84 14.52 13.66
C THR D 527 -8.88 14.10 14.77
N PRO D 528 -8.29 15.06 15.48
CA PRO D 528 -7.56 14.73 16.72
C PRO D 528 -8.36 13.89 17.70
N ASP D 529 -9.69 13.96 17.69
CA ASP D 529 -10.46 13.02 18.49
C ASP D 529 -10.41 11.62 17.89
N GLY D 530 -10.49 11.52 16.55
CA GLY D 530 -10.42 10.23 15.90
C GLY D 530 -9.13 9.46 16.14
N ILE D 531 -8.01 10.17 16.32
CA ILE D 531 -6.77 9.48 16.65
C ILE D 531 -6.84 8.95 18.09
N LYS D 532 -7.47 9.70 18.97
CA LYS D 532 -7.61 9.29 20.39
C LYS D 532 -8.38 7.98 20.39
N LYS D 533 -9.39 7.88 19.54
CA LYS D 533 -10.11 6.64 19.33
C LYS D 533 -9.18 5.55 18.85
N LEU D 534 -8.34 5.87 17.87
CA LEU D 534 -7.40 4.89 17.33
C LEU D 534 -6.39 4.48 18.40
N LEU D 535 -5.85 5.45 19.12
CA LEU D 535 -4.93 5.14 20.22
C LEU D 535 -5.60 4.29 21.28
N LYS D 536 -6.86 4.61 21.62
CA LYS D 536 -7.57 3.83 22.63
C LYS D 536 -7.76 2.39 22.22
N SER D 537 -7.81 2.12 20.91
CA SER D 537 -7.93 0.73 20.46
C SER D 537 -6.63 -0.03 20.68
N PHE D 538 -5.48 0.65 20.64
CA PHE D 538 -4.23 -0.03 20.95
C PHE D 538 -4.09 -0.24 22.45
N GLN D 539 -4.59 0.70 23.25
CA GLN D 539 -4.73 0.47 24.67
C GLN D 539 -5.71 -0.68 24.90
N GLY D 540 -5.42 -1.51 25.88
CA GLY D 540 -6.22 -2.69 26.10
C GLY D 540 -5.35 -3.92 26.00
N ILE D 541 -4.48 -3.94 24.99
CA ILE D 541 -3.54 -5.04 24.88
C ILE D 541 -2.32 -4.83 25.77
N VAL D 542 -2.03 -3.58 26.14
CA VAL D 542 -0.98 -3.27 27.11
C VAL D 542 -1.58 -2.96 28.48
N TYR D 543 -2.90 -2.77 28.58
CA TYR D 543 -3.59 -2.49 29.84
C TYR D 543 -4.08 -3.77 30.50
N LYS D 544 -4.64 -4.70 29.72
CA LYS D 544 -5.22 -5.93 30.26
C LYS D 544 -4.27 -6.72 31.16
N PRO D 545 -3.00 -6.94 30.80
CA PRO D 545 -2.11 -7.64 31.75
C PRO D 545 -1.93 -6.92 33.07
N LEU D 546 -2.16 -5.61 33.12
CA LEU D 546 -2.15 -4.89 34.39
C LEU D 546 -3.39 -5.17 35.22
N VAL D 547 -4.28 -6.03 34.75
CA VAL D 547 -5.36 -6.60 35.56
C VAL D 547 -5.18 -8.10 35.73
N MET D 548 -4.93 -8.82 34.63
CA MET D 548 -4.93 -10.28 34.67
C MET D 548 -3.71 -10.83 35.40
N GLU D 549 -2.54 -10.21 35.22
CA GLU D 549 -1.32 -10.75 35.80
C GLU D 549 -1.16 -10.40 37.28
N PHE D 550 -2.04 -9.59 37.85
CA PHE D 550 -2.00 -9.23 39.25
C PHE D 550 -3.13 -9.86 40.05
N SER D 551 -4.38 -9.71 39.60
CA SER D 551 -5.53 -10.20 40.33
C SER D 551 -6.37 -11.20 39.55
N GLY D 552 -6.12 -11.38 38.25
CA GLY D 552 -6.94 -12.19 37.40
C GLY D 552 -6.46 -13.62 37.25
N PRO D 553 -7.04 -14.35 36.29
CA PRO D 553 -6.76 -15.79 36.16
C PRO D 553 -5.28 -16.16 36.09
N SER D 554 -4.47 -15.43 35.32
CA SER D 554 -3.05 -15.78 35.21
C SER D 554 -2.36 -15.70 36.56
N ALA D 555 -2.58 -14.61 37.29
CA ALA D 555 -2.00 -14.46 38.62
C ALA D 555 -2.50 -15.55 39.56
N VAL D 556 -3.82 -15.77 39.59
CA VAL D 556 -4.39 -16.79 40.48
C VAL D 556 -3.87 -18.17 40.11
N SER D 557 -3.83 -18.48 38.81
CA SER D 557 -3.46 -19.82 38.35
C SER D 557 -2.03 -20.18 38.69
N SER D 558 -1.20 -19.21 39.08
CA SER D 558 0.18 -19.47 39.47
C SER D 558 0.31 -20.68 40.38
N SER D 559 -0.42 -20.68 41.51
CA SER D 559 -0.38 -21.80 42.44
C SER D 559 -0.68 -23.13 41.75
N TRP D 560 -1.62 -23.15 40.80
CA TRP D 560 -1.95 -24.38 40.11
C TRP D 560 -0.85 -24.77 39.13
N VAL D 561 -0.33 -23.81 38.37
CA VAL D 561 0.73 -24.10 37.40
C VAL D 561 1.98 -24.60 38.12
N GLU D 562 2.33 -23.99 39.25
CA GLU D 562 3.48 -24.45 40.01
C GLU D 562 3.27 -25.90 40.46
N ALA D 563 2.02 -26.25 40.79
CA ALA D 563 1.71 -27.58 41.34
C ALA D 563 1.97 -28.70 40.33
N ILE D 564 1.88 -28.42 39.03
CA ILE D 564 2.09 -29.46 38.04
C ILE D 564 3.31 -29.15 37.17
N SER D 565 4.27 -28.44 37.73
CA SER D 565 5.44 -28.00 36.99
C SER D 565 6.64 -28.89 37.28
N GLY D 566 7.73 -28.63 36.57
CA GLY D 566 8.93 -29.44 36.67
C GLY D 566 8.82 -30.84 36.12
N ARG D 567 8.12 -31.02 34.99
CA ARG D 567 7.94 -32.31 34.37
C ARG D 567 8.15 -32.15 32.86
N SER D 568 8.08 -33.26 32.14
CA SER D 568 8.03 -33.20 30.69
C SER D 568 6.64 -32.71 30.28
N ILE D 569 6.60 -31.95 29.18
CA ILE D 569 5.35 -31.39 28.66
C ILE D 569 4.25 -32.44 28.71
N PRO D 570 3.10 -32.12 29.29
CA PRO D 570 2.03 -33.13 29.41
C PRO D 570 1.59 -33.60 28.04
N ARG D 571 1.16 -34.86 27.98
CA ARG D 571 0.57 -35.39 26.77
C ARG D 571 -0.75 -36.09 27.12
N ASN D 572 -1.64 -36.14 26.13
CA ASN D 572 -2.92 -36.82 26.28
C ASN D 572 -2.77 -38.26 25.80
N PHE D 573 -2.46 -39.15 26.73
CA PHE D 573 -2.25 -40.56 26.42
C PHE D 573 -3.61 -41.26 26.47
N GLU D 574 -4.20 -41.48 25.29
CA GLU D 574 -5.55 -42.00 25.19
C GLU D 574 -5.68 -43.38 25.85
N TYR D 575 -4.66 -44.23 25.73
CA TYR D 575 -4.82 -45.66 25.99
C TYR D 575 -3.99 -46.16 27.18
N LEU D 576 -3.81 -45.33 28.20
CA LEU D 576 -3.09 -45.79 29.39
C LEU D 576 -3.97 -46.68 30.25
N ALA D 577 -3.35 -47.73 30.82
CA ALA D 577 -4.05 -48.56 31.79
C ALA D 577 -4.46 -47.74 33.01
N GLU D 578 -3.61 -46.80 33.45
CA GLU D 578 -3.81 -46.01 34.66
C GLU D 578 -3.81 -44.52 34.29
N PRO D 579 -4.93 -44.00 33.78
CA PRO D 579 -5.01 -42.56 33.52
C PRO D 579 -4.57 -41.69 34.69
N MET D 580 -4.86 -42.10 35.92
CA MET D 580 -4.64 -41.28 37.10
C MET D 580 -3.15 -41.16 37.47
N SER D 581 -2.25 -41.63 36.62
CA SER D 581 -0.83 -41.34 36.75
C SER D 581 -0.46 -40.01 36.11
N GLN D 582 -1.35 -39.44 35.30
CA GLN D 582 -1.11 -38.15 34.67
C GLN D 582 -1.75 -37.06 35.53
N PRO D 583 -0.98 -36.08 36.03
CA PRO D 583 -1.56 -35.06 36.90
C PRO D 583 -2.80 -34.38 36.32
N LEU D 584 -2.75 -34.00 35.04
CA LEU D 584 -3.89 -33.34 34.41
C LEU D 584 -5.16 -34.18 34.54
N ARG D 585 -5.04 -35.51 34.49
CA ARG D 585 -6.23 -36.35 34.64
C ARG D 585 -6.74 -36.31 36.07
N VAL D 586 -5.84 -36.17 37.04
CA VAL D 586 -6.28 -35.96 38.43
C VAL D 586 -7.01 -34.62 38.55
N LEU D 587 -6.40 -33.57 37.99
CA LEU D 587 -7.03 -32.26 37.98
C LEU D 587 -8.42 -32.30 37.34
N GLN D 588 -8.56 -33.01 36.22
CA GLN D 588 -9.82 -33.02 35.49
C GLN D 588 -10.94 -33.67 36.29
N HIS D 589 -10.61 -34.69 37.10
CA HIS D 589 -11.64 -35.47 37.78
C HIS D 589 -11.87 -35.04 39.22
N TYR D 590 -10.93 -34.33 39.85
CA TYR D 590 -11.01 -34.07 41.28
C TYR D 590 -10.73 -32.63 41.69
N ALA D 591 -10.37 -31.74 40.76
CA ALA D 591 -9.90 -30.42 41.15
C ALA D 591 -10.51 -29.28 40.33
N CYS D 592 -11.64 -29.51 39.65
CA CYS D 592 -12.21 -28.48 38.80
C CYS D 592 -13.73 -28.59 38.78
N VAL D 593 -14.37 -27.55 38.24
CA VAL D 593 -15.82 -27.42 38.29
C VAL D 593 -16.51 -28.38 37.33
N SER D 594 -15.79 -28.89 36.33
CA SER D 594 -16.34 -29.83 35.37
C SER D 594 -17.09 -30.97 36.08
N GLY D 595 -18.40 -31.06 35.82
CA GLY D 595 -19.24 -32.03 36.48
C GLY D 595 -19.78 -31.62 37.83
N LYS D 596 -19.45 -30.42 38.32
CA LYS D 596 -19.75 -30.04 39.69
C LYS D 596 -20.49 -28.70 39.77
N ALA D 597 -21.09 -28.26 38.67
CA ALA D 597 -21.75 -26.96 38.63
C ALA D 597 -22.78 -26.97 37.52
N ASN D 598 -23.77 -26.06 37.65
CA ASN D 598 -24.88 -25.99 36.72
C ASN D 598 -24.64 -24.96 35.61
N PHE D 599 -23.39 -24.69 35.29
CA PHE D 599 -23.04 -23.63 34.36
C PHE D 599 -21.83 -24.06 33.54
N SER D 600 -21.65 -23.43 32.38
CA SER D 600 -20.55 -23.74 31.49
C SER D 600 -20.04 -22.43 30.88
N SER D 601 -18.95 -22.53 30.11
CA SER D 601 -18.34 -21.33 29.58
C SER D 601 -17.51 -21.67 28.35
N ASP D 602 -17.45 -20.72 27.42
CA ASP D 602 -16.58 -20.78 26.26
C ASP D 602 -15.26 -20.05 26.48
N ASN D 603 -15.06 -19.44 27.65
CA ASN D 603 -13.90 -18.59 27.88
C ASN D 603 -12.59 -19.35 27.73
N ILE D 604 -12.62 -20.66 27.99
CA ILE D 604 -11.45 -21.52 27.87
C ILE D 604 -11.88 -22.82 27.21
N PRO D 605 -10.92 -23.54 26.62
CA PRO D 605 -11.28 -24.82 25.99
C PRO D 605 -11.86 -25.80 27.00
N LYS D 606 -12.62 -26.76 26.49
CA LYS D 606 -13.00 -27.91 27.29
C LYS D 606 -11.77 -28.78 27.55
N TRP D 607 -11.96 -29.86 28.30
CA TRP D 607 -10.86 -30.80 28.51
C TRP D 607 -10.55 -31.53 27.20
N CYS D 608 -9.25 -31.59 26.88
CA CYS D 608 -8.76 -32.35 25.74
C CYS D 608 -9.40 -31.90 24.43
N GLU D 609 -9.54 -30.58 24.29
CA GLU D 609 -10.10 -29.98 23.09
C GLU D 609 -9.02 -29.83 22.03
N LEU D 610 -9.37 -30.17 20.79
CA LEU D 610 -8.40 -30.13 19.70
C LEU D 610 -8.45 -28.79 18.97
#